data_1W7D
# 
_entry.id   1W7D 
# 
_audit_conform.dict_name       mmcif_pdbx.dic 
_audit_conform.dict_version    5.394 
_audit_conform.dict_location   http://mmcif.pdb.org/dictionaries/ascii/mmcif_pdbx.dic 
# 
loop_
_database_2.database_id 
_database_2.database_code 
_database_2.pdbx_database_accession 
_database_2.pdbx_DOI 
PDB   1W7D         pdb_00001w7d 10.2210/pdb1w7d/pdb 
PDBE  EBI-20944    ?            ?                   
WWPDB D_1290020944 ?            ?                   
BMRB  6312         ?            10.13018/BMR6312    
# 
loop_
_pdbx_audit_revision_history.ordinal 
_pdbx_audit_revision_history.data_content_type 
_pdbx_audit_revision_history.major_revision 
_pdbx_audit_revision_history.minor_revision 
_pdbx_audit_revision_history.revision_date 
1 'Structure model' 1 0 2006-03-08 
2 'Structure model' 1 1 2013-06-19 
3 'Structure model' 1 2 2014-02-05 
4 'Structure model' 1 3 2020-01-15 
5 'Structure model' 1 4 2023-06-14 
6 'Structure model' 1 5 2024-06-19 
# 
_pdbx_audit_revision_details.ordinal             1 
_pdbx_audit_revision_details.revision_ordinal    1 
_pdbx_audit_revision_details.data_content_type   'Structure model' 
_pdbx_audit_revision_details.provider            repository 
_pdbx_audit_revision_details.type                'Initial release' 
_pdbx_audit_revision_details.description         ? 
_pdbx_audit_revision_details.details             ? 
# 
loop_
_pdbx_audit_revision_group.ordinal 
_pdbx_audit_revision_group.revision_ordinal 
_pdbx_audit_revision_group.data_content_type 
_pdbx_audit_revision_group.group 
1  2 'Structure model' 'Database references'       
2  2 'Structure model' 'Derived calculations'      
3  2 'Structure model' Other                       
4  2 'Structure model' 'Refinement description'    
5  2 'Structure model' 'Source and taxonomy'       
6  2 'Structure model' 'Structure summary'         
7  2 'Structure model' 'Version format compliance' 
8  3 'Structure model' 'Database references'       
9  4 'Structure model' 'Data collection'           
10 4 'Structure model' Other                       
11 5 'Structure model' 'Database references'       
12 5 'Structure model' Other                       
13 6 'Structure model' 'Data collection'           
14 6 'Structure model' 'Database references'       
# 
loop_
_pdbx_audit_revision_category.ordinal 
_pdbx_audit_revision_category.revision_ordinal 
_pdbx_audit_revision_category.data_content_type 
_pdbx_audit_revision_category.category 
1 4 'Structure model' pdbx_database_status 
2 4 'Structure model' pdbx_nmr_software    
3 5 'Structure model' database_2           
4 5 'Structure model' pdbx_database_status 
5 6 'Structure model' chem_comp_atom       
6 6 'Structure model' chem_comp_bond       
7 6 'Structure model' database_2           
# 
loop_
_pdbx_audit_revision_item.ordinal 
_pdbx_audit_revision_item.revision_ordinal 
_pdbx_audit_revision_item.data_content_type 
_pdbx_audit_revision_item.item 
1 4 'Structure model' '_pdbx_database_status.status_code_cs'       
2 4 'Structure model' '_pdbx_database_status.status_code_mr'       
3 4 'Structure model' '_pdbx_nmr_software.name'                    
4 5 'Structure model' '_database_2.pdbx_DOI'                       
5 5 'Structure model' '_database_2.pdbx_database_accession'        
6 5 'Structure model' '_pdbx_database_status.status_code_nmr_data' 
7 6 'Structure model' '_database_2.pdbx_DOI'                       
# 
_pdbx_database_status.status_code                     REL 
_pdbx_database_status.entry_id                        1W7D 
_pdbx_database_status.deposit_site                    PDBE 
_pdbx_database_status.process_site                    PDBE 
_pdbx_database_status.SG_entry                        . 
_pdbx_database_status.recvd_initial_deposition_date   2004-09-01 
_pdbx_database_status.pdb_format_compatible           Y 
_pdbx_database_status.status_code_sf                  ? 
_pdbx_database_status.status_code_mr                  REL 
_pdbx_database_status.status_code_cs                  REL 
_pdbx_database_status.methods_development_category    ? 
_pdbx_database_status.status_code_nmr_data            REL 
# 
loop_
_pdbx_database_related.db_name 
_pdbx_database_related.db_id 
_pdbx_database_related.content_type 
_pdbx_database_related.details 
PDB  1W7E unspecified 'NMR ENSEMBLE OF FASCICLIN-LIKE PROTEIN FROM RHODOBACTER SPHAEROIDES' 
BMRB 6312 unspecified .                                                                     
# 
loop_
_audit_author.name 
_audit_author.pdbx_ordinal 
'Moody, R.'            1 
'Phillips-Jones, M.K.' 2 
'Williamson, M.P.'     3 
# 
_citation.id                        primary 
_citation.title                     
;Structure and Function of a Bacterial Fasciclin I Domain Protein Elucidates Function of Related Cell Adhesion Proteins Such as Tgfbip and Periostin.
;
_citation.journal_abbrev            'FEBS Open Bio' 
_citation.journal_volume            3 
_citation.page_first                71 
_citation.page_last                 ? 
_citation.year                      2013 
_citation.journal_id_ASTM           ? 
_citation.country                   NE 
_citation.journal_id_ISSN           2211-5463 
_citation.journal_id_CSD            ? 
_citation.book_publisher            ? 
_citation.pdbx_database_id_PubMed   23772377 
_citation.pdbx_database_id_DOI      10.1016/J.FOB.2013.01.001 
# 
loop_
_citation_author.citation_id 
_citation_author.name 
_citation_author.ordinal 
_citation_author.identifier_ORCID 
primary 'Moody, R.G.'      1 ? 
primary 'Williamson, M.P.' 2 ? 
# 
_entity.id                         1 
_entity.type                       polymer 
_entity.src_method                 man 
_entity.pdbx_description           BETA-IG-H3/FASCICLIN 
_entity.formula_weight             13848.373 
_entity.pdbx_number_of_molecules   1 
_entity.pdbx_ec                    ? 
_entity.pdbx_mutation              ? 
_entity.pdbx_fragment              ? 
_entity.details                    ? 
# 
_entity_name_com.entity_id   1 
_entity_name_com.name        'FASCICLIN-LIKE PROTEIN' 
# 
_entity_poly.entity_id                      1 
_entity_poly.type                           'polypeptide(L)' 
_entity_poly.nstd_linkage                   no 
_entity_poly.nstd_monomer                   no 
_entity_poly.pdbx_seq_one_letter_code       
;ETGDIVETATGAGSFTTLLTAAEAAGLVDTLKGDGPFTVFAPTDAAFAALPEGTVEDLLKPENKEKLTEILTYHVVPGEV
MSSDLTEGMTAETVEGGALTVTLEGGPKVNGVSISQPDVDASNGVIHVIDGVLMPGA
;
_entity_poly.pdbx_seq_one_letter_code_can   
;ETGDIVETATGAGSFTTLLTAAEAAGLVDTLKGDGPFTVFAPTDAAFAALPEGTVEDLLKPENKEKLTEILTYHVVPGEV
MSSDLTEGMTAETVEGGALTVTLEGGPKVNGVSISQPDVDASNGVIHVIDGVLMPGA
;
_entity_poly.pdbx_strand_id                 A 
_entity_poly.pdbx_target_identifier         ? 
# 
loop_
_entity_poly_seq.entity_id 
_entity_poly_seq.num 
_entity_poly_seq.mon_id 
_entity_poly_seq.hetero 
1 1   GLU n 
1 2   THR n 
1 3   GLY n 
1 4   ASP n 
1 5   ILE n 
1 6   VAL n 
1 7   GLU n 
1 8   THR n 
1 9   ALA n 
1 10  THR n 
1 11  GLY n 
1 12  ALA n 
1 13  GLY n 
1 14  SER n 
1 15  PHE n 
1 16  THR n 
1 17  THR n 
1 18  LEU n 
1 19  LEU n 
1 20  THR n 
1 21  ALA n 
1 22  ALA n 
1 23  GLU n 
1 24  ALA n 
1 25  ALA n 
1 26  GLY n 
1 27  LEU n 
1 28  VAL n 
1 29  ASP n 
1 30  THR n 
1 31  LEU n 
1 32  LYS n 
1 33  GLY n 
1 34  ASP n 
1 35  GLY n 
1 36  PRO n 
1 37  PHE n 
1 38  THR n 
1 39  VAL n 
1 40  PHE n 
1 41  ALA n 
1 42  PRO n 
1 43  THR n 
1 44  ASP n 
1 45  ALA n 
1 46  ALA n 
1 47  PHE n 
1 48  ALA n 
1 49  ALA n 
1 50  LEU n 
1 51  PRO n 
1 52  GLU n 
1 53  GLY n 
1 54  THR n 
1 55  VAL n 
1 56  GLU n 
1 57  ASP n 
1 58  LEU n 
1 59  LEU n 
1 60  LYS n 
1 61  PRO n 
1 62  GLU n 
1 63  ASN n 
1 64  LYS n 
1 65  GLU n 
1 66  LYS n 
1 67  LEU n 
1 68  THR n 
1 69  GLU n 
1 70  ILE n 
1 71  LEU n 
1 72  THR n 
1 73  TYR n 
1 74  HIS n 
1 75  VAL n 
1 76  VAL n 
1 77  PRO n 
1 78  GLY n 
1 79  GLU n 
1 80  VAL n 
1 81  MET n 
1 82  SER n 
1 83  SER n 
1 84  ASP n 
1 85  LEU n 
1 86  THR n 
1 87  GLU n 
1 88  GLY n 
1 89  MET n 
1 90  THR n 
1 91  ALA n 
1 92  GLU n 
1 93  THR n 
1 94  VAL n 
1 95  GLU n 
1 96  GLY n 
1 97  GLY n 
1 98  ALA n 
1 99  LEU n 
1 100 THR n 
1 101 VAL n 
1 102 THR n 
1 103 LEU n 
1 104 GLU n 
1 105 GLY n 
1 106 GLY n 
1 107 PRO n 
1 108 LYS n 
1 109 VAL n 
1 110 ASN n 
1 111 GLY n 
1 112 VAL n 
1 113 SER n 
1 114 ILE n 
1 115 SER n 
1 116 GLN n 
1 117 PRO n 
1 118 ASP n 
1 119 VAL n 
1 120 ASP n 
1 121 ALA n 
1 122 SER n 
1 123 ASN n 
1 124 GLY n 
1 125 VAL n 
1 126 ILE n 
1 127 HIS n 
1 128 VAL n 
1 129 ILE n 
1 130 ASP n 
1 131 GLY n 
1 132 VAL n 
1 133 LEU n 
1 134 MET n 
1 135 PRO n 
1 136 GLY n 
1 137 ALA n 
# 
_entity_src_gen.entity_id                          1 
_entity_src_gen.pdbx_src_id                        1 
_entity_src_gen.pdbx_alt_source_flag               sample 
_entity_src_gen.pdbx_seq_type                      ? 
_entity_src_gen.pdbx_beg_seq_num                   ? 
_entity_src_gen.pdbx_end_seq_num                   ? 
_entity_src_gen.gene_src_common_name               ? 
_entity_src_gen.gene_src_genus                     ? 
_entity_src_gen.pdbx_gene_src_gene                 ? 
_entity_src_gen.gene_src_species                   ? 
_entity_src_gen.gene_src_strain                    ? 
_entity_src_gen.gene_src_tissue                    ? 
_entity_src_gen.gene_src_tissue_fraction           ? 
_entity_src_gen.gene_src_details                   ? 
_entity_src_gen.pdbx_gene_src_fragment             ? 
_entity_src_gen.pdbx_gene_src_scientific_name      'RHODOBACTER SPHAEROIDES' 
_entity_src_gen.pdbx_gene_src_ncbi_taxonomy_id     1063 
_entity_src_gen.pdbx_gene_src_variant              ? 
_entity_src_gen.pdbx_gene_src_cell_line            ? 
_entity_src_gen.pdbx_gene_src_atcc                 'NCIB 8253' 
_entity_src_gen.pdbx_gene_src_organ                ? 
_entity_src_gen.pdbx_gene_src_organelle            ? 
_entity_src_gen.pdbx_gene_src_cell                 ? 
_entity_src_gen.pdbx_gene_src_cellular_location    ? 
_entity_src_gen.host_org_common_name               ? 
_entity_src_gen.pdbx_host_org_scientific_name      'ESCHERICHIA COLI' 
_entity_src_gen.pdbx_host_org_ncbi_taxonomy_id     469008 
_entity_src_gen.host_org_genus                     ? 
_entity_src_gen.pdbx_host_org_gene                 ? 
_entity_src_gen.pdbx_host_org_organ                ? 
_entity_src_gen.host_org_species                   ? 
_entity_src_gen.pdbx_host_org_tissue               ? 
_entity_src_gen.pdbx_host_org_tissue_fraction      ? 
_entity_src_gen.pdbx_host_org_strain               'BL21(DE3)' 
_entity_src_gen.pdbx_host_org_variant              ? 
_entity_src_gen.pdbx_host_org_cell_line            ? 
_entity_src_gen.pdbx_host_org_atcc                 ? 
_entity_src_gen.pdbx_host_org_culture_collection   ? 
_entity_src_gen.pdbx_host_org_cell                 ? 
_entity_src_gen.pdbx_host_org_organelle            ? 
_entity_src_gen.pdbx_host_org_cellular_location    ? 
_entity_src_gen.pdbx_host_org_vector_type          PLASMID 
_entity_src_gen.pdbx_host_org_vector               PET14B 
_entity_src_gen.host_org_details                   ? 
_entity_src_gen.expression_system_id               ? 
_entity_src_gen.plasmid_name                       ? 
_entity_src_gen.plasmid_details                    ? 
_entity_src_gen.pdbx_description                   ? 
# 
loop_
_chem_comp.id 
_chem_comp.type 
_chem_comp.mon_nstd_flag 
_chem_comp.name 
_chem_comp.pdbx_synonyms 
_chem_comp.formula 
_chem_comp.formula_weight 
ALA 'L-peptide linking' y ALANINE         ? 'C3 H7 N O2'     89.093  
ASN 'L-peptide linking' y ASPARAGINE      ? 'C4 H8 N2 O3'    132.118 
ASP 'L-peptide linking' y 'ASPARTIC ACID' ? 'C4 H7 N O4'     133.103 
GLN 'L-peptide linking' y GLUTAMINE       ? 'C5 H10 N2 O3'   146.144 
GLU 'L-peptide linking' y 'GLUTAMIC ACID' ? 'C5 H9 N O4'     147.129 
GLY 'peptide linking'   y GLYCINE         ? 'C2 H5 N O2'     75.067  
HIS 'L-peptide linking' y HISTIDINE       ? 'C6 H10 N3 O2 1' 156.162 
ILE 'L-peptide linking' y ISOLEUCINE      ? 'C6 H13 N O2'    131.173 
LEU 'L-peptide linking' y LEUCINE         ? 'C6 H13 N O2'    131.173 
LYS 'L-peptide linking' y LYSINE          ? 'C6 H15 N2 O2 1' 147.195 
MET 'L-peptide linking' y METHIONINE      ? 'C5 H11 N O2 S'  149.211 
PHE 'L-peptide linking' y PHENYLALANINE   ? 'C9 H11 N O2'    165.189 
PRO 'L-peptide linking' y PROLINE         ? 'C5 H9 N O2'     115.130 
SER 'L-peptide linking' y SERINE          ? 'C3 H7 N O3'     105.093 
THR 'L-peptide linking' y THREONINE       ? 'C4 H9 N O3'     119.119 
TYR 'L-peptide linking' y TYROSINE        ? 'C9 H11 N O3'    181.189 
VAL 'L-peptide linking' y VALINE          ? 'C5 H11 N O2'    117.146 
# 
loop_
_pdbx_poly_seq_scheme.asym_id 
_pdbx_poly_seq_scheme.entity_id 
_pdbx_poly_seq_scheme.seq_id 
_pdbx_poly_seq_scheme.mon_id 
_pdbx_poly_seq_scheme.ndb_seq_num 
_pdbx_poly_seq_scheme.pdb_seq_num 
_pdbx_poly_seq_scheme.auth_seq_num 
_pdbx_poly_seq_scheme.pdb_mon_id 
_pdbx_poly_seq_scheme.auth_mon_id 
_pdbx_poly_seq_scheme.pdb_strand_id 
_pdbx_poly_seq_scheme.pdb_ins_code 
_pdbx_poly_seq_scheme.hetero 
A 1 1   GLU 1   21  21  GLU GLU A . n 
A 1 2   THR 2   22  22  THR THR A . n 
A 1 3   GLY 3   23  23  GLY GLY A . n 
A 1 4   ASP 4   24  24  ASP ASP A . n 
A 1 5   ILE 5   25  25  ILE ILE A . n 
A 1 6   VAL 6   26  26  VAL VAL A . n 
A 1 7   GLU 7   27  27  GLU GLU A . n 
A 1 8   THR 8   28  28  THR THR A . n 
A 1 9   ALA 9   29  29  ALA ALA A . n 
A 1 10  THR 10  30  30  THR THR A . n 
A 1 11  GLY 11  31  31  GLY GLY A . n 
A 1 12  ALA 12  32  32  ALA ALA A . n 
A 1 13  GLY 13  33  33  GLY GLY A . n 
A 1 14  SER 14  34  34  SER SER A . n 
A 1 15  PHE 15  35  35  PHE PHE A . n 
A 1 16  THR 16  36  36  THR THR A . n 
A 1 17  THR 17  37  37  THR THR A . n 
A 1 18  LEU 18  38  38  LEU LEU A . n 
A 1 19  LEU 19  39  39  LEU LEU A . n 
A 1 20  THR 20  40  40  THR THR A . n 
A 1 21  ALA 21  41  41  ALA ALA A . n 
A 1 22  ALA 22  42  42  ALA ALA A . n 
A 1 23  GLU 23  43  43  GLU GLU A . n 
A 1 24  ALA 24  44  44  ALA ALA A . n 
A 1 25  ALA 25  45  45  ALA ALA A . n 
A 1 26  GLY 26  46  46  GLY GLY A . n 
A 1 27  LEU 27  47  47  LEU LEU A . n 
A 1 28  VAL 28  48  48  VAL VAL A . n 
A 1 29  ASP 29  49  49  ASP ASP A . n 
A 1 30  THR 30  50  50  THR THR A . n 
A 1 31  LEU 31  51  51  LEU LEU A . n 
A 1 32  LYS 32  52  52  LYS LYS A . n 
A 1 33  GLY 33  53  53  GLY GLY A . n 
A 1 34  ASP 34  54  54  ASP ASP A . n 
A 1 35  GLY 35  55  55  GLY GLY A . n 
A 1 36  PRO 36  56  56  PRO PRO A . n 
A 1 37  PHE 37  57  57  PHE PHE A . n 
A 1 38  THR 38  58  58  THR THR A . n 
A 1 39  VAL 39  59  59  VAL VAL A . n 
A 1 40  PHE 40  60  60  PHE PHE A . n 
A 1 41  ALA 41  61  61  ALA ALA A . n 
A 1 42  PRO 42  62  62  PRO PRO A . n 
A 1 43  THR 43  63  63  THR THR A . n 
A 1 44  ASP 44  64  64  ASP ASP A . n 
A 1 45  ALA 45  65  65  ALA ALA A . n 
A 1 46  ALA 46  66  66  ALA ALA A . n 
A 1 47  PHE 47  67  67  PHE PHE A . n 
A 1 48  ALA 48  68  68  ALA ALA A . n 
A 1 49  ALA 49  69  69  ALA ALA A . n 
A 1 50  LEU 50  70  70  LEU LEU A . n 
A 1 51  PRO 51  71  71  PRO PRO A . n 
A 1 52  GLU 52  72  72  GLU GLU A . n 
A 1 53  GLY 53  73  73  GLY GLY A . n 
A 1 54  THR 54  74  74  THR THR A . n 
A 1 55  VAL 55  75  75  VAL VAL A . n 
A 1 56  GLU 56  76  76  GLU GLU A . n 
A 1 57  ASP 57  77  77  ASP ASP A . n 
A 1 58  LEU 58  78  78  LEU LEU A . n 
A 1 59  LEU 59  79  79  LEU LEU A . n 
A 1 60  LYS 60  80  80  LYS LYS A . n 
A 1 61  PRO 61  81  81  PRO PRO A . n 
A 1 62  GLU 62  82  82  GLU GLU A . n 
A 1 63  ASN 63  83  83  ASN ASN A . n 
A 1 64  LYS 64  84  84  LYS LYS A . n 
A 1 65  GLU 65  85  85  GLU GLU A . n 
A 1 66  LYS 66  86  86  LYS LYS A . n 
A 1 67  LEU 67  87  87  LEU LEU A . n 
A 1 68  THR 68  88  88  THR THR A . n 
A 1 69  GLU 69  89  89  GLU GLU A . n 
A 1 70  ILE 70  90  90  ILE ILE A . n 
A 1 71  LEU 71  91  91  LEU LEU A . n 
A 1 72  THR 72  92  92  THR THR A . n 
A 1 73  TYR 73  93  93  TYR TYR A . n 
A 1 74  HIS 74  94  94  HIS HIS A . n 
A 1 75  VAL 75  95  95  VAL VAL A . n 
A 1 76  VAL 76  96  96  VAL VAL A . n 
A 1 77  PRO 77  97  97  PRO PRO A . n 
A 1 78  GLY 78  98  98  GLY GLY A . n 
A 1 79  GLU 79  99  99  GLU GLU A . n 
A 1 80  VAL 80  100 100 VAL VAL A . n 
A 1 81  MET 81  101 101 MET MET A . n 
A 1 82  SER 82  102 102 SER SER A . n 
A 1 83  SER 83  103 103 SER SER A . n 
A 1 84  ASP 84  104 104 ASP ASP A . n 
A 1 85  LEU 85  105 105 LEU LEU A . n 
A 1 86  THR 86  106 106 THR THR A . n 
A 1 87  GLU 87  107 107 GLU GLU A . n 
A 1 88  GLY 88  108 108 GLY GLY A . n 
A 1 89  MET 89  109 109 MET MET A . n 
A 1 90  THR 90  110 110 THR THR A . n 
A 1 91  ALA 91  111 111 ALA ALA A . n 
A 1 92  GLU 92  112 112 GLU GLU A . n 
A 1 93  THR 93  113 113 THR THR A . n 
A 1 94  VAL 94  114 114 VAL VAL A . n 
A 1 95  GLU 95  115 115 GLU GLU A . n 
A 1 96  GLY 96  116 116 GLY GLY A . n 
A 1 97  GLY 97  117 117 GLY GLY A . n 
A 1 98  ALA 98  118 118 ALA ALA A . n 
A 1 99  LEU 99  119 119 LEU LEU A . n 
A 1 100 THR 100 120 120 THR THR A . n 
A 1 101 VAL 101 121 121 VAL VAL A . n 
A 1 102 THR 102 122 122 THR THR A . n 
A 1 103 LEU 103 123 123 LEU LEU A . n 
A 1 104 GLU 104 124 124 GLU GLU A . n 
A 1 105 GLY 105 125 125 GLY GLY A . n 
A 1 106 GLY 106 126 126 GLY GLY A . n 
A 1 107 PRO 107 127 127 PRO PRO A . n 
A 1 108 LYS 108 128 128 LYS LYS A . n 
A 1 109 VAL 109 129 129 VAL VAL A . n 
A 1 110 ASN 110 130 130 ASN ASN A . n 
A 1 111 GLY 111 131 131 GLY GLY A . n 
A 1 112 VAL 112 132 132 VAL VAL A . n 
A 1 113 SER 113 133 133 SER SER A . n 
A 1 114 ILE 114 134 134 ILE ILE A . n 
A 1 115 SER 115 135 135 SER SER A . n 
A 1 116 GLN 116 136 136 GLN GLN A . n 
A 1 117 PRO 117 137 137 PRO PRO A . n 
A 1 118 ASP 118 138 138 ASP ASP A . n 
A 1 119 VAL 119 139 139 VAL VAL A . n 
A 1 120 ASP 120 140 140 ASP ASP A . n 
A 1 121 ALA 121 141 141 ALA ALA A . n 
A 1 122 SER 122 142 142 SER SER A . n 
A 1 123 ASN 123 143 143 ASN ASN A . n 
A 1 124 GLY 124 144 144 GLY GLY A . n 
A 1 125 VAL 125 145 145 VAL VAL A . n 
A 1 126 ILE 126 146 146 ILE ILE A . n 
A 1 127 HIS 127 147 147 HIS HIS A . n 
A 1 128 VAL 128 148 148 VAL VAL A . n 
A 1 129 ILE 129 149 149 ILE ILE A . n 
A 1 130 ASP 130 150 150 ASP ASP A . n 
A 1 131 GLY 131 151 151 GLY GLY A . n 
A 1 132 VAL 132 152 152 VAL VAL A . n 
A 1 133 LEU 133 153 153 LEU LEU A . n 
A 1 134 MET 134 154 154 MET MET A . n 
A 1 135 PRO 135 155 155 PRO PRO A . n 
A 1 136 GLY 136 156 156 GLY GLY A . n 
A 1 137 ALA 137 157 157 ALA ALA A . n 
# 
_cell.entry_id           1W7D 
_cell.length_a           1.000 
_cell.length_b           1.000 
_cell.length_c           1.000 
_cell.angle_alpha        90.00 
_cell.angle_beta         90.00 
_cell.angle_gamma        90.00 
_cell.Z_PDB              1 
_cell.pdbx_unique_axis   ? 
# 
_symmetry.entry_id                         1W7D 
_symmetry.space_group_name_H-M             'P 1' 
_symmetry.pdbx_full_space_group_name_H-M   ? 
_symmetry.cell_setting                     ? 
_symmetry.Int_Tables_number                1 
# 
_exptl.entry_id          1W7D 
_exptl.method            'SOLUTION NMR' 
_exptl.crystals_number   ? 
# 
_struct.entry_id                  1W7D 
_struct.title                     'NMR Structure of Fasciclin-Like Protein From Rhodobacter sphaeroides' 
_struct.pdbx_model_details        ? 
_struct.pdbx_CASP_flag            ? 
_struct.pdbx_model_type_details   'MINIMIZED AVERAGE' 
# 
_struct_keywords.entry_id        1W7D 
_struct_keywords.pdbx_keywords   'CELL ADHESION' 
_struct_keywords.text            'FASCICLIN, CELL ADHESION' 
# 
_struct_asym.id                            A 
_struct_asym.pdbx_blank_PDB_chainid_flag   N 
_struct_asym.pdbx_modified                 N 
_struct_asym.entity_id                     1 
_struct_asym.details                       ? 
# 
_struct_ref.id                         1 
_struct_ref.db_name                    UNP 
_struct_ref.db_code                    Q3IXZ6_RHOS4 
_struct_ref.entity_id                  1 
_struct_ref.pdbx_seq_one_letter_code   ? 
_struct_ref.pdbx_align_begin           ? 
_struct_ref.pdbx_db_accession          Q3IXZ6 
_struct_ref.pdbx_db_isoform            ? 
# 
_struct_ref_seq.align_id                      1 
_struct_ref_seq.ref_id                        1 
_struct_ref_seq.pdbx_PDB_id_code              1W7D 
_struct_ref_seq.pdbx_strand_id                A 
_struct_ref_seq.seq_align_beg                 1 
_struct_ref_seq.pdbx_seq_align_beg_ins_code   ? 
_struct_ref_seq.seq_align_end                 137 
_struct_ref_seq.pdbx_seq_align_end_ins_code   ? 
_struct_ref_seq.pdbx_db_accession             Q3IXZ6 
_struct_ref_seq.db_align_beg                  20 
_struct_ref_seq.pdbx_db_align_beg_ins_code    ? 
_struct_ref_seq.db_align_end                  156 
_struct_ref_seq.pdbx_db_align_end_ins_code    ? 
_struct_ref_seq.pdbx_auth_seq_align_beg       21 
_struct_ref_seq.pdbx_auth_seq_align_end       157 
# 
_pdbx_struct_assembly.id                   1 
_pdbx_struct_assembly.details              author_defined_assembly 
_pdbx_struct_assembly.method_details       ? 
_pdbx_struct_assembly.oligomeric_details   monomeric 
_pdbx_struct_assembly.oligomeric_count     1 
# 
_pdbx_struct_assembly_gen.assembly_id       1 
_pdbx_struct_assembly_gen.oper_expression   1 
_pdbx_struct_assembly_gen.asym_id_list      A 
# 
_pdbx_struct_oper_list.id                   1 
_pdbx_struct_oper_list.type                 'identity operation' 
_pdbx_struct_oper_list.name                 1_555 
_pdbx_struct_oper_list.symmetry_operation   x,y,z 
_pdbx_struct_oper_list.matrix[1][1]         1.0000000000 
_pdbx_struct_oper_list.matrix[1][2]         0.0000000000 
_pdbx_struct_oper_list.matrix[1][3]         0.0000000000 
_pdbx_struct_oper_list.vector[1]            0.0000000000 
_pdbx_struct_oper_list.matrix[2][1]         0.0000000000 
_pdbx_struct_oper_list.matrix[2][2]         1.0000000000 
_pdbx_struct_oper_list.matrix[2][3]         0.0000000000 
_pdbx_struct_oper_list.vector[2]            0.0000000000 
_pdbx_struct_oper_list.matrix[3][1]         0.0000000000 
_pdbx_struct_oper_list.matrix[3][2]         0.0000000000 
_pdbx_struct_oper_list.matrix[3][3]         1.0000000000 
_pdbx_struct_oper_list.vector[3]            0.0000000000 
# 
_struct_biol.id   1 
# 
loop_
_struct_conf.conf_type_id 
_struct_conf.id 
_struct_conf.pdbx_PDB_helix_id 
_struct_conf.beg_label_comp_id 
_struct_conf.beg_label_asym_id 
_struct_conf.beg_label_seq_id 
_struct_conf.pdbx_beg_PDB_ins_code 
_struct_conf.end_label_comp_id 
_struct_conf.end_label_asym_id 
_struct_conf.end_label_seq_id 
_struct_conf.pdbx_end_PDB_ins_code 
_struct_conf.beg_auth_comp_id 
_struct_conf.beg_auth_asym_id 
_struct_conf.beg_auth_seq_id 
_struct_conf.end_auth_comp_id 
_struct_conf.end_auth_asym_id 
_struct_conf.end_auth_seq_id 
_struct_conf.pdbx_PDB_helix_class 
_struct_conf.details 
_struct_conf.pdbx_PDB_helix_length 
HELX_P HELX_P1 1 ILE A 5  ? GLY A 11 ? ILE A 25 GLY A 31 5 ? 7  
HELX_P HELX_P2 2 LEU A 19 ? ALA A 25 ? LEU A 39 ALA A 45 1 ? 7  
HELX_P HELX_P3 3 LEU A 27 ? LYS A 32 ? LEU A 47 LYS A 52 1 ? 6  
HELX_P HELX_P4 4 THR A 43 ? LEU A 50 ? THR A 63 LEU A 70 1 ? 8  
HELX_P HELX_P5 5 GLY A 53 ? LEU A 58 ? GLY A 73 LEU A 78 1 ? 6  
HELX_P HELX_P6 6 LYS A 60 ? HIS A 74 ? LYS A 80 HIS A 94 1 ? 15 
# 
_struct_conf_type.id          HELX_P 
_struct_conf_type.criteria    ? 
_struct_conf_type.reference   ? 
# 
loop_
_struct_sheet.id 
_struct_sheet.type 
_struct_sheet.number_strands 
_struct_sheet.details 
AA ? 3 ? 
AB ? 4 ? 
# 
loop_
_struct_sheet_order.sheet_id 
_struct_sheet_order.range_id_1 
_struct_sheet_order.range_id_2 
_struct_sheet_order.offset 
_struct_sheet_order.sense 
AA 1 2 ? anti-parallel 
AA 2 3 ? parallel      
AB 1 2 ? anti-parallel 
AB 2 3 ? anti-parallel 
AB 3 4 ? anti-parallel 
# 
loop_
_struct_sheet_range.sheet_id 
_struct_sheet_range.id 
_struct_sheet_range.beg_label_comp_id 
_struct_sheet_range.beg_label_asym_id 
_struct_sheet_range.beg_label_seq_id 
_struct_sheet_range.pdbx_beg_PDB_ins_code 
_struct_sheet_range.end_label_comp_id 
_struct_sheet_range.end_label_asym_id 
_struct_sheet_range.end_label_seq_id 
_struct_sheet_range.pdbx_end_PDB_ins_code 
_struct_sheet_range.beg_auth_comp_id 
_struct_sheet_range.beg_auth_asym_id 
_struct_sheet_range.beg_auth_seq_id 
_struct_sheet_range.end_auth_comp_id 
_struct_sheet_range.end_auth_asym_id 
_struct_sheet_range.end_auth_seq_id 
AA 1 VAL A 75  ? GLY A 78  ? VAL A 95  GLY A 98  
AA 2 PRO A 36  ? ALA A 41  ? PRO A 56  ALA A 61  
AA 3 GLY A 124 ? ILE A 129 ? GLY A 144 ILE A 149 
AB 1 GLY A 88  ? THR A 93  ? GLY A 108 THR A 113 
AB 2 GLY A 97  ? LEU A 103 ? GLY A 117 LEU A 123 
AB 3 LYS A 108 ? ASN A 110 ? LYS A 128 ASN A 130 
AB 4 VAL A 112 ? ILE A 114 ? VAL A 132 ILE A 134 
# 
loop_
_pdbx_struct_sheet_hbond.sheet_id 
_pdbx_struct_sheet_hbond.range_id_1 
_pdbx_struct_sheet_hbond.range_id_2 
_pdbx_struct_sheet_hbond.range_1_label_atom_id 
_pdbx_struct_sheet_hbond.range_1_label_comp_id 
_pdbx_struct_sheet_hbond.range_1_label_asym_id 
_pdbx_struct_sheet_hbond.range_1_label_seq_id 
_pdbx_struct_sheet_hbond.range_1_PDB_ins_code 
_pdbx_struct_sheet_hbond.range_1_auth_atom_id 
_pdbx_struct_sheet_hbond.range_1_auth_comp_id 
_pdbx_struct_sheet_hbond.range_1_auth_asym_id 
_pdbx_struct_sheet_hbond.range_1_auth_seq_id 
_pdbx_struct_sheet_hbond.range_2_label_atom_id 
_pdbx_struct_sheet_hbond.range_2_label_comp_id 
_pdbx_struct_sheet_hbond.range_2_label_asym_id 
_pdbx_struct_sheet_hbond.range_2_label_seq_id 
_pdbx_struct_sheet_hbond.range_2_PDB_ins_code 
_pdbx_struct_sheet_hbond.range_2_auth_atom_id 
_pdbx_struct_sheet_hbond.range_2_auth_comp_id 
_pdbx_struct_sheet_hbond.range_2_auth_asym_id 
_pdbx_struct_sheet_hbond.range_2_auth_seq_id 
AA 1 2 N VAL A 76  ? N VAL A 96  O THR A 38  ? O THR A 58  
AA 2 3 N VAL A 39  ? N VAL A 59  O VAL A 125 ? O VAL A 145 
AB 1 2 N ALA A 91  ? N ALA A 111 O LEU A 99  ? O LEU A 119 
AB 2 3 N THR A 102 ? N THR A 122 O LYS A 108 ? O LYS A 128 
AB 3 4 N VAL A 109 ? N VAL A 129 O VAL A 112 ? O VAL A 132 
# 
loop_
_pdbx_validate_close_contact.id 
_pdbx_validate_close_contact.PDB_model_num 
_pdbx_validate_close_contact.auth_atom_id_1 
_pdbx_validate_close_contact.auth_asym_id_1 
_pdbx_validate_close_contact.auth_comp_id_1 
_pdbx_validate_close_contact.auth_seq_id_1 
_pdbx_validate_close_contact.PDB_ins_code_1 
_pdbx_validate_close_contact.label_alt_id_1 
_pdbx_validate_close_contact.auth_atom_id_2 
_pdbx_validate_close_contact.auth_asym_id_2 
_pdbx_validate_close_contact.auth_comp_id_2 
_pdbx_validate_close_contact.auth_seq_id_2 
_pdbx_validate_close_contact.PDB_ins_code_2 
_pdbx_validate_close_contact.label_alt_id_2 
_pdbx_validate_close_contact.dist 
1 1 HZ1 A LYS 86  ? ? O   A ALA 157 ? ? 1.55 
2 1 HG1 A THR 92  ? ? OE1 A GLU 115 ? ? 1.58 
3 1 H   A VAL 129 ? ? O   A VAL 132 ? ? 1.59 
# 
loop_
_pdbx_validate_torsion.id 
_pdbx_validate_torsion.PDB_model_num 
_pdbx_validate_torsion.auth_comp_id 
_pdbx_validate_torsion.auth_asym_id 
_pdbx_validate_torsion.auth_seq_id 
_pdbx_validate_torsion.PDB_ins_code 
_pdbx_validate_torsion.label_alt_id 
_pdbx_validate_torsion.phi 
_pdbx_validate_torsion.psi 
1 1 ASP A 24  ? ? 69.89   -90.06  
2 1 ALA A 32  ? ? 54.32   77.48   
3 1 LEU A 38  ? ? -138.97 -66.38  
4 1 ASP A 54  ? ? -132.68 -68.46  
5 1 LEU A 70  ? ? -119.27 74.60   
6 1 LEU A 105 ? ? -80.50  -96.69  
7 1 PRO A 127 ? ? -67.58  95.12   
8 1 ASP A 138 ? ? -90.42  -159.25 
9 1 VAL A 139 ? ? 174.75  -50.12  
# 
loop_
_pdbx_database_remark.id 
_pdbx_database_remark.text 
650 
;
HELIX
DETERMINATION METHOD: AUTHOR PROVIDED.
;
700 
;
SHEET
DETERMINATION METHOD: AUTHOR PROVIDED.
;
# 
_pdbx_entry_details.entry_id                 1W7D 
_pdbx_entry_details.compound_details         ? 
_pdbx_entry_details.source_details           ? 
_pdbx_entry_details.nonpolymer_details       ? 
_pdbx_entry_details.sequence_details         'RHODOBACTER SPHAEROIDES GENOME DATABASE' 
_pdbx_entry_details.has_ligand_of_interest   ? 
# 
_pdbx_nmr_ensemble.entry_id                             1W7D 
_pdbx_nmr_ensemble.conformers_calculated_total_number   100 
_pdbx_nmr_ensemble.conformers_submitted_total_number    1 
_pdbx_nmr_ensemble.conformer_selection_criteria         'BEST WATER REFINED STRUCTURE' 
# 
_pdbx_nmr_sample_details.solution_id   1 
_pdbx_nmr_sample_details.contents      '90% WATER/10% D2O, 50MM NAPHOS' 
# 
_pdbx_nmr_exptl_sample_conditions.conditions_id          1 
_pdbx_nmr_exptl_sample_conditions.temperature            298.0 
_pdbx_nmr_exptl_sample_conditions.pressure_units         atm 
_pdbx_nmr_exptl_sample_conditions.pressure               1.0 
_pdbx_nmr_exptl_sample_conditions.pH                     7.0 
_pdbx_nmr_exptl_sample_conditions.ionic_strength         50 
_pdbx_nmr_exptl_sample_conditions.ionic_strength_units   mM 
_pdbx_nmr_exptl_sample_conditions.pH_units               pH 
_pdbx_nmr_exptl_sample_conditions.temperature_units      K 
# 
loop_
_pdbx_nmr_exptl.experiment_id 
_pdbx_nmr_exptl.conditions_id 
_pdbx_nmr_exptl.type 
_pdbx_nmr_exptl.solution_id 
1 1 NOESY 1 
2 1 HNHA  1 
# 
_pdbx_nmr_details.entry_id   1W7D 
_pdbx_nmr_details.text       NONE 
# 
_pdbx_nmr_refine.entry_id           1W7D 
_pdbx_nmr_refine.method             ? 
_pdbx_nmr_refine.details            'WATER REFINEMENT' 
_pdbx_nmr_refine.software_ordinal   1 
# 
loop_
_pdbx_nmr_software.classification 
_pdbx_nmr_software.name 
_pdbx_nmr_software.version 
_pdbx_nmr_software.authors 
_pdbx_nmr_software.ordinal 
refinement           CNS   1.2 
'BRUNGER,ADAMS,CLORE,DELANO,GROS,GROSSE- KUNSTLEVE,JIANG,KUSZEWSKI,NILGES,PANNU,READ, RICE,SIMONSON,WARREN' 1 
'structure solution' Felix ?   ? 2 
'structure solution' CNS   ?   ? 3 
# 
loop_
_chem_comp_atom.comp_id 
_chem_comp_atom.atom_id 
_chem_comp_atom.type_symbol 
_chem_comp_atom.pdbx_aromatic_flag 
_chem_comp_atom.pdbx_stereo_config 
_chem_comp_atom.pdbx_ordinal 
ALA N    N N N 1   
ALA CA   C N S 2   
ALA C    C N N 3   
ALA O    O N N 4   
ALA CB   C N N 5   
ALA OXT  O N N 6   
ALA H    H N N 7   
ALA H2   H N N 8   
ALA HA   H N N 9   
ALA HB1  H N N 10  
ALA HB2  H N N 11  
ALA HB3  H N N 12  
ALA HXT  H N N 13  
ASN N    N N N 14  
ASN CA   C N S 15  
ASN C    C N N 16  
ASN O    O N N 17  
ASN CB   C N N 18  
ASN CG   C N N 19  
ASN OD1  O N N 20  
ASN ND2  N N N 21  
ASN OXT  O N N 22  
ASN H    H N N 23  
ASN H2   H N N 24  
ASN HA   H N N 25  
ASN HB2  H N N 26  
ASN HB3  H N N 27  
ASN HD21 H N N 28  
ASN HD22 H N N 29  
ASN HXT  H N N 30  
ASP N    N N N 31  
ASP CA   C N S 32  
ASP C    C N N 33  
ASP O    O N N 34  
ASP CB   C N N 35  
ASP CG   C N N 36  
ASP OD1  O N N 37  
ASP OD2  O N N 38  
ASP OXT  O N N 39  
ASP H    H N N 40  
ASP H2   H N N 41  
ASP HA   H N N 42  
ASP HB2  H N N 43  
ASP HB3  H N N 44  
ASP HD2  H N N 45  
ASP HXT  H N N 46  
GLN N    N N N 47  
GLN CA   C N S 48  
GLN C    C N N 49  
GLN O    O N N 50  
GLN CB   C N N 51  
GLN CG   C N N 52  
GLN CD   C N N 53  
GLN OE1  O N N 54  
GLN NE2  N N N 55  
GLN OXT  O N N 56  
GLN H    H N N 57  
GLN H2   H N N 58  
GLN HA   H N N 59  
GLN HB2  H N N 60  
GLN HB3  H N N 61  
GLN HG2  H N N 62  
GLN HG3  H N N 63  
GLN HE21 H N N 64  
GLN HE22 H N N 65  
GLN HXT  H N N 66  
GLU N    N N N 67  
GLU CA   C N S 68  
GLU C    C N N 69  
GLU O    O N N 70  
GLU CB   C N N 71  
GLU CG   C N N 72  
GLU CD   C N N 73  
GLU OE1  O N N 74  
GLU OE2  O N N 75  
GLU OXT  O N N 76  
GLU H    H N N 77  
GLU H2   H N N 78  
GLU HA   H N N 79  
GLU HB2  H N N 80  
GLU HB3  H N N 81  
GLU HG2  H N N 82  
GLU HG3  H N N 83  
GLU HE2  H N N 84  
GLU HXT  H N N 85  
GLY N    N N N 86  
GLY CA   C N N 87  
GLY C    C N N 88  
GLY O    O N N 89  
GLY OXT  O N N 90  
GLY H    H N N 91  
GLY H2   H N N 92  
GLY HA2  H N N 93  
GLY HA3  H N N 94  
GLY HXT  H N N 95  
HIS N    N N N 96  
HIS CA   C N S 97  
HIS C    C N N 98  
HIS O    O N N 99  
HIS CB   C N N 100 
HIS CG   C Y N 101 
HIS ND1  N Y N 102 
HIS CD2  C Y N 103 
HIS CE1  C Y N 104 
HIS NE2  N Y N 105 
HIS OXT  O N N 106 
HIS H    H N N 107 
HIS H2   H N N 108 
HIS HA   H N N 109 
HIS HB2  H N N 110 
HIS HB3  H N N 111 
HIS HD1  H N N 112 
HIS HD2  H N N 113 
HIS HE1  H N N 114 
HIS HE2  H N N 115 
HIS HXT  H N N 116 
ILE N    N N N 117 
ILE CA   C N S 118 
ILE C    C N N 119 
ILE O    O N N 120 
ILE CB   C N S 121 
ILE CG1  C N N 122 
ILE CG2  C N N 123 
ILE CD1  C N N 124 
ILE OXT  O N N 125 
ILE H    H N N 126 
ILE H2   H N N 127 
ILE HA   H N N 128 
ILE HB   H N N 129 
ILE HG12 H N N 130 
ILE HG13 H N N 131 
ILE HG21 H N N 132 
ILE HG22 H N N 133 
ILE HG23 H N N 134 
ILE HD11 H N N 135 
ILE HD12 H N N 136 
ILE HD13 H N N 137 
ILE HXT  H N N 138 
LEU N    N N N 139 
LEU CA   C N S 140 
LEU C    C N N 141 
LEU O    O N N 142 
LEU CB   C N N 143 
LEU CG   C N N 144 
LEU CD1  C N N 145 
LEU CD2  C N N 146 
LEU OXT  O N N 147 
LEU H    H N N 148 
LEU H2   H N N 149 
LEU HA   H N N 150 
LEU HB2  H N N 151 
LEU HB3  H N N 152 
LEU HG   H N N 153 
LEU HD11 H N N 154 
LEU HD12 H N N 155 
LEU HD13 H N N 156 
LEU HD21 H N N 157 
LEU HD22 H N N 158 
LEU HD23 H N N 159 
LEU HXT  H N N 160 
LYS N    N N N 161 
LYS CA   C N S 162 
LYS C    C N N 163 
LYS O    O N N 164 
LYS CB   C N N 165 
LYS CG   C N N 166 
LYS CD   C N N 167 
LYS CE   C N N 168 
LYS NZ   N N N 169 
LYS OXT  O N N 170 
LYS H    H N N 171 
LYS H2   H N N 172 
LYS HA   H N N 173 
LYS HB2  H N N 174 
LYS HB3  H N N 175 
LYS HG2  H N N 176 
LYS HG3  H N N 177 
LYS HD2  H N N 178 
LYS HD3  H N N 179 
LYS HE2  H N N 180 
LYS HE3  H N N 181 
LYS HZ1  H N N 182 
LYS HZ2  H N N 183 
LYS HZ3  H N N 184 
LYS HXT  H N N 185 
MET N    N N N 186 
MET CA   C N S 187 
MET C    C N N 188 
MET O    O N N 189 
MET CB   C N N 190 
MET CG   C N N 191 
MET SD   S N N 192 
MET CE   C N N 193 
MET OXT  O N N 194 
MET H    H N N 195 
MET H2   H N N 196 
MET HA   H N N 197 
MET HB2  H N N 198 
MET HB3  H N N 199 
MET HG2  H N N 200 
MET HG3  H N N 201 
MET HE1  H N N 202 
MET HE2  H N N 203 
MET HE3  H N N 204 
MET HXT  H N N 205 
PHE N    N N N 206 
PHE CA   C N S 207 
PHE C    C N N 208 
PHE O    O N N 209 
PHE CB   C N N 210 
PHE CG   C Y N 211 
PHE CD1  C Y N 212 
PHE CD2  C Y N 213 
PHE CE1  C Y N 214 
PHE CE2  C Y N 215 
PHE CZ   C Y N 216 
PHE OXT  O N N 217 
PHE H    H N N 218 
PHE H2   H N N 219 
PHE HA   H N N 220 
PHE HB2  H N N 221 
PHE HB3  H N N 222 
PHE HD1  H N N 223 
PHE HD2  H N N 224 
PHE HE1  H N N 225 
PHE HE2  H N N 226 
PHE HZ   H N N 227 
PHE HXT  H N N 228 
PRO N    N N N 229 
PRO CA   C N S 230 
PRO C    C N N 231 
PRO O    O N N 232 
PRO CB   C N N 233 
PRO CG   C N N 234 
PRO CD   C N N 235 
PRO OXT  O N N 236 
PRO H    H N N 237 
PRO HA   H N N 238 
PRO HB2  H N N 239 
PRO HB3  H N N 240 
PRO HG2  H N N 241 
PRO HG3  H N N 242 
PRO HD2  H N N 243 
PRO HD3  H N N 244 
PRO HXT  H N N 245 
SER N    N N N 246 
SER CA   C N S 247 
SER C    C N N 248 
SER O    O N N 249 
SER CB   C N N 250 
SER OG   O N N 251 
SER OXT  O N N 252 
SER H    H N N 253 
SER H2   H N N 254 
SER HA   H N N 255 
SER HB2  H N N 256 
SER HB3  H N N 257 
SER HG   H N N 258 
SER HXT  H N N 259 
THR N    N N N 260 
THR CA   C N S 261 
THR C    C N N 262 
THR O    O N N 263 
THR CB   C N R 264 
THR OG1  O N N 265 
THR CG2  C N N 266 
THR OXT  O N N 267 
THR H    H N N 268 
THR H2   H N N 269 
THR HA   H N N 270 
THR HB   H N N 271 
THR HG1  H N N 272 
THR HG21 H N N 273 
THR HG22 H N N 274 
THR HG23 H N N 275 
THR HXT  H N N 276 
TYR N    N N N 277 
TYR CA   C N S 278 
TYR C    C N N 279 
TYR O    O N N 280 
TYR CB   C N N 281 
TYR CG   C Y N 282 
TYR CD1  C Y N 283 
TYR CD2  C Y N 284 
TYR CE1  C Y N 285 
TYR CE2  C Y N 286 
TYR CZ   C Y N 287 
TYR OH   O N N 288 
TYR OXT  O N N 289 
TYR H    H N N 290 
TYR H2   H N N 291 
TYR HA   H N N 292 
TYR HB2  H N N 293 
TYR HB3  H N N 294 
TYR HD1  H N N 295 
TYR HD2  H N N 296 
TYR HE1  H N N 297 
TYR HE2  H N N 298 
TYR HH   H N N 299 
TYR HXT  H N N 300 
VAL N    N N N 301 
VAL CA   C N S 302 
VAL C    C N N 303 
VAL O    O N N 304 
VAL CB   C N N 305 
VAL CG1  C N N 306 
VAL CG2  C N N 307 
VAL OXT  O N N 308 
VAL H    H N N 309 
VAL H2   H N N 310 
VAL HA   H N N 311 
VAL HB   H N N 312 
VAL HG11 H N N 313 
VAL HG12 H N N 314 
VAL HG13 H N N 315 
VAL HG21 H N N 316 
VAL HG22 H N N 317 
VAL HG23 H N N 318 
VAL HXT  H N N 319 
# 
loop_
_chem_comp_bond.comp_id 
_chem_comp_bond.atom_id_1 
_chem_comp_bond.atom_id_2 
_chem_comp_bond.value_order 
_chem_comp_bond.pdbx_aromatic_flag 
_chem_comp_bond.pdbx_stereo_config 
_chem_comp_bond.pdbx_ordinal 
ALA N   CA   sing N N 1   
ALA N   H    sing N N 2   
ALA N   H2   sing N N 3   
ALA CA  C    sing N N 4   
ALA CA  CB   sing N N 5   
ALA CA  HA   sing N N 6   
ALA C   O    doub N N 7   
ALA C   OXT  sing N N 8   
ALA CB  HB1  sing N N 9   
ALA CB  HB2  sing N N 10  
ALA CB  HB3  sing N N 11  
ALA OXT HXT  sing N N 12  
ASN N   CA   sing N N 13  
ASN N   H    sing N N 14  
ASN N   H2   sing N N 15  
ASN CA  C    sing N N 16  
ASN CA  CB   sing N N 17  
ASN CA  HA   sing N N 18  
ASN C   O    doub N N 19  
ASN C   OXT  sing N N 20  
ASN CB  CG   sing N N 21  
ASN CB  HB2  sing N N 22  
ASN CB  HB3  sing N N 23  
ASN CG  OD1  doub N N 24  
ASN CG  ND2  sing N N 25  
ASN ND2 HD21 sing N N 26  
ASN ND2 HD22 sing N N 27  
ASN OXT HXT  sing N N 28  
ASP N   CA   sing N N 29  
ASP N   H    sing N N 30  
ASP N   H2   sing N N 31  
ASP CA  C    sing N N 32  
ASP CA  CB   sing N N 33  
ASP CA  HA   sing N N 34  
ASP C   O    doub N N 35  
ASP C   OXT  sing N N 36  
ASP CB  CG   sing N N 37  
ASP CB  HB2  sing N N 38  
ASP CB  HB3  sing N N 39  
ASP CG  OD1  doub N N 40  
ASP CG  OD2  sing N N 41  
ASP OD2 HD2  sing N N 42  
ASP OXT HXT  sing N N 43  
GLN N   CA   sing N N 44  
GLN N   H    sing N N 45  
GLN N   H2   sing N N 46  
GLN CA  C    sing N N 47  
GLN CA  CB   sing N N 48  
GLN CA  HA   sing N N 49  
GLN C   O    doub N N 50  
GLN C   OXT  sing N N 51  
GLN CB  CG   sing N N 52  
GLN CB  HB2  sing N N 53  
GLN CB  HB3  sing N N 54  
GLN CG  CD   sing N N 55  
GLN CG  HG2  sing N N 56  
GLN CG  HG3  sing N N 57  
GLN CD  OE1  doub N N 58  
GLN CD  NE2  sing N N 59  
GLN NE2 HE21 sing N N 60  
GLN NE2 HE22 sing N N 61  
GLN OXT HXT  sing N N 62  
GLU N   CA   sing N N 63  
GLU N   H    sing N N 64  
GLU N   H2   sing N N 65  
GLU CA  C    sing N N 66  
GLU CA  CB   sing N N 67  
GLU CA  HA   sing N N 68  
GLU C   O    doub N N 69  
GLU C   OXT  sing N N 70  
GLU CB  CG   sing N N 71  
GLU CB  HB2  sing N N 72  
GLU CB  HB3  sing N N 73  
GLU CG  CD   sing N N 74  
GLU CG  HG2  sing N N 75  
GLU CG  HG3  sing N N 76  
GLU CD  OE1  doub N N 77  
GLU CD  OE2  sing N N 78  
GLU OE2 HE2  sing N N 79  
GLU OXT HXT  sing N N 80  
GLY N   CA   sing N N 81  
GLY N   H    sing N N 82  
GLY N   H2   sing N N 83  
GLY CA  C    sing N N 84  
GLY CA  HA2  sing N N 85  
GLY CA  HA3  sing N N 86  
GLY C   O    doub N N 87  
GLY C   OXT  sing N N 88  
GLY OXT HXT  sing N N 89  
HIS N   CA   sing N N 90  
HIS N   H    sing N N 91  
HIS N   H2   sing N N 92  
HIS CA  C    sing N N 93  
HIS CA  CB   sing N N 94  
HIS CA  HA   sing N N 95  
HIS C   O    doub N N 96  
HIS C   OXT  sing N N 97  
HIS CB  CG   sing N N 98  
HIS CB  HB2  sing N N 99  
HIS CB  HB3  sing N N 100 
HIS CG  ND1  sing Y N 101 
HIS CG  CD2  doub Y N 102 
HIS ND1 CE1  doub Y N 103 
HIS ND1 HD1  sing N N 104 
HIS CD2 NE2  sing Y N 105 
HIS CD2 HD2  sing N N 106 
HIS CE1 NE2  sing Y N 107 
HIS CE1 HE1  sing N N 108 
HIS NE2 HE2  sing N N 109 
HIS OXT HXT  sing N N 110 
ILE N   CA   sing N N 111 
ILE N   H    sing N N 112 
ILE N   H2   sing N N 113 
ILE CA  C    sing N N 114 
ILE CA  CB   sing N N 115 
ILE CA  HA   sing N N 116 
ILE C   O    doub N N 117 
ILE C   OXT  sing N N 118 
ILE CB  CG1  sing N N 119 
ILE CB  CG2  sing N N 120 
ILE CB  HB   sing N N 121 
ILE CG1 CD1  sing N N 122 
ILE CG1 HG12 sing N N 123 
ILE CG1 HG13 sing N N 124 
ILE CG2 HG21 sing N N 125 
ILE CG2 HG22 sing N N 126 
ILE CG2 HG23 sing N N 127 
ILE CD1 HD11 sing N N 128 
ILE CD1 HD12 sing N N 129 
ILE CD1 HD13 sing N N 130 
ILE OXT HXT  sing N N 131 
LEU N   CA   sing N N 132 
LEU N   H    sing N N 133 
LEU N   H2   sing N N 134 
LEU CA  C    sing N N 135 
LEU CA  CB   sing N N 136 
LEU CA  HA   sing N N 137 
LEU C   O    doub N N 138 
LEU C   OXT  sing N N 139 
LEU CB  CG   sing N N 140 
LEU CB  HB2  sing N N 141 
LEU CB  HB3  sing N N 142 
LEU CG  CD1  sing N N 143 
LEU CG  CD2  sing N N 144 
LEU CG  HG   sing N N 145 
LEU CD1 HD11 sing N N 146 
LEU CD1 HD12 sing N N 147 
LEU CD1 HD13 sing N N 148 
LEU CD2 HD21 sing N N 149 
LEU CD2 HD22 sing N N 150 
LEU CD2 HD23 sing N N 151 
LEU OXT HXT  sing N N 152 
LYS N   CA   sing N N 153 
LYS N   H    sing N N 154 
LYS N   H2   sing N N 155 
LYS CA  C    sing N N 156 
LYS CA  CB   sing N N 157 
LYS CA  HA   sing N N 158 
LYS C   O    doub N N 159 
LYS C   OXT  sing N N 160 
LYS CB  CG   sing N N 161 
LYS CB  HB2  sing N N 162 
LYS CB  HB3  sing N N 163 
LYS CG  CD   sing N N 164 
LYS CG  HG2  sing N N 165 
LYS CG  HG3  sing N N 166 
LYS CD  CE   sing N N 167 
LYS CD  HD2  sing N N 168 
LYS CD  HD3  sing N N 169 
LYS CE  NZ   sing N N 170 
LYS CE  HE2  sing N N 171 
LYS CE  HE3  sing N N 172 
LYS NZ  HZ1  sing N N 173 
LYS NZ  HZ2  sing N N 174 
LYS NZ  HZ3  sing N N 175 
LYS OXT HXT  sing N N 176 
MET N   CA   sing N N 177 
MET N   H    sing N N 178 
MET N   H2   sing N N 179 
MET CA  C    sing N N 180 
MET CA  CB   sing N N 181 
MET CA  HA   sing N N 182 
MET C   O    doub N N 183 
MET C   OXT  sing N N 184 
MET CB  CG   sing N N 185 
MET CB  HB2  sing N N 186 
MET CB  HB3  sing N N 187 
MET CG  SD   sing N N 188 
MET CG  HG2  sing N N 189 
MET CG  HG3  sing N N 190 
MET SD  CE   sing N N 191 
MET CE  HE1  sing N N 192 
MET CE  HE2  sing N N 193 
MET CE  HE3  sing N N 194 
MET OXT HXT  sing N N 195 
PHE N   CA   sing N N 196 
PHE N   H    sing N N 197 
PHE N   H2   sing N N 198 
PHE CA  C    sing N N 199 
PHE CA  CB   sing N N 200 
PHE CA  HA   sing N N 201 
PHE C   O    doub N N 202 
PHE C   OXT  sing N N 203 
PHE CB  CG   sing N N 204 
PHE CB  HB2  sing N N 205 
PHE CB  HB3  sing N N 206 
PHE CG  CD1  doub Y N 207 
PHE CG  CD2  sing Y N 208 
PHE CD1 CE1  sing Y N 209 
PHE CD1 HD1  sing N N 210 
PHE CD2 CE2  doub Y N 211 
PHE CD2 HD2  sing N N 212 
PHE CE1 CZ   doub Y N 213 
PHE CE1 HE1  sing N N 214 
PHE CE2 CZ   sing Y N 215 
PHE CE2 HE2  sing N N 216 
PHE CZ  HZ   sing N N 217 
PHE OXT HXT  sing N N 218 
PRO N   CA   sing N N 219 
PRO N   CD   sing N N 220 
PRO N   H    sing N N 221 
PRO CA  C    sing N N 222 
PRO CA  CB   sing N N 223 
PRO CA  HA   sing N N 224 
PRO C   O    doub N N 225 
PRO C   OXT  sing N N 226 
PRO CB  CG   sing N N 227 
PRO CB  HB2  sing N N 228 
PRO CB  HB3  sing N N 229 
PRO CG  CD   sing N N 230 
PRO CG  HG2  sing N N 231 
PRO CG  HG3  sing N N 232 
PRO CD  HD2  sing N N 233 
PRO CD  HD3  sing N N 234 
PRO OXT HXT  sing N N 235 
SER N   CA   sing N N 236 
SER N   H    sing N N 237 
SER N   H2   sing N N 238 
SER CA  C    sing N N 239 
SER CA  CB   sing N N 240 
SER CA  HA   sing N N 241 
SER C   O    doub N N 242 
SER C   OXT  sing N N 243 
SER CB  OG   sing N N 244 
SER CB  HB2  sing N N 245 
SER CB  HB3  sing N N 246 
SER OG  HG   sing N N 247 
SER OXT HXT  sing N N 248 
THR N   CA   sing N N 249 
THR N   H    sing N N 250 
THR N   H2   sing N N 251 
THR CA  C    sing N N 252 
THR CA  CB   sing N N 253 
THR CA  HA   sing N N 254 
THR C   O    doub N N 255 
THR C   OXT  sing N N 256 
THR CB  OG1  sing N N 257 
THR CB  CG2  sing N N 258 
THR CB  HB   sing N N 259 
THR OG1 HG1  sing N N 260 
THR CG2 HG21 sing N N 261 
THR CG2 HG22 sing N N 262 
THR CG2 HG23 sing N N 263 
THR OXT HXT  sing N N 264 
TYR N   CA   sing N N 265 
TYR N   H    sing N N 266 
TYR N   H2   sing N N 267 
TYR CA  C    sing N N 268 
TYR CA  CB   sing N N 269 
TYR CA  HA   sing N N 270 
TYR C   O    doub N N 271 
TYR C   OXT  sing N N 272 
TYR CB  CG   sing N N 273 
TYR CB  HB2  sing N N 274 
TYR CB  HB3  sing N N 275 
TYR CG  CD1  doub Y N 276 
TYR CG  CD2  sing Y N 277 
TYR CD1 CE1  sing Y N 278 
TYR CD1 HD1  sing N N 279 
TYR CD2 CE2  doub Y N 280 
TYR CD2 HD2  sing N N 281 
TYR CE1 CZ   doub Y N 282 
TYR CE1 HE1  sing N N 283 
TYR CE2 CZ   sing Y N 284 
TYR CE2 HE2  sing N N 285 
TYR CZ  OH   sing N N 286 
TYR OH  HH   sing N N 287 
TYR OXT HXT  sing N N 288 
VAL N   CA   sing N N 289 
VAL N   H    sing N N 290 
VAL N   H2   sing N N 291 
VAL CA  C    sing N N 292 
VAL CA  CB   sing N N 293 
VAL CA  HA   sing N N 294 
VAL C   O    doub N N 295 
VAL C   OXT  sing N N 296 
VAL CB  CG1  sing N N 297 
VAL CB  CG2  sing N N 298 
VAL CB  HB   sing N N 299 
VAL CG1 HG11 sing N N 300 
VAL CG1 HG12 sing N N 301 
VAL CG1 HG13 sing N N 302 
VAL CG2 HG21 sing N N 303 
VAL CG2 HG22 sing N N 304 
VAL CG2 HG23 sing N N 305 
VAL OXT HXT  sing N N 306 
# 
_pdbx_nmr_spectrometer.spectrometer_id   1 
_pdbx_nmr_spectrometer.model             DMX 
_pdbx_nmr_spectrometer.manufacturer      Bruker 
_pdbx_nmr_spectrometer.field_strength    800 
# 
_atom_sites.entry_id                    1W7D 
_atom_sites.fract_transf_matrix[1][1]   1.000000 
_atom_sites.fract_transf_matrix[1][2]   0.000000 
_atom_sites.fract_transf_matrix[1][3]   0.000000 
_atom_sites.fract_transf_matrix[2][1]   0.000000 
_atom_sites.fract_transf_matrix[2][2]   1.000000 
_atom_sites.fract_transf_matrix[2][3]   0.000000 
_atom_sites.fract_transf_matrix[3][1]   0.000000 
_atom_sites.fract_transf_matrix[3][2]   0.000000 
_atom_sites.fract_transf_matrix[3][3]   1.000000 
_atom_sites.fract_transf_vector[1]      0.00000 
_atom_sites.fract_transf_vector[2]      0.00000 
_atom_sites.fract_transf_vector[3]      0.00000 
# 
loop_
_atom_type.symbol 
C 
H 
N 
O 
S 
# 
loop_
_atom_site.group_PDB 
_atom_site.id 
_atom_site.type_symbol 
_atom_site.label_atom_id 
_atom_site.label_alt_id 
_atom_site.label_comp_id 
_atom_site.label_asym_id 
_atom_site.label_entity_id 
_atom_site.label_seq_id 
_atom_site.pdbx_PDB_ins_code 
_atom_site.Cartn_x 
_atom_site.Cartn_y 
_atom_site.Cartn_z 
_atom_site.occupancy 
_atom_site.B_iso_or_equiv 
_atom_site.pdbx_formal_charge 
_atom_site.auth_seq_id 
_atom_site.auth_comp_id 
_atom_site.auth_asym_id 
_atom_site.auth_atom_id 
_atom_site.pdbx_PDB_model_num 
ATOM 1    N N    . GLU A 1 1   ? 1.380   -15.936 11.613  1.00 0.00 ? 21  GLU A N    1 
ATOM 2    C CA   . GLU A 1 1   ? 2.320   -14.900 11.132  1.00 0.00 ? 21  GLU A CA   1 
ATOM 3    C C    . GLU A 1 1   ? 2.348   -13.725 12.106  1.00 0.00 ? 21  GLU A C    1 
ATOM 4    O O    . GLU A 1 1   ? 1.407   -13.522 12.873  1.00 0.00 ? 21  GLU A O    1 
ATOM 5    C CB   . GLU A 1 1   ? 1.912   -14.416 9.739   1.00 0.00 ? 21  GLU A CB   1 
ATOM 6    C CG   . GLU A 1 1   ? 1.846   -15.528 8.704   1.00 0.00 ? 21  GLU A CG   1 
ATOM 7    C CD   . GLU A 1 1   ? 3.177   -16.221 8.500   1.00 0.00 ? 21  GLU A CD   1 
ATOM 8    O OE1  . GLU A 1 1   ? 3.557   -17.049 9.352   1.00 0.00 ? 21  GLU A OE1  1 
ATOM 9    O OE2  . GLU A 1 1   ? 3.848   -15.946 7.483   1.00 0.00 ? 21  GLU A OE2  1 
ATOM 10   H H1   . GLU A 1 1   ? 0.428   -15.528 11.734  1.00 0.00 ? 21  GLU A H1   1 
ATOM 11   H H2   . GLU A 1 1   ? 1.328   -16.725 10.933  1.00 0.00 ? 21  GLU A H2   1 
ATOM 12   H H3   . GLU A 1 1   ? 1.704   -16.308 12.530  1.00 0.00 ? 21  GLU A H3   1 
ATOM 13   H HA   . GLU A 1 1   ? 3.308   -15.334 11.083  1.00 0.00 ? 21  GLU A HA   1 
ATOM 14   H HB2  . GLU A 1 1   ? 0.940   -13.953 9.801   1.00 0.00 ? 21  GLU A HB2  1 
ATOM 15   H HB3  . GLU A 1 1   ? 2.630   -13.682 9.401   1.00 0.00 ? 21  GLU A HB3  1 
ATOM 16   H HG2  . GLU A 1 1   ? 1.123   -16.262 9.030   1.00 0.00 ? 21  GLU A HG2  1 
ATOM 17   H HG3  . GLU A 1 1   ? 1.528   -15.106 7.761   1.00 0.00 ? 21  GLU A HG3  1 
ATOM 18   N N    . THR A 1 2   ? 3.433   -12.966 12.089  1.00 0.00 ? 22  THR A N    1 
ATOM 19   C CA   . THR A 1 2   ? 3.582   -11.816 12.968  1.00 0.00 ? 22  THR A CA   1 
ATOM 20   C C    . THR A 1 2   ? 4.356   -10.708 12.260  1.00 0.00 ? 22  THR A C    1 
ATOM 21   O O    . THR A 1 2   ? 5.438   -10.938 11.726  1.00 0.00 ? 22  THR A O    1 
ATOM 22   C CB   . THR A 1 2   ? 4.289   -12.208 14.283  1.00 0.00 ? 22  THR A CB   1 
ATOM 23   O OG1  . THR A 1 2   ? 3.518   -13.214 14.961  1.00 0.00 ? 22  THR A OG1  1 
ATOM 24   C CG2  . THR A 1 2   ? 4.467   -11.005 15.195  1.00 0.00 ? 22  THR A CG2  1 
ATOM 25   H H    . THR A 1 2   ? 4.159   -13.178 11.458  1.00 0.00 ? 22  THR A H    1 
ATOM 26   H HA   . THR A 1 2   ? 2.593   -11.451 13.209  1.00 0.00 ? 22  THR A HA   1 
ATOM 27   H HB   . THR A 1 2   ? 5.263   -12.612 14.045  1.00 0.00 ? 22  THR A HB   1 
ATOM 28   H HG1  . THR A 1 2   ? 2.795   -13.502 14.384  1.00 0.00 ? 22  THR A HG1  1 
ATOM 29   H HG21 . THR A 1 2   ? 5.052   -10.254 14.687  1.00 0.00 ? 22  THR A HG21 1 
ATOM 30   H HG22 . THR A 1 2   ? 3.498   -10.600 15.446  1.00 0.00 ? 22  THR A HG22 1 
ATOM 31   H HG23 . THR A 1 2   ? 4.974   -11.310 16.097  1.00 0.00 ? 22  THR A HG23 1 
ATOM 32   N N    . GLY A 1 3   ? 3.787   -9.508  12.259  1.00 0.00 ? 23  GLY A N    1 
ATOM 33   C CA   . GLY A 1 3   ? 4.341   -8.417  11.479  1.00 0.00 ? 23  GLY A CA   1 
ATOM 34   C C    . GLY A 1 3   ? 3.401   -8.032  10.361  1.00 0.00 ? 23  GLY A C    1 
ATOM 35   O O    . GLY A 1 3   ? 3.141   -6.849  10.132  1.00 0.00 ? 23  GLY A O    1 
ATOM 36   H H    . GLY A 1 3   ? 2.978   -9.358  12.802  1.00 0.00 ? 23  GLY A H    1 
ATOM 37   H HA2  . GLY A 1 3   ? 4.495   -7.558  12.123  1.00 0.00 ? 23  GLY A HA2  1 
ATOM 38   H HA3  . GLY A 1 3   ? 5.287   -8.720  11.057  1.00 0.00 ? 23  GLY A HA3  1 
ATOM 39   N N    . ASP A 1 4   ? 2.923   -9.050  9.656   1.00 0.00 ? 24  ASP A N    1 
ATOM 40   C CA   . ASP A 1 4   ? 1.836   -8.922  8.698   1.00 0.00 ? 24  ASP A CA   1 
ATOM 41   C C    . ASP A 1 4   ? 2.279   -8.142  7.472   1.00 0.00 ? 24  ASP A C    1 
ATOM 42   O O    . ASP A 1 4   ? 2.787   -8.722  6.510   1.00 0.00 ? 24  ASP A O    1 
ATOM 43   C CB   . ASP A 1 4   ? 0.618   -8.275  9.364   1.00 0.00 ? 24  ASP A CB   1 
ATOM 44   C CG   . ASP A 1 4   ? -0.585  -8.192  8.444   1.00 0.00 ? 24  ASP A CG   1 
ATOM 45   O OD1  . ASP A 1 4   ? -0.758  -9.086  7.588   1.00 0.00 ? 24  ASP A OD1  1 
ATOM 46   O OD2  . ASP A 1 4   ? -1.382  -7.250  8.600   1.00 0.00 ? 24  ASP A OD2  1 
ATOM 47   H H    . ASP A 1 4   ? 3.345   -9.927  9.759   1.00 0.00 ? 24  ASP A H    1 
ATOM 48   H HA   . ASP A 1 4   ? 1.565   -9.920  8.386   1.00 0.00 ? 24  ASP A HA   1 
ATOM 49   H HB2  . ASP A 1 4   ? 0.344   -8.857  10.230  1.00 0.00 ? 24  ASP A HB2  1 
ATOM 50   H HB3  . ASP A 1 4   ? 0.881   -7.274  9.683   1.00 0.00 ? 24  ASP A HB3  1 
ATOM 51   N N    . ILE A 1 5   ? 2.109   -6.836  7.520   1.00 0.00 ? 25  ILE A N    1 
ATOM 52   C CA   . ILE A 1 5   ? 2.555   -5.968  6.447   1.00 0.00 ? 25  ILE A CA   1 
ATOM 53   C C    . ILE A 1 5   ? 4.072   -5.847  6.472   1.00 0.00 ? 25  ILE A C    1 
ATOM 54   O O    . ILE A 1 5   ? 4.741   -6.004  5.452   1.00 0.00 ? 25  ILE A O    1 
ATOM 55   C CB   . ILE A 1 5   ? 1.957   -4.543  6.554   1.00 0.00 ? 25  ILE A CB   1 
ATOM 56   C CG1  . ILE A 1 5   ? 0.441   -4.574  6.784   1.00 0.00 ? 25  ILE A CG1  1 
ATOM 57   C CG2  . ILE A 1 5   ? 2.279   -3.749  5.302   1.00 0.00 ? 25  ILE A CG2  1 
ATOM 58   C CD1  . ILE A 1 5   ? 0.038   -4.502  8.246   1.00 0.00 ? 25  ILE A CD1  1 
ATOM 59   H H    . ILE A 1 5   ? 1.661   -6.447  8.298   1.00 0.00 ? 25  ILE A H    1 
ATOM 60   H HA   . ILE A 1 5   ? 2.253   -6.404  5.503   1.00 0.00 ? 25  ILE A HA   1 
ATOM 61   H HB   . ILE A 1 5   ? 2.428   -4.048  7.390   1.00 0.00 ? 25  ILE A HB   1 
ATOM 62   H HG12 . ILE A 1 5   ? -0.009  -3.735  6.276   1.00 0.00 ? 25  ILE A HG12 1 
ATOM 63   H HG13 . ILE A 1 5   ? 0.041   -5.490  6.375   1.00 0.00 ? 25  ILE A HG13 1 
ATOM 64   H HG21 . ILE A 1 5   ? 3.350   -3.692  5.178   1.00 0.00 ? 25  ILE A HG21 1 
ATOM 65   H HG22 . ILE A 1 5   ? 1.843   -4.238  4.443   1.00 0.00 ? 25  ILE A HG22 1 
ATOM 66   H HG23 . ILE A 1 5   ? 1.873   -2.752  5.393   1.00 0.00 ? 25  ILE A HG23 1 
ATOM 67   H HD11 . ILE A 1 5   ? 0.510   -3.648  8.709   1.00 0.00 ? 25  ILE A HD11 1 
ATOM 68   H HD12 . ILE A 1 5   ? -1.036  -4.396  8.316   1.00 0.00 ? 25  ILE A HD12 1 
ATOM 69   H HD13 . ILE A 1 5   ? 0.346   -5.406  8.754   1.00 0.00 ? 25  ILE A HD13 1 
ATOM 70   N N    . VAL A 1 6   ? 4.610   -5.567  7.653   1.00 0.00 ? 26  VAL A N    1 
ATOM 71   C CA   . VAL A 1 6   ? 6.026   -5.268  7.791   1.00 0.00 ? 26  VAL A CA   1 
ATOM 72   C C    . VAL A 1 6   ? 6.896   -6.509  7.620   1.00 0.00 ? 26  VAL A C    1 
ATOM 73   O O    . VAL A 1 6   ? 7.997   -6.426  7.084   1.00 0.00 ? 26  VAL A O    1 
ATOM 74   C CB   . VAL A 1 6   ? 6.333   -4.593  9.140   1.00 0.00 ? 26  VAL A CB   1 
ATOM 75   C CG1  . VAL A 1 6   ? 5.420   -3.398  9.339   1.00 0.00 ? 26  VAL A CG1  1 
ATOM 76   C CG2  . VAL A 1 6   ? 6.197   -5.571  10.297  1.00 0.00 ? 26  VAL A CG2  1 
ATOM 77   H H    . VAL A 1 6   ? 4.041   -5.582  8.456   1.00 0.00 ? 26  VAL A H    1 
ATOM 78   H HA   . VAL A 1 6   ? 6.283   -4.568  7.008   1.00 0.00 ? 26  VAL A HA   1 
ATOM 79   H HB   . VAL A 1 6   ? 7.353   -4.234  9.118   1.00 0.00 ? 26  VAL A HB   1 
ATOM 80   H HG11 . VAL A 1 6   ? 4.392   -3.725  9.324   1.00 0.00 ? 26  VAL A HG11 1 
ATOM 81   H HG12 . VAL A 1 6   ? 5.635   -2.934  10.290  1.00 0.00 ? 26  VAL A HG12 1 
ATOM 82   H HG13 . VAL A 1 6   ? 5.582   -2.685  8.546   1.00 0.00 ? 26  VAL A HG13 1 
ATOM 83   H HG21 . VAL A 1 6   ? 6.884   -6.393  10.155  1.00 0.00 ? 26  VAL A HG21 1 
ATOM 84   H HG22 . VAL A 1 6   ? 6.425   -5.069  11.226  1.00 0.00 ? 26  VAL A HG22 1 
ATOM 85   H HG23 . VAL A 1 6   ? 5.186   -5.950  10.331  1.00 0.00 ? 26  VAL A HG23 1 
ATOM 86   N N    . GLU A 1 7   ? 6.381   -7.668  8.029   1.00 0.00 ? 27  GLU A N    1 
ATOM 87   C CA   . GLU A 1 7   ? 7.188   -8.885  8.071   1.00 0.00 ? 27  GLU A CA   1 
ATOM 88   C C    . GLU A 1 7   ? 7.583   -9.325  6.669   1.00 0.00 ? 27  GLU A C    1 
ATOM 89   O O    . GLU A 1 7   ? 8.435   -10.192 6.497   1.00 0.00 ? 27  GLU A O    1 
ATOM 90   C CB   . GLU A 1 7   ? 6.440   -10.019 8.766   1.00 0.00 ? 27  GLU A CB   1 
ATOM 91   C CG   . GLU A 1 7   ? 5.286   -10.568 7.953   1.00 0.00 ? 27  GLU A CG   1 
ATOM 92   C CD   . GLU A 1 7   ? 4.676   -11.795 8.583   1.00 0.00 ? 27  GLU A CD   1 
ATOM 93   O OE1  . GLU A 1 7   ? 5.297   -12.871 8.507   1.00 0.00 ? 27  GLU A OE1  1 
ATOM 94   O OE2  . GLU A 1 7   ? 3.569   -11.683 9.145   1.00 0.00 ? 27  GLU A OE2  1 
ATOM 95   H H    . GLU A 1 7   ? 5.438   -7.706  8.296   1.00 0.00 ? 27  GLU A H    1 
ATOM 96   H HA   . GLU A 1 7   ? 8.079   -8.661  8.631   1.00 0.00 ? 27  GLU A HA   1 
ATOM 97   H HB2  . GLU A 1 7   ? 7.132   -10.826 8.959   1.00 0.00 ? 27  GLU A HB2  1 
ATOM 98   H HB3  . GLU A 1 7   ? 6.050   -9.657  9.707   1.00 0.00 ? 27  GLU A HB3  1 
ATOM 99   H HG2  . GLU A 1 7   ? 4.523   -9.807  7.871   1.00 0.00 ? 27  GLU A HG2  1 
ATOM 100  H HG3  . GLU A 1 7   ? 5.647   -10.825 6.968   1.00 0.00 ? 27  GLU A HG3  1 
ATOM 101  N N    . THR A 1 8   ? 6.934   -8.727  5.682   1.00 0.00 ? 28  THR A N    1 
ATOM 102  C CA   . THR A 1 8   ? 7.214   -8.983  4.279   1.00 0.00 ? 28  THR A CA   1 
ATOM 103  C C    . THR A 1 8   ? 8.714   -8.918  3.960   1.00 0.00 ? 28  THR A C    1 
ATOM 104  O O    . THR A 1 8   ? 9.205   -9.739  3.200   1.00 0.00 ? 28  THR A O    1 
ATOM 105  C CB   . THR A 1 8   ? 6.439   -7.990  3.401   1.00 0.00 ? 28  THR A CB   1 
ATOM 106  O OG1  . THR A 1 8   ? 5.052   -8.030  3.762   1.00 0.00 ? 28  THR A OG1  1 
ATOM 107  C CG2  . THR A 1 8   ? 6.582   -8.325  1.928   1.00 0.00 ? 28  THR A CG2  1 
ATOM 108  H H    . THR A 1 8   ? 6.215   -8.100  5.912   1.00 0.00 ? 28  THR A H    1 
ATOM 109  H HA   . THR A 1 8   ? 6.856   -9.977  4.050   1.00 0.00 ? 28  THR A HA   1 
ATOM 110  H HB   . THR A 1 8   ? 6.825   -6.994  3.574   1.00 0.00 ? 28  THR A HB   1 
ATOM 111  H HG1  . THR A 1 8   ? 4.823   -7.223  4.248   1.00 0.00 ? 28  THR A HG1  1 
ATOM 112  H HG21 . THR A 1 8   ? 6.215   -9.325  1.749   1.00 0.00 ? 28  THR A HG21 1 
ATOM 113  H HG22 . THR A 1 8   ? 6.007   -7.621  1.345   1.00 0.00 ? 28  THR A HG22 1 
ATOM 114  H HG23 . THR A 1 8   ? 7.623   -8.266  1.645   1.00 0.00 ? 28  THR A HG23 1 
ATOM 115  N N    . ALA A 1 9   ? 9.433   -7.948  4.540   1.00 0.00 ? 29  ALA A N    1 
ATOM 116  C CA   . ALA A 1 9   ? 10.894  -7.885  4.422   1.00 0.00 ? 29  ALA A CA   1 
ATOM 117  C C    . ALA A 1 9   ? 11.573  -9.246  4.629   1.00 0.00 ? 29  ALA A C    1 
ATOM 118  O O    . ALA A 1 9   ? 12.588  -9.537  4.000   1.00 0.00 ? 29  ALA A O    1 
ATOM 119  C CB   . ALA A 1 9   ? 11.452  -6.886  5.418   1.00 0.00 ? 29  ALA A CB   1 
ATOM 120  H H    . ALA A 1 9   ? 8.974   -7.224  5.015   1.00 0.00 ? 29  ALA A H    1 
ATOM 121  H HA   . ALA A 1 9   ? 11.124  -7.527  3.430   1.00 0.00 ? 29  ALA A HA   1 
ATOM 122  H HB1  . ALA A 1 9   ? 10.948  -5.938  5.297   1.00 0.00 ? 29  ALA A HB1  1 
ATOM 123  H HB2  . ALA A 1 9   ? 11.297  -7.251  6.422   1.00 0.00 ? 29  ALA A HB2  1 
ATOM 124  H HB3  . ALA A 1 9   ? 12.510  -6.756  5.241   1.00 0.00 ? 29  ALA A HB3  1 
ATOM 125  N N    . THR A 1 10  ? 11.018  -10.071 5.514   1.00 0.00 ? 30  THR A N    1 
ATOM 126  C CA   . THR A 1 10  ? 11.588  -11.380 5.808   1.00 0.00 ? 30  THR A CA   1 
ATOM 127  C C    . THR A 1 10  ? 11.507  -12.298 4.587   1.00 0.00 ? 30  THR A C    1 
ATOM 128  O O    . THR A 1 10  ? 12.450  -13.026 4.276   1.00 0.00 ? 30  THR A O    1 
ATOM 129  C CB   . THR A 1 10  ? 10.853  -12.039 6.989   1.00 0.00 ? 30  THR A CB   1 
ATOM 130  O OG1  . THR A 1 10  ? 10.638  -11.073 8.030   1.00 0.00 ? 30  THR A OG1  1 
ATOM 131  C CG2  . THR A 1 10  ? 11.648  -13.212 7.544   1.00 0.00 ? 30  THR A CG2  1 
ATOM 132  H H    . THR A 1 10  ? 10.198  -9.794  5.978   1.00 0.00 ? 30  THR A H    1 
ATOM 133  H HA   . THR A 1 10  ? 12.622  -11.245 6.081   1.00 0.00 ? 30  THR A HA   1 
ATOM 134  H HB   . THR A 1 10  ? 9.897   -12.403 6.642   1.00 0.00 ? 30  THR A HB   1 
ATOM 135  H HG1  . THR A 1 10  ? 9.694   -10.892 8.099   1.00 0.00 ? 30  THR A HG1  1 
ATOM 136  H HG21 . THR A 1 10  ? 12.622  -12.868 7.859   1.00 0.00 ? 30  THR A HG21 1 
ATOM 137  H HG22 . THR A 1 10  ? 11.125  -13.634 8.389   1.00 0.00 ? 30  THR A HG22 1 
ATOM 138  H HG23 . THR A 1 10  ? 11.762  -13.963 6.777   1.00 0.00 ? 30  THR A HG23 1 
ATOM 139  N N    . GLY A 1 11  ? 10.381  -12.243 3.891   1.00 0.00 ? 31  GLY A N    1 
ATOM 140  C CA   . GLY A 1 11  ? 10.192  -13.075 2.721   1.00 0.00 ? 31  GLY A CA   1 
ATOM 141  C C    . GLY A 1 11  ? 10.318  -12.276 1.442   1.00 0.00 ? 31  GLY A C    1 
ATOM 142  O O    . GLY A 1 11  ? 11.348  -12.342 0.767   1.00 0.00 ? 31  GLY A O    1 
ATOM 143  H H    . GLY A 1 11  ? 9.681   -11.611 4.157   1.00 0.00 ? 31  GLY A H    1 
ATOM 144  H HA2  . GLY A 1 11  ? 10.936  -13.858 2.724   1.00 0.00 ? 31  GLY A HA2  1 
ATOM 145  H HA3  . GLY A 1 11  ? 9.210   -13.522 2.762   1.00 0.00 ? 31  GLY A HA3  1 
ATOM 146  N N    . ALA A 1 12  ? 9.272   -11.509 1.128   1.00 0.00 ? 32  ALA A N    1 
ATOM 147  C CA   . ALA A 1 12  ? 9.245   -10.635 -0.037  1.00 0.00 ? 32  ALA A CA   1 
ATOM 148  C C    . ALA A 1 12  ? 9.561   -11.391 -1.320  1.00 0.00 ? 32  ALA A C    1 
ATOM 149  O O    . ALA A 1 12  ? 10.681  -11.342 -1.830  1.00 0.00 ? 32  ALA A O    1 
ATOM 150  C CB   . ALA A 1 12  ? 10.188  -9.452  0.147   1.00 0.00 ? 32  ALA A CB   1 
ATOM 151  H H    . ALA A 1 12  ? 8.485   -11.525 1.712   1.00 0.00 ? 32  ALA A H    1 
ATOM 152  H HA   . ALA A 1 12  ? 8.243   -10.240 -0.121  1.00 0.00 ? 32  ALA A HA   1 
ATOM 153  H HB1  . ALA A 1 12  ? 10.075  -8.767  -0.680  1.00 0.00 ? 32  ALA A HB1  1 
ATOM 154  H HB2  . ALA A 1 12  ? 11.207  -9.806  0.186   1.00 0.00 ? 32  ALA A HB2  1 
ATOM 155  H HB3  . ALA A 1 12  ? 9.949   -8.943  1.071   1.00 0.00 ? 32  ALA A HB3  1 
ATOM 156  N N    . GLY A 1 13  ? 8.576   -12.122 -1.812  1.00 0.00 ? 33  GLY A N    1 
ATOM 157  C CA   . GLY A 1 13  ? 8.697   -12.754 -3.104  1.00 0.00 ? 33  GLY A CA   1 
ATOM 158  C C    . GLY A 1 13  ? 7.901   -11.992 -4.135  1.00 0.00 ? 33  GLY A C    1 
ATOM 159  O O    . GLY A 1 13  ? 8.379   -11.714 -5.237  1.00 0.00 ? 33  GLY A O    1 
ATOM 160  H H    . GLY A 1 13  ? 7.749   -12.232 -1.290  1.00 0.00 ? 33  GLY A H    1 
ATOM 161  H HA2  . GLY A 1 13  ? 9.739   -12.773 -3.394  1.00 0.00 ? 33  GLY A HA2  1 
ATOM 162  H HA3  . GLY A 1 13  ? 8.325   -13.766 -3.044  1.00 0.00 ? 33  GLY A HA3  1 
ATOM 163  N N    . SER A 1 14  ? 6.686   -11.624 -3.753  1.00 0.00 ? 34  SER A N    1 
ATOM 164  C CA   . SER A 1 14  ? 5.822   -10.831 -4.607  1.00 0.00 ? 34  SER A CA   1 
ATOM 165  C C    . SER A 1 14  ? 6.055   -9.343  -4.363  1.00 0.00 ? 34  SER A C    1 
ATOM 166  O O    . SER A 1 14  ? 6.106   -8.547  -5.301  1.00 0.00 ? 34  SER A O    1 
ATOM 167  C CB   . SER A 1 14  ? 4.360   -11.199 -4.346  1.00 0.00 ? 34  SER A CB   1 
ATOM 168  O OG   . SER A 1 14  ? 4.089   -11.235 -2.952  1.00 0.00 ? 34  SER A OG   1 
ATOM 169  H H    . SER A 1 14  ? 6.358   -11.903 -2.866  1.00 0.00 ? 34  SER A H    1 
ATOM 170  H HA   . SER A 1 14  ? 6.066   -11.057 -5.634  1.00 0.00 ? 34  SER A HA   1 
ATOM 171  H HB2  . SER A 1 14  ? 3.716   -10.463 -4.808  1.00 0.00 ? 34  SER A HB2  1 
ATOM 172  H HB3  . SER A 1 14  ? 4.155   -12.172 -4.766  1.00 0.00 ? 34  SER A HB3  1 
ATOM 173  H HG   . SER A 1 14  ? 3.158   -11.478 -2.810  1.00 0.00 ? 34  SER A HG   1 
ATOM 174  N N    . PHE A 1 15  ? 6.231   -8.972  -3.102  1.00 0.00 ? 35  PHE A N    1 
ATOM 175  C CA   . PHE A 1 15  ? 6.409   -7.575  -2.740  1.00 0.00 ? 35  PHE A CA   1 
ATOM 176  C C    . PHE A 1 15  ? 7.862   -7.282  -2.444  1.00 0.00 ? 35  PHE A C    1 
ATOM 177  O O    . PHE A 1 15  ? 8.187   -6.426  -1.619  1.00 0.00 ? 35  PHE A O    1 
ATOM 178  C CB   . PHE A 1 15  ? 5.548   -7.227  -1.526  1.00 0.00 ? 35  PHE A CB   1 
ATOM 179  C CG   . PHE A 1 15  ? 4.091   -7.525  -1.714  1.00 0.00 ? 35  PHE A CG   1 
ATOM 180  C CD1  . PHE A 1 15  ? 3.325   -6.771  -2.581  1.00 0.00 ? 35  PHE A CD1  1 
ATOM 181  C CD2  . PHE A 1 15  ? 3.490   -8.561  -1.019  1.00 0.00 ? 35  PHE A CD2  1 
ATOM 182  C CE1  . PHE A 1 15  ? 1.980   -7.042  -2.755  1.00 0.00 ? 35  PHE A CE1  1 
ATOM 183  C CE2  . PHE A 1 15  ? 2.147   -8.838  -1.187  1.00 0.00 ? 35  PHE A CE2  1 
ATOM 184  C CZ   . PHE A 1 15  ? 1.391   -8.078  -2.056  1.00 0.00 ? 35  PHE A CZ   1 
ATOM 185  H H    . PHE A 1 15  ? 6.237   -9.659  -2.393  1.00 0.00 ? 35  PHE A H    1 
ATOM 186  H HA   . PHE A 1 15  ? 6.108   -6.979  -3.578  1.00 0.00 ? 35  PHE A HA   1 
ATOM 187  H HB2  . PHE A 1 15  ? 5.895   -7.792  -0.673  1.00 0.00 ? 35  PHE A HB2  1 
ATOM 188  H HB3  . PHE A 1 15  ? 5.649   -6.171  -1.310  1.00 0.00 ? 35  PHE A HB3  1 
ATOM 189  H HD1  . PHE A 1 15  ? 3.788   -5.960  -3.128  1.00 0.00 ? 35  PHE A HD1  1 
ATOM 190  H HD2  . PHE A 1 15  ? 4.082   -9.154  -0.337  1.00 0.00 ? 35  PHE A HD2  1 
ATOM 191  H HE1  . PHE A 1 15  ? 1.391   -6.446  -3.436  1.00 0.00 ? 35  PHE A HE1  1 
ATOM 192  H HE2  . PHE A 1 15  ? 1.690   -9.648  -0.640  1.00 0.00 ? 35  PHE A HE2  1 
ATOM 193  H HZ   . PHE A 1 15  ? 0.343   -8.293  -2.190  1.00 0.00 ? 35  PHE A HZ   1 
ATOM 194  N N    . THR A 1 16  ? 8.729   -7.960  -3.160  1.00 0.00 ? 36  THR A N    1 
ATOM 195  C CA   . THR A 1 16  ? 10.150  -7.870  -2.918  1.00 0.00 ? 36  THR A CA   1 
ATOM 196  C C    . THR A 1 16  ? 10.702  -6.491  -3.273  1.00 0.00 ? 36  THR A C    1 
ATOM 197  O O    . THR A 1 16  ? 11.645  -6.013  -2.657  1.00 0.00 ? 36  THR A O    1 
ATOM 198  C CB   . THR A 1 16  ? 10.893  -8.964  -3.706  1.00 0.00 ? 36  THR A CB   1 
ATOM 199  O OG1  . THR A 1 16  ? 12.278  -9.004  -3.335  1.00 0.00 ? 36  THR A OG1  1 
ATOM 200  C CG2  . THR A 1 16  ? 10.771  -8.748  -5.209  1.00 0.00 ? 36  THR A CG2  1 
ATOM 201  H H    . THR A 1 16  ? 8.402   -8.546  -3.875  1.00 0.00 ? 36  THR A H    1 
ATOM 202  H HA   . THR A 1 16  ? 10.309  -8.045  -1.862  1.00 0.00 ? 36  THR A HA   1 
ATOM 203  H HB   . THR A 1 16  ? 10.431  -9.909  -3.464  1.00 0.00 ? 36  THR A HB   1 
ATOM 204  H HG1  . THR A 1 16  ? 12.811  -8.558  -4.016  1.00 0.00 ? 36  THR A HG1  1 
ATOM 205  H HG21 . THR A 1 16  ? 11.174  -7.780  -5.467  1.00 0.00 ? 36  THR A HG21 1 
ATOM 206  H HG22 . THR A 1 16  ? 11.321  -9.517  -5.731  1.00 0.00 ? 36  THR A HG22 1 
ATOM 207  H HG23 . THR A 1 16  ? 9.731   -8.793  -5.496  1.00 0.00 ? 36  THR A HG23 1 
ATOM 208  N N    . THR A 1 17  ? 10.116  -5.855  -4.267  1.00 0.00 ? 37  THR A N    1 
ATOM 209  C CA   . THR A 1 17  ? 10.581  -4.550  -4.697  1.00 0.00 ? 37  THR A CA   1 
ATOM 210  C C    . THR A 1 17  ? 9.871   -3.415  -3.948  1.00 0.00 ? 37  THR A C    1 
ATOM 211  O O    . THR A 1 17  ? 10.148  -2.241  -4.193  1.00 0.00 ? 37  THR A O    1 
ATOM 212  C CB   . THR A 1 17  ? 10.418  -4.391  -6.228  1.00 0.00 ? 37  THR A CB   1 
ATOM 213  O OG1  . THR A 1 17  ? 10.797  -3.075  -6.654  1.00 0.00 ? 37  THR A OG1  1 
ATOM 214  C CG2  . THR A 1 17  ? 8.989   -4.688  -6.656  1.00 0.00 ? 37  THR A CG2  1 
ATOM 215  H H    . THR A 1 17  ? 9.360   -6.272  -4.728  1.00 0.00 ? 37  THR A H    1 
ATOM 216  H HA   . THR A 1 17  ? 11.635  -4.495  -4.468  1.00 0.00 ? 37  THR A HA   1 
ATOM 217  H HB   . THR A 1 17  ? 11.069  -5.107  -6.710  1.00 0.00 ? 37  THR A HB   1 
ATOM 218  H HG1  . THR A 1 17  ? 10.764  -2.467  -5.902  1.00 0.00 ? 37  THR A HG1  1 
ATOM 219  H HG21 . THR A 1 17  ? 8.724   -5.692  -6.357  1.00 0.00 ? 37  THR A HG21 1 
ATOM 220  H HG22 . THR A 1 17  ? 8.318   -3.984  -6.185  1.00 0.00 ? 37  THR A HG22 1 
ATOM 221  H HG23 . THR A 1 17  ? 8.907   -4.599  -7.729  1.00 0.00 ? 37  THR A HG23 1 
ATOM 222  N N    . LEU A 1 18  ? 8.972   -3.750  -3.023  1.00 0.00 ? 38  LEU A N    1 
ATOM 223  C CA   . LEU A 1 18  ? 8.196   -2.711  -2.349  1.00 0.00 ? 38  LEU A CA   1 
ATOM 224  C C    . LEU A 1 18  ? 8.035   -2.983  -0.851  1.00 0.00 ? 38  LEU A C    1 
ATOM 225  O O    . LEU A 1 18  ? 8.574   -2.259  -0.021  1.00 0.00 ? 38  LEU A O    1 
ATOM 226  C CB   . LEU A 1 18  ? 6.817   -2.567  -3.019  1.00 0.00 ? 38  LEU A CB   1 
ATOM 227  C CG   . LEU A 1 18  ? 6.094   -1.225  -2.804  1.00 0.00 ? 38  LEU A CG   1 
ATOM 228  C CD1  . LEU A 1 18  ? 5.546   -1.097  -1.390  1.00 0.00 ? 38  LEU A CD1  1 
ATOM 229  C CD2  . LEU A 1 18  ? 7.029   -0.064  -3.113  1.00 0.00 ? 38  LEU A CD2  1 
ATOM 230  H H    . LEU A 1 18  ? 8.834   -4.692  -2.791  1.00 0.00 ? 38  LEU A H    1 
ATOM 231  H HA   . LEU A 1 18  ? 8.731   -1.782  -2.468  1.00 0.00 ? 38  LEU A HA   1 
ATOM 232  H HB2  . LEU A 1 18  ? 6.945   -2.712  -4.081  1.00 0.00 ? 38  LEU A HB2  1 
ATOM 233  H HB3  . LEU A 1 18  ? 6.178   -3.355  -2.645  1.00 0.00 ? 38  LEU A HB3  1 
ATOM 234  H HG   . LEU A 1 18  ? 5.257   -1.166  -3.486  1.00 0.00 ? 38  LEU A HG   1 
ATOM 235  H HD11 . LEU A 1 18  ? 4.847   -1.896  -1.202  1.00 0.00 ? 38  LEU A HD11 1 
ATOM 236  H HD12 . LEU A 1 18  ? 6.360   -1.154  -0.682  1.00 0.00 ? 38  LEU A HD12 1 
ATOM 237  H HD13 . LEU A 1 18  ? 5.043   -0.146  -1.284  1.00 0.00 ? 38  LEU A HD13 1 
ATOM 238  H HD21 . LEU A 1 18  ? 7.908   -0.135  -2.490  1.00 0.00 ? 38  LEU A HD21 1 
ATOM 239  H HD22 . LEU A 1 18  ? 7.320   -0.104  -4.152  1.00 0.00 ? 38  LEU A HD22 1 
ATOM 240  H HD23 . LEU A 1 18  ? 6.521   0.869   -2.917  1.00 0.00 ? 38  LEU A HD23 1 
ATOM 241  N N    . LEU A 1 19  ? 7.312   -4.040  -0.508  1.00 0.00 ? 39  LEU A N    1 
ATOM 242  C CA   . LEU A 1 19  ? 6.849   -4.234  0.860   1.00 0.00 ? 39  LEU A CA   1 
ATOM 243  C C    . LEU A 1 19  ? 7.955   -4.777  1.761   1.00 0.00 ? 39  LEU A C    1 
ATOM 244  O O    . LEU A 1 19  ? 7.815   -4.798  2.982   1.00 0.00 ? 39  LEU A O    1 
ATOM 245  C CB   . LEU A 1 19  ? 5.637   -5.159  0.872   1.00 0.00 ? 39  LEU A CB   1 
ATOM 246  C CG   . LEU A 1 19  ? 4.686   -4.982  2.057   1.00 0.00 ? 39  LEU A CG   1 
ATOM 247  C CD1  . LEU A 1 19  ? 4.190   -3.545  2.132   1.00 0.00 ? 39  LEU A CD1  1 
ATOM 248  C CD2  . LEU A 1 19  ? 3.508   -5.938  1.941   1.00 0.00 ? 39  LEU A CD2  1 
ATOM 249  H H    . LEU A 1 19  ? 7.097   -4.715  -1.180  1.00 0.00 ? 39  LEU A H    1 
ATOM 250  H HA   . LEU A 1 19  ? 6.547   -3.267  1.237   1.00 0.00 ? 39  LEU A HA   1 
ATOM 251  H HB2  . LEU A 1 19  ? 5.080   -4.997  -0.040  1.00 0.00 ? 39  LEU A HB2  1 
ATOM 252  H HB3  . LEU A 1 19  ? 5.996   -6.180  0.874   1.00 0.00 ? 39  LEU A HB3  1 
ATOM 253  H HG   . LEU A 1 19  ? 5.213   -5.205  2.973   1.00 0.00 ? 39  LEU A HG   1 
ATOM 254  H HD11 . LEU A 1 19  ? 3.681   -3.289  1.212   1.00 0.00 ? 39  LEU A HD11 1 
ATOM 255  H HD12 . LEU A 1 19  ? 3.506   -3.442  2.961   1.00 0.00 ? 39  LEU A HD12 1 
ATOM 256  H HD13 . LEU A 1 19  ? 5.029   -2.880  2.273   1.00 0.00 ? 39  LEU A HD13 1 
ATOM 257  H HD21 . LEU A 1 19  ? 3.872   -6.956  1.904   1.00 0.00 ? 39  LEU A HD21 1 
ATOM 258  H HD22 . LEU A 1 19  ? 2.862   -5.818  2.798   1.00 0.00 ? 39  LEU A HD22 1 
ATOM 259  H HD23 . LEU A 1 19  ? 2.955   -5.722  1.040   1.00 0.00 ? 39  LEU A HD23 1 
ATOM 260  N N    . THR A 1 20  ? 9.049   -5.228  1.165   1.00 0.00 ? 40  THR A N    1 
ATOM 261  C CA   . THR A 1 20  ? 10.240  -5.553  1.934   1.00 0.00 ? 40  THR A CA   1 
ATOM 262  C C    . THR A 1 20  ? 10.725  -4.302  2.667   1.00 0.00 ? 40  THR A C    1 
ATOM 263  O O    . THR A 1 20  ? 11.307  -4.371  3.749   1.00 0.00 ? 40  THR A O    1 
ATOM 264  C CB   . THR A 1 20  ? 11.373  -6.110  1.038   1.00 0.00 ? 40  THR A CB   1 
ATOM 265  O OG1  . THR A 1 20  ? 12.433  -6.622  1.852   1.00 0.00 ? 40  THR A OG1  1 
ATOM 266  C CG2  . THR A 1 20  ? 11.925  -5.035  0.110   1.00 0.00 ? 40  THR A CG2  1 
ATOM 267  H H    . THR A 1 20  ? 9.047   -5.371  0.203   1.00 0.00 ? 40  THR A H    1 
ATOM 268  H HA   . THR A 1 20  ? 9.970   -6.305  2.659   1.00 0.00 ? 40  THR A HA   1 
ATOM 269  H HB   . THR A 1 20  ? 10.972  -6.913  0.436   1.00 0.00 ? 40  THR A HB   1 
ATOM 270  H HG1  . THR A 1 20  ? 13.272  -6.225  1.579   1.00 0.00 ? 40  THR A HG1  1 
ATOM 271  H HG21 . THR A 1 20  ? 12.314  -4.217  0.699   1.00 0.00 ? 40  THR A HG21 1 
ATOM 272  H HG22 . THR A 1 20  ? 12.717  -5.453  -0.495  1.00 0.00 ? 40  THR A HG22 1 
ATOM 273  H HG23 . THR A 1 20  ? 11.133  -4.672  -0.532  1.00 0.00 ? 40  THR A HG23 1 
ATOM 274  N N    . ALA A 1 21  ? 10.431  -3.151  2.083   1.00 0.00 ? 41  ALA A N    1 
ATOM 275  C CA   . ALA A 1 21  ? 10.817  -1.882  2.664   1.00 0.00 ? 41  ALA A CA   1 
ATOM 276  C C    . ALA A 1 21  ? 9.836   -1.464  3.752   1.00 0.00 ? 41  ALA A C    1 
ATOM 277  O O    . ALA A 1 21  ? 10.061  -0.489  4.442   1.00 0.00 ? 41  ALA A O    1 
ATOM 278  C CB   . ALA A 1 21  ? 10.910  -0.813  1.587   1.00 0.00 ? 41  ALA A CB   1 
ATOM 279  H H    . ALA A 1 21  ? 9.940   -3.160  1.234   1.00 0.00 ? 41  ALA A H    1 
ATOM 280  H HA   . ALA A 1 21  ? 11.797  -2.003  3.103   1.00 0.00 ? 41  ALA A HA   1 
ATOM 281  H HB1  . ALA A 1 21  ? 9.939   -0.671  1.139   1.00 0.00 ? 41  ALA A HB1  1 
ATOM 282  H HB2  . ALA A 1 21  ? 11.616  -1.125  0.829   1.00 0.00 ? 41  ALA A HB2  1 
ATOM 283  H HB3  . ALA A 1 21  ? 11.243  0.114   2.029   1.00 0.00 ? 41  ALA A HB3  1 
ATOM 284  N N    . ALA A 1 22  ? 8.749   -2.203  3.915   1.00 0.00 ? 42  ALA A N    1 
ATOM 285  C CA   . ALA A 1 22  ? 7.783   -1.887  4.960   1.00 0.00 ? 42  ALA A CA   1 
ATOM 286  C C    . ALA A 1 22  ? 8.448   -1.990  6.328   1.00 0.00 ? 42  ALA A C    1 
ATOM 287  O O    . ALA A 1 22  ? 8.425   -1.060  7.119   1.00 0.00 ? 42  ALA A O    1 
ATOM 288  C CB   . ALA A 1 22  ? 6.573   -2.806  4.869   1.00 0.00 ? 42  ALA A CB   1 
ATOM 289  H H    . ALA A 1 22  ? 8.597   -2.976  3.332   1.00 0.00 ? 42  ALA A H    1 
ATOM 290  H HA   . ALA A 1 22  ? 7.454   -0.867  4.810   1.00 0.00 ? 42  ALA A HA   1 
ATOM 291  H HB1  . ALA A 1 22  ? 6.171   -2.777  3.862   1.00 0.00 ? 42  ALA A HB1  1 
ATOM 292  H HB2  . ALA A 1 22  ? 5.817   -2.480  5.570   1.00 0.00 ? 42  ALA A HB2  1 
ATOM 293  H HB3  . ALA A 1 22  ? 6.870   -3.818  5.101   1.00 0.00 ? 42  ALA A HB3  1 
ATOM 294  N N    . GLU A 1 23  ? 9.070   -3.121  6.584   1.00 0.00 ? 43  GLU A N    1 
ATOM 295  C CA   . GLU A 1 23  ? 9.876   -3.288  7.784   1.00 0.00 ? 43  GLU A CA   1 
ATOM 296  C C    . GLU A 1 23  ? 11.132  -2.438  7.676   1.00 0.00 ? 43  GLU A C    1 
ATOM 297  O O    . GLU A 1 23  ? 11.442  -1.640  8.560   1.00 0.00 ? 43  GLU A O    1 
ATOM 298  C CB   . GLU A 1 23  ? 10.237  -4.771  7.942   1.00 0.00 ? 43  GLU A CB   1 
ATOM 299  C CG   . GLU A 1 23  ? 11.527  -5.060  8.703   1.00 0.00 ? 43  GLU A CG   1 
ATOM 300  C CD   . GLU A 1 23  ? 11.452  -4.733  10.177  1.00 0.00 ? 43  GLU A CD   1 
ATOM 301  O OE1  . GLU A 1 23  ? 10.686  -5.398  10.896  1.00 0.00 ? 43  GLU A OE1  1 
ATOM 302  O OE2  . GLU A 1 23  ? 12.183  -3.823  10.625  1.00 0.00 ? 43  GLU A OE2  1 
ATOM 303  H H    . GLU A 1 23  ? 8.995   -3.862  5.948   1.00 0.00 ? 43  GLU A H    1 
ATOM 304  H HA   . GLU A 1 23  ? 9.296   -2.962  8.639   1.00 0.00 ? 43  GLU A HA   1 
ATOM 305  H HB2  . GLU A 1 23  ? 9.432   -5.266  8.461   1.00 0.00 ? 43  GLU A HB2  1 
ATOM 306  H HB3  . GLU A 1 23  ? 10.329  -5.205  6.956   1.00 0.00 ? 43  GLU A HB3  1 
ATOM 307  H HG2  . GLU A 1 23  ? 11.757  -6.108  8.601   1.00 0.00 ? 43  GLU A HG2  1 
ATOM 308  H HG3  . GLU A 1 23  ? 12.322  -4.476  8.262   1.00 0.00 ? 43  GLU A HG3  1 
ATOM 309  N N    . ALA A 1 24  ? 11.804  -2.571  6.544   1.00 0.00 ? 44  ALA A N    1 
ATOM 310  C CA   . ALA A 1 24  ? 13.161  -2.083  6.395   1.00 0.00 ? 44  ALA A CA   1 
ATOM 311  C C    . ALA A 1 24  ? 13.277  -0.565  6.209   1.00 0.00 ? 44  ALA A C    1 
ATOM 312  O O    . ALA A 1 24  ? 14.380  -0.024  6.244   1.00 0.00 ? 44  ALA A O    1 
ATOM 313  C CB   . ALA A 1 24  ? 13.829  -2.831  5.252   1.00 0.00 ? 44  ALA A CB   1 
ATOM 314  H H    . ALA A 1 24  ? 11.377  -3.033  5.789   1.00 0.00 ? 44  ALA A H    1 
ATOM 315  H HA   . ALA A 1 24  ? 13.679  -2.337  7.301   1.00 0.00 ? 44  ALA A HA   1 
ATOM 316  H HB1  . ALA A 1 24  ? 13.558  -3.881  5.304   1.00 0.00 ? 44  ALA A HB1  1 
ATOM 317  H HB2  . ALA A 1 24  ? 14.901  -2.731  5.331   1.00 0.00 ? 44  ALA A HB2  1 
ATOM 318  H HB3  . ALA A 1 24  ? 13.495  -2.423  4.310   1.00 0.00 ? 44  ALA A HB3  1 
ATOM 319  N N    . ALA A 1 25  ? 12.164  0.125   6.016   1.00 0.00 ? 45  ALA A N    1 
ATOM 320  C CA   . ALA A 1 25  ? 12.190  1.583   5.922   1.00 0.00 ? 45  ALA A CA   1 
ATOM 321  C C    . ALA A 1 25  ? 11.852  2.208   7.267   1.00 0.00 ? 45  ALA A C    1 
ATOM 322  O O    . ALA A 1 25  ? 11.760  3.433   7.395   1.00 0.00 ? 45  ALA A O    1 
ATOM 323  C CB   . ALA A 1 25  ? 11.222  2.074   4.858   1.00 0.00 ? 45  ALA A CB   1 
ATOM 324  H H    . ALA A 1 25  ? 11.309  -0.350  5.917   1.00 0.00 ? 45  ALA A H    1 
ATOM 325  H HA   . ALA A 1 25  ? 13.188  1.883   5.637   1.00 0.00 ? 45  ALA A HA   1 
ATOM 326  H HB1  . ALA A 1 25  ? 10.231  1.686   5.069   1.00 0.00 ? 45  ALA A HB1  1 
ATOM 327  H HB2  . ALA A 1 25  ? 11.195  3.153   4.867   1.00 0.00 ? 45  ALA A HB2  1 
ATOM 328  H HB3  . ALA A 1 25  ? 11.544  1.727   3.887   1.00 0.00 ? 45  ALA A HB3  1 
ATOM 329  N N    . GLY A 1 26  ? 11.669  1.358   8.270   1.00 0.00 ? 46  GLY A N    1 
ATOM 330  C CA   . GLY A 1 26  ? 11.305  1.832   9.588   1.00 0.00 ? 46  GLY A CA   1 
ATOM 331  C C    . GLY A 1 26  ? 9.808   1.991   9.739   1.00 0.00 ? 46  GLY A C    1 
ATOM 332  O O    . GLY A 1 26  ? 9.337   2.728   10.604  1.00 0.00 ? 46  GLY A O    1 
ATOM 333  H H    . GLY A 1 26  ? 11.793  0.396   8.115   1.00 0.00 ? 46  GLY A H    1 
ATOM 334  H HA2  . GLY A 1 26  ? 11.660  1.128   10.325  1.00 0.00 ? 46  GLY A HA2  1 
ATOM 335  H HA3  . GLY A 1 26  ? 11.778  2.786   9.759   1.00 0.00 ? 46  GLY A HA3  1 
ATOM 336  N N    . LEU A 1 27  ? 9.053   1.293   8.898   1.00 0.00 ? 47  LEU A N    1 
ATOM 337  C CA   . LEU A 1 27  ? 7.588   1.367   8.958   1.00 0.00 ? 47  LEU A CA   1 
ATOM 338  C C    . LEU A 1 27  ? 7.048   0.224   9.805   1.00 0.00 ? 47  LEU A C    1 
ATOM 339  O O    . LEU A 1 27  ? 5.849   0.141   10.076  1.00 0.00 ? 47  LEU A O    1 
ATOM 340  C CB   . LEU A 1 27  ? 6.951   1.318   7.560   1.00 0.00 ? 47  LEU A CB   1 
ATOM 341  C CG   . LEU A 1 27  ? 6.969   2.617   6.745   1.00 0.00 ? 47  LEU A CG   1 
ATOM 342  C CD1  . LEU A 1 27  ? 8.387   3.106   6.506   1.00 0.00 ? 47  LEU A CD1  1 
ATOM 343  C CD2  . LEU A 1 27  ? 6.258   2.402   5.418   1.00 0.00 ? 47  LEU A CD2  1 
ATOM 344  H H    . LEU A 1 27  ? 9.489   0.704   8.230   1.00 0.00 ? 47  LEU A H    1 
ATOM 345  H HA   . LEU A 1 27  ? 7.326   2.303   9.431   1.00 0.00 ? 47  LEU A HA   1 
ATOM 346  H HB2  . LEU A 1 27  ? 7.464   0.560   6.986   1.00 0.00 ? 47  LEU A HB2  1 
ATOM 347  H HB3  . LEU A 1 27  ? 5.922   1.012   7.677   1.00 0.00 ? 47  LEU A HB3  1 
ATOM 348  H HG   . LEU A 1 27  ? 6.439   3.385   7.287   1.00 0.00 ? 47  LEU A HG   1 
ATOM 349  H HD11 . LEU A 1 27  ? 8.948   2.340   5.990   1.00 0.00 ? 47  LEU A HD11 1 
ATOM 350  H HD12 . LEU A 1 27  ? 8.363   4.001   5.904   1.00 0.00 ? 47  LEU A HD12 1 
ATOM 351  H HD13 . LEU A 1 27  ? 8.859   3.321   7.452   1.00 0.00 ? 47  LEU A HD13 1 
ATOM 352  H HD21 . LEU A 1 27  ? 5.245   2.074   5.601   1.00 0.00 ? 47  LEU A HD21 1 
ATOM 353  H HD22 . LEU A 1 27  ? 6.242   3.329   4.863   1.00 0.00 ? 47  LEU A HD22 1 
ATOM 354  H HD23 . LEU A 1 27  ? 6.782   1.648   4.849   1.00 0.00 ? 47  LEU A HD23 1 
ATOM 355  N N    . VAL A 1 28  ? 7.948   -0.660  10.207  1.00 0.00 ? 48  VAL A N    1 
ATOM 356  C CA   . VAL A 1 28  ? 7.607   -1.792  11.060  1.00 0.00 ? 48  VAL A CA   1 
ATOM 357  C C    . VAL A 1 28  ? 6.912   -1.357  12.342  1.00 0.00 ? 48  VAL A C    1 
ATOM 358  O O    . VAL A 1 28  ? 5.837   -1.861  12.679  1.00 0.00 ? 48  VAL A O    1 
ATOM 359  C CB   . VAL A 1 28  ? 8.855   -2.625  11.399  1.00 0.00 ? 48  VAL A CB   1 
ATOM 360  C CG1  . VAL A 1 28  ? 9.992   -1.751  11.915  1.00 0.00 ? 48  VAL A CG1  1 
ATOM 361  C CG2  . VAL A 1 28  ? 8.524   -3.726  12.400  1.00 0.00 ? 48  VAL A CG2  1 
ATOM 362  H H    . VAL A 1 28  ? 8.872   -0.560  9.896   1.00 0.00 ? 48  VAL A H    1 
ATOM 363  H HA   . VAL A 1 28  ? 6.932   -2.423  10.505  1.00 0.00 ? 48  VAL A HA   1 
ATOM 364  H HB   . VAL A 1 28  ? 9.180   -3.085  10.491  1.00 0.00 ? 48  VAL A HB   1 
ATOM 365  H HG11 . VAL A 1 28  ? 10.234  -1.003  11.175  1.00 0.00 ? 48  VAL A HG11 1 
ATOM 366  H HG12 . VAL A 1 28  ? 9.688   -1.267  12.830  1.00 0.00 ? 48  VAL A HG12 1 
ATOM 367  H HG13 . VAL A 1 28  ? 10.860  -2.366  12.103  1.00 0.00 ? 48  VAL A HG13 1 
ATOM 368  H HG21 . VAL A 1 28  ? 7.775   -4.381  11.979  1.00 0.00 ? 48  VAL A HG21 1 
ATOM 369  H HG22 . VAL A 1 28  ? 9.417   -4.294  12.617  1.00 0.00 ? 48  VAL A HG22 1 
ATOM 370  H HG23 . VAL A 1 28  ? 8.147   -3.285  13.310  1.00 0.00 ? 48  VAL A HG23 1 
ATOM 371  N N    . ASP A 1 29  ? 7.522   -0.405  13.028  1.00 0.00 ? 49  ASP A N    1 
ATOM 372  C CA   . ASP A 1 29  ? 6.987   0.119   14.277  1.00 0.00 ? 49  ASP A CA   1 
ATOM 373  C C    . ASP A 1 29  ? 5.657   0.805   14.025  1.00 0.00 ? 49  ASP A C    1 
ATOM 374  O O    . ASP A 1 29  ? 4.837   0.968   14.925  1.00 0.00 ? 49  ASP A O    1 
ATOM 375  C CB   . ASP A 1 29  ? 7.979   1.112   14.886  1.00 0.00 ? 49  ASP A CB   1 
ATOM 376  C CG   . ASP A 1 29  ? 7.528   1.652   16.227  1.00 0.00 ? 49  ASP A CG   1 
ATOM 377  O OD1  . ASP A 1 29  ? 7.768   0.979   17.248  1.00 0.00 ? 49  ASP A OD1  1 
ATOM 378  O OD2  . ASP A 1 29  ? 6.953   2.762   16.266  1.00 0.00 ? 49  ASP A OD2  1 
ATOM 379  H H    . ASP A 1 29  ? 8.366   -0.042  12.684  1.00 0.00 ? 49  ASP A H    1 
ATOM 380  H HA   . ASP A 1 29  ? 6.840   -0.705  14.958  1.00 0.00 ? 49  ASP A HA   1 
ATOM 381  H HB2  . ASP A 1 29  ? 8.930   0.620   15.022  1.00 0.00 ? 49  ASP A HB2  1 
ATOM 382  H HB3  . ASP A 1 29  ? 8.104   1.943   14.209  1.00 0.00 ? 49  ASP A HB3  1 
ATOM 383  N N    . THR A 1 30  ? 5.447   1.195   12.783  1.00 0.00 ? 50  THR A N    1 
ATOM 384  C CA   . THR A 1 30  ? 4.264   1.955   12.420  1.00 0.00 ? 50  THR A CA   1 
ATOM 385  C C    . THR A 1 30  ? 3.086   1.042   12.075  1.00 0.00 ? 50  THR A C    1 
ATOM 386  O O    . THR A 1 30  ? 2.010   1.161   12.652  1.00 0.00 ? 50  THR A O    1 
ATOM 387  C CB   . THR A 1 30  ? 4.572   2.890   11.237  1.00 0.00 ? 50  THR A CB   1 
ATOM 388  O OG1  . THR A 1 30  ? 5.764   3.634   11.524  1.00 0.00 ? 50  THR A OG1  1 
ATOM 389  C CG2  . THR A 1 30  ? 3.420   3.849   10.978  1.00 0.00 ? 50  THR A CG2  1 
ATOM 390  H H    . THR A 1 30  ? 6.099   0.937   12.082  1.00 0.00 ? 50  THR A H    1 
ATOM 391  H HA   . THR A 1 30  ? 3.992   2.561   13.268  1.00 0.00 ? 50  THR A HA   1 
ATOM 392  H HB   . THR A 1 30  ? 4.730   2.288   10.353  1.00 0.00 ? 50  THR A HB   1 
ATOM 393  H HG1  . THR A 1 30  ? 5.826   3.777   12.483  1.00 0.00 ? 50  THR A HG1  1 
ATOM 394  H HG21 . THR A 1 30  ? 3.221   4.424   11.869  1.00 0.00 ? 50  THR A HG21 1 
ATOM 395  H HG22 . THR A 1 30  ? 3.684   4.518   10.173  1.00 0.00 ? 50  THR A HG22 1 
ATOM 396  H HG23 . THR A 1 30  ? 2.536   3.290   10.706  1.00 0.00 ? 50  THR A HG23 1 
ATOM 397  N N    . LEU A 1 31  ? 3.313   0.109   11.162  1.00 0.00 ? 51  LEU A N    1 
ATOM 398  C CA   . LEU A 1 31  ? 2.238   -0.722  10.629  1.00 0.00 ? 51  LEU A CA   1 
ATOM 399  C C    . LEU A 1 31  ? 1.885   -1.861  11.575  1.00 0.00 ? 51  LEU A C    1 
ATOM 400  O O    . LEU A 1 31  ? 0.715   -2.109  11.856  1.00 0.00 ? 51  LEU A O    1 
ATOM 401  C CB   . LEU A 1 31  ? 2.650   -1.280  9.268   1.00 0.00 ? 51  LEU A CB   1 
ATOM 402  C CG   . LEU A 1 31  ? 3.004   -0.222  8.225   1.00 0.00 ? 51  LEU A CG   1 
ATOM 403  C CD1  . LEU A 1 31  ? 3.524   -0.873  6.955   1.00 0.00 ? 51  LEU A CD1  1 
ATOM 404  C CD2  . LEU A 1 31  ? 1.792   0.645   7.926   1.00 0.00 ? 51  LEU A CD2  1 
ATOM 405  H H    . LEU A 1 31  ? 4.231   -0.023  10.832  1.00 0.00 ? 51  LEU A H    1 
ATOM 406  H HA   . LEU A 1 31  ? 1.370   -0.095  10.499  1.00 0.00 ? 51  LEU A HA   1 
ATOM 407  H HB2  . LEU A 1 31  ? 3.509   -1.920  9.409   1.00 0.00 ? 51  LEU A HB2  1 
ATOM 408  H HB3  . LEU A 1 31  ? 1.837   -1.875  8.882   1.00 0.00 ? 51  LEU A HB3  1 
ATOM 409  H HG   . LEU A 1 31  ? 3.784   0.415   8.617   1.00 0.00 ? 51  LEU A HG   1 
ATOM 410  H HD11 . LEU A 1 31  ? 4.398   -1.464  7.186   1.00 0.00 ? 51  LEU A HD11 1 
ATOM 411  H HD12 . LEU A 1 31  ? 2.757   -1.512  6.540   1.00 0.00 ? 51  LEU A HD12 1 
ATOM 412  H HD13 . LEU A 1 31  ? 3.783   -0.109  6.238   1.00 0.00 ? 51  LEU A HD13 1 
ATOM 413  H HD21 . LEU A 1 31  ? 1.447   1.108   8.839   1.00 0.00 ? 51  LEU A HD21 1 
ATOM 414  H HD22 . LEU A 1 31  ? 2.066   1.412   7.215   1.00 0.00 ? 51  LEU A HD22 1 
ATOM 415  H HD23 . LEU A 1 31  ? 1.005   0.033   7.510   1.00 0.00 ? 51  LEU A HD23 1 
ATOM 416  N N    . LYS A 1 32  ? 2.898   -2.551  12.066  1.00 0.00 ? 52  LYS A N    1 
ATOM 417  C CA   . LYS A 1 32  ? 2.678   -3.683  12.947  1.00 0.00 ? 52  LYS A CA   1 
ATOM 418  C C    . LYS A 1 32  ? 2.723   -3.232  14.406  1.00 0.00 ? 52  LYS A C    1 
ATOM 419  O O    . LYS A 1 32  ? 2.346   -3.969  15.316  1.00 0.00 ? 52  LYS A O    1 
ATOM 420  C CB   . LYS A 1 32  ? 3.738   -4.754  12.686  1.00 0.00 ? 52  LYS A CB   1 
ATOM 421  C CG   . LYS A 1 32  ? 3.606   -5.984  13.565  1.00 0.00 ? 52  LYS A CG   1 
ATOM 422  C CD   . LYS A 1 32  ? 4.884   -6.224  14.352  1.00 0.00 ? 52  LYS A CD   1 
ATOM 423  C CE   . LYS A 1 32  ? 4.716   -7.316  15.392  1.00 0.00 ? 52  LYS A CE   1 
ATOM 424  N NZ   . LYS A 1 32  ? 5.932   -7.461  16.238  1.00 0.00 ? 52  LYS A NZ   1 
ATOM 425  H H    . LYS A 1 32  ? 3.816   -2.292  11.837  1.00 0.00 ? 52  LYS A H    1 
ATOM 426  H HA   . LYS A 1 32  ? 1.703   -4.091  12.729  1.00 0.00 ? 52  LYS A HA   1 
ATOM 427  H HB2  . LYS A 1 32  ? 3.665   -5.070  11.656  1.00 0.00 ? 52  LYS A HB2  1 
ATOM 428  H HB3  . LYS A 1 32  ? 4.714   -4.324  12.852  1.00 0.00 ? 52  LYS A HB3  1 
ATOM 429  H HG2  . LYS A 1 32  ? 2.786   -5.837  14.254  1.00 0.00 ? 52  LYS A HG2  1 
ATOM 430  H HG3  . LYS A 1 32  ? 3.404   -6.845  12.936  1.00 0.00 ? 52  LYS A HG3  1 
ATOM 431  H HD2  . LYS A 1 32  ? 5.667   -6.513  13.668  1.00 0.00 ? 52  LYS A HD2  1 
ATOM 432  H HD3  . LYS A 1 32  ? 5.161   -5.308  14.851  1.00 0.00 ? 52  LYS A HD3  1 
ATOM 433  H HE2  . LYS A 1 32  ? 3.875   -7.069  16.024  1.00 0.00 ? 52  LYS A HE2  1 
ATOM 434  H HE3  . LYS A 1 32  ? 4.524   -8.252  14.887  1.00 0.00 ? 52  LYS A HE3  1 
ATOM 435  H HZ1  . LYS A 1 32  ? 6.202   -6.535  16.638  1.00 0.00 ? 52  LYS A HZ1  1 
ATOM 436  H HZ2  . LYS A 1 32  ? 5.745   -8.121  17.025  1.00 0.00 ? 52  LYS A HZ2  1 
ATOM 437  H HZ3  . LYS A 1 32  ? 6.729   -7.828  15.672  1.00 0.00 ? 52  LYS A HZ3  1 
ATOM 438  N N    . GLY A 1 33  ? 3.137   -1.990  14.614  1.00 0.00 ? 53  GLY A N    1 
ATOM 439  C CA   . GLY A 1 33  ? 3.422   -1.521  15.952  1.00 0.00 ? 53  GLY A CA   1 
ATOM 440  C C    . GLY A 1 33  ? 2.204   -1.006  16.677  1.00 0.00 ? 53  GLY A C    1 
ATOM 441  O O    . GLY A 1 33  ? 2.306   -0.556  17.822  1.00 0.00 ? 53  GLY A O    1 
ATOM 442  H H    . GLY A 1 33  ? 3.229   -1.379  13.856  1.00 0.00 ? 53  GLY A H    1 
ATOM 443  H HA2  . GLY A 1 33  ? 3.842   -2.337  16.520  1.00 0.00 ? 53  GLY A HA2  1 
ATOM 444  H HA3  . GLY A 1 33  ? 4.151   -0.729  15.891  1.00 0.00 ? 53  GLY A HA3  1 
ATOM 445  N N    . ASP A 1 34  ? 1.050   -1.050  16.027  1.00 0.00 ? 54  ASP A N    1 
ATOM 446  C CA   . ASP A 1 34  ? -0.179  -0.641  16.685  1.00 0.00 ? 54  ASP A CA   1 
ATOM 447  C C    . ASP A 1 34  ? -1.298  -1.649  16.473  1.00 0.00 ? 54  ASP A C    1 
ATOM 448  O O    . ASP A 1 34  ? -1.704  -2.331  17.410  1.00 0.00 ? 54  ASP A O    1 
ATOM 449  C CB   . ASP A 1 34  ? -0.636  0.743   16.223  1.00 0.00 ? 54  ASP A CB   1 
ATOM 450  C CG   . ASP A 1 34  ? -1.801  1.248   17.054  1.00 0.00 ? 54  ASP A CG   1 
ATOM 451  O OD1  . ASP A 1 34  ? -1.554  1.850   18.125  1.00 0.00 ? 54  ASP A OD1  1 
ATOM 452  O OD2  . ASP A 1 34  ? -2.964  1.028   16.659  1.00 0.00 ? 54  ASP A OD2  1 
ATOM 453  H H    . ASP A 1 34  ? 1.028   -1.357  15.098  1.00 0.00 ? 54  ASP A H    1 
ATOM 454  H HA   . ASP A 1 34  ? 0.035   -0.594  17.739  1.00 0.00 ? 54  ASP A HA   1 
ATOM 455  H HB2  . ASP A 1 34  ? 0.184   1.440   16.316  1.00 0.00 ? 54  ASP A HB2  1 
ATOM 456  H HB3  . ASP A 1 34  ? -0.947  0.690   15.190  1.00 0.00 ? 54  ASP A HB3  1 
ATOM 457  N N    . GLY A 1 35  ? -1.781  -1.760  15.244  1.00 0.00 ? 55  GLY A N    1 
ATOM 458  C CA   . GLY A 1 35  ? -2.939  -2.577  14.988  1.00 0.00 ? 55  GLY A CA   1 
ATOM 459  C C    . GLY A 1 35  ? -3.430  -2.410  13.577  1.00 0.00 ? 55  GLY A C    1 
ATOM 460  O O    . GLY A 1 35  ? -2.662  -2.585  12.634  1.00 0.00 ? 55  GLY A O    1 
ATOM 461  H H    . GLY A 1 35  ? -1.347  -1.294  14.498  1.00 0.00 ? 55  GLY A H    1 
ATOM 462  H HA2  . GLY A 1 35  ? -2.683  -3.613  15.150  1.00 0.00 ? 55  GLY A HA2  1 
ATOM 463  H HA3  . GLY A 1 35  ? -3.726  -2.295  15.669  1.00 0.00 ? 55  GLY A HA3  1 
ATOM 464  N N    . PRO A 1 36  ? -4.699  -2.043  13.394  1.00 0.00 ? 56  PRO A N    1 
ATOM 465  C CA   . PRO A 1 36  ? -5.272  -1.915  12.063  1.00 0.00 ? 56  PRO A CA   1 
ATOM 466  C C    . PRO A 1 36  ? -4.535  -0.879  11.228  1.00 0.00 ? 56  PRO A C    1 
ATOM 467  O O    . PRO A 1 36  ? -4.421  0.282   11.621  1.00 0.00 ? 56  PRO A O    1 
ATOM 468  C CB   . PRO A 1 36  ? -6.725  -1.486  12.317  1.00 0.00 ? 56  PRO A CB   1 
ATOM 469  C CG   . PRO A 1 36  ? -6.738  -0.955  13.709  1.00 0.00 ? 56  PRO A CG   1 
ATOM 470  C CD   . PRO A 1 36  ? -5.668  -1.708  14.451  1.00 0.00 ? 56  PRO A CD   1 
ATOM 471  H HA   . PRO A 1 36  ? -5.253  -2.860  11.549  1.00 0.00 ? 56  PRO A HA   1 
ATOM 472  H HB2  . PRO A 1 36  ? -7.012  -0.720  11.600  1.00 0.00 ? 56  PRO A HB2  1 
ATOM 473  H HB3  . PRO A 1 36  ? -7.378  -2.339  12.215  1.00 0.00 ? 56  PRO A HB3  1 
ATOM 474  H HG2  . PRO A 1 36  ? -6.515  0.103   13.696  1.00 0.00 ? 56  PRO A HG2  1 
ATOM 475  H HG3  . PRO A 1 36  ? -7.703  -1.130  14.159  1.00 0.00 ? 56  PRO A HG3  1 
ATOM 476  H HD2  . PRO A 1 36  ? -5.215  -1.080  15.205  1.00 0.00 ? 56  PRO A HD2  1 
ATOM 477  H HD3  . PRO A 1 36  ? -6.076  -2.602  14.898  1.00 0.00 ? 56  PRO A HD3  1 
ATOM 478  N N    . PHE A 1 37  ? -3.999  -1.324  10.103  1.00 0.00 ? 57  PHE A N    1 
ATOM 479  C CA   . PHE A 1 37  ? -3.372  -0.437  9.137   1.00 0.00 ? 57  PHE A CA   1 
ATOM 480  C C    . PHE A 1 37  ? -3.520  -0.968  7.730   1.00 0.00 ? 57  PHE A C    1 
ATOM 481  O O    . PHE A 1 37  ? -3.310  -2.151  7.471   1.00 0.00 ? 57  PHE A O    1 
ATOM 482  C CB   . PHE A 1 37  ? -1.905  -0.204  9.463   1.00 0.00 ? 57  PHE A CB   1 
ATOM 483  C CG   . PHE A 1 37  ? -1.741  0.933   10.405  1.00 0.00 ? 57  PHE A CG   1 
ATOM 484  C CD1  . PHE A 1 37  ? -2.229  2.176   10.057  1.00 0.00 ? 57  PHE A CD1  1 
ATOM 485  C CD2  . PHE A 1 37  ? -1.135  0.764   11.634  1.00 0.00 ? 57  PHE A CD2  1 
ATOM 486  C CE1  . PHE A 1 37  ? -2.112  3.242   10.915  1.00 0.00 ? 57  PHE A CE1  1 
ATOM 487  C CE2  . PHE A 1 37  ? -1.010  1.825   12.504  1.00 0.00 ? 57  PHE A CE2  1 
ATOM 488  C CZ   . PHE A 1 37  ? -1.501  3.069   12.146  1.00 0.00 ? 57  PHE A CZ   1 
ATOM 489  H H    . PHE A 1 37  ? -4.013  -2.280  9.923   1.00 0.00 ? 57  PHE A H    1 
ATOM 490  H HA   . PHE A 1 37  ? -3.886  0.510   9.196   1.00 0.00 ? 57  PHE A HA   1 
ATOM 491  H HB2  . PHE A 1 37  ? -1.487  -1.089  9.920   1.00 0.00 ? 57  PHE A HB2  1 
ATOM 492  H HB3  . PHE A 1 37  ? -1.366  0.028   8.557   1.00 0.00 ? 57  PHE A HB3  1 
ATOM 493  H HD1  . PHE A 1 37  ? -2.712  2.307   9.093   1.00 0.00 ? 57  PHE A HD1  1 
ATOM 494  H HD2  . PHE A 1 37  ? -0.756  -0.208  11.911  1.00 0.00 ? 57  PHE A HD2  1 
ATOM 495  H HE1  . PHE A 1 37  ? -2.503  4.205   10.628  1.00 0.00 ? 57  PHE A HE1  1 
ATOM 496  H HE2  . PHE A 1 37  ? -0.534  1.680   13.463  1.00 0.00 ? 57  PHE A HE2  1 
ATOM 497  H HZ   . PHE A 1 37  ? -1.405  3.903   12.824  1.00 0.00 ? 57  PHE A HZ   1 
ATOM 498  N N    . THR A 1 38  ? -3.880  -0.081  6.829   1.00 0.00 ? 58  THR A N    1 
ATOM 499  C CA   . THR A 1 38  ? -4.180  -0.453  5.462   1.00 0.00 ? 58  THR A CA   1 
ATOM 500  C C    . THR A 1 38  ? -3.219  0.223   4.487   1.00 0.00 ? 58  THR A C    1 
ATOM 501  O O    . THR A 1 38  ? -3.097  1.450   4.461   1.00 0.00 ? 58  THR A O    1 
ATOM 502  C CB   . THR A 1 38  ? -5.646  -0.098  5.128   1.00 0.00 ? 58  THR A CB   1 
ATOM 503  O OG1  . THR A 1 38  ? -5.858  -0.064  3.708   1.00 0.00 ? 58  THR A OG1  1 
ATOM 504  C CG2  . THR A 1 38  ? -6.024  1.238   5.751   1.00 0.00 ? 58  THR A CG2  1 
ATOM 505  H H    . THR A 1 38  ? -3.945  0.868   7.091   1.00 0.00 ? 58  THR A H    1 
ATOM 506  H HA   . THR A 1 38  ? -4.066  -1.524  5.377   1.00 0.00 ? 58  THR A HA   1 
ATOM 507  H HB   . THR A 1 38  ? -6.282  -0.860  5.553   1.00 0.00 ? 58  THR A HB   1 
ATOM 508  H HG1  . THR A 1 38  ? -5.506  0.762   3.357   1.00 0.00 ? 58  THR A HG1  1 
ATOM 509  H HG21 . THR A 1 38  ? -5.671  1.274   6.780   1.00 0.00 ? 58  THR A HG21 1 
ATOM 510  H HG22 . THR A 1 38  ? -5.566  2.039   5.191   1.00 0.00 ? 58  THR A HG22 1 
ATOM 511  H HG23 . THR A 1 38  ? -7.096  1.353   5.736   1.00 0.00 ? 58  THR A HG23 1 
ATOM 512  N N    . VAL A 1 39  ? -2.524  -0.585  3.702   1.00 0.00 ? 59  VAL A N    1 
ATOM 513  C CA   . VAL A 1 39  ? -1.556  -0.078  2.743   1.00 0.00 ? 59  VAL A CA   1 
ATOM 514  C C    . VAL A 1 39  ? -1.826  -0.647  1.359   1.00 0.00 ? 59  VAL A C    1 
ATOM 515  O O    . VAL A 1 39  ? -2.184  -1.819  1.217   1.00 0.00 ? 59  VAL A O    1 
ATOM 516  C CB   . VAL A 1 39  ? -0.103  -0.407  3.157   1.00 0.00 ? 59  VAL A CB   1 
ATOM 517  C CG1  . VAL A 1 39  ? 0.272   0.321   4.438   1.00 0.00 ? 59  VAL A CG1  1 
ATOM 518  C CG2  . VAL A 1 39  ? 0.086   -1.908  3.317   1.00 0.00 ? 59  VAL A CG2  1 
ATOM 519  H H    . VAL A 1 39  ? -2.669  -1.556  3.760   1.00 0.00 ? 59  VAL A H    1 
ATOM 520  H HA   . VAL A 1 39  ? -1.660  0.996   2.706   1.00 0.00 ? 59  VAL A HA   1 
ATOM 521  H HB   . VAL A 1 39  ? 0.556   -0.065  2.373   1.00 0.00 ? 59  VAL A HB   1 
ATOM 522  H HG11 . VAL A 1 39  ? 0.181   1.387   4.287   1.00 0.00 ? 59  VAL A HG11 1 
ATOM 523  H HG12 . VAL A 1 39  ? -0.390  0.012   5.235   1.00 0.00 ? 59  VAL A HG12 1 
ATOM 524  H HG13 . VAL A 1 39  ? 1.292   0.081   4.704   1.00 0.00 ? 59  VAL A HG13 1 
ATOM 525  H HG21 . VAL A 1 39  ? -0.588  -2.276  4.077   1.00 0.00 ? 59  VAL A HG21 1 
ATOM 526  H HG22 . VAL A 1 39  ? -0.125  -2.399  2.378   1.00 0.00 ? 59  VAL A HG22 1 
ATOM 527  H HG23 . VAL A 1 39  ? 1.105   -2.113  3.610   1.00 0.00 ? 59  VAL A HG23 1 
ATOM 528  N N    . PHE A 1 40  ? -1.698  0.190   0.339   1.00 0.00 ? 60  PHE A N    1 
ATOM 529  C CA   . PHE A 1 40  ? -1.859  -0.278  -1.029  1.00 0.00 ? 60  PHE A CA   1 
ATOM 530  C C    . PHE A 1 40  ? -0.582  -0.960  -1.480  1.00 0.00 ? 60  PHE A C    1 
ATOM 531  O O    . PHE A 1 40  ? 0.347   -0.302  -1.950  1.00 0.00 ? 60  PHE A O    1 
ATOM 532  C CB   . PHE A 1 40  ? -2.157  0.879   -1.983  1.00 0.00 ? 60  PHE A CB   1 
ATOM 533  C CG   . PHE A 1 40  ? -3.248  1.793   -1.530  1.00 0.00 ? 60  PHE A CG   1 
ATOM 534  C CD1  . PHE A 1 40  ? -4.572  1.397   -1.585  1.00 0.00 ? 60  PHE A CD1  1 
ATOM 535  C CD2  . PHE A 1 40  ? -2.943  3.058   -1.061  1.00 0.00 ? 60  PHE A CD2  1 
ATOM 536  C CE1  . PHE A 1 40  ? -5.578  2.246   -1.180  1.00 0.00 ? 60  PHE A CE1  1 
ATOM 537  C CE2  . PHE A 1 40  ? -3.937  3.917   -0.652  1.00 0.00 ? 60  PHE A CE2  1 
ATOM 538  C CZ   . PHE A 1 40  ? -5.262  3.513   -0.710  1.00 0.00 ? 60  PHE A CZ   1 
ATOM 539  H H    . PHE A 1 40  ? -1.484  1.134   0.511   1.00 0.00 ? 60  PHE A H    1 
ATOM 540  H HA   . PHE A 1 40  ? -2.678  -0.992  -1.056  1.00 0.00 ? 60  PHE A HA   1 
ATOM 541  H HB2  . PHE A 1 40  ? -1.263  1.473   -2.100  1.00 0.00 ? 60  PHE A HB2  1 
ATOM 542  H HB3  . PHE A 1 40  ? -2.439  0.476   -2.946  1.00 0.00 ? 60  PHE A HB3  1 
ATOM 543  H HD1  . PHE A 1 40  ? -4.815  0.410   -1.950  1.00 0.00 ? 60  PHE A HD1  1 
ATOM 544  H HD2  . PHE A 1 40  ? -1.911  3.370   -1.017  1.00 0.00 ? 60  PHE A HD2  1 
ATOM 545  H HE1  . PHE A 1 40  ? -6.609  1.921   -1.233  1.00 0.00 ? 60  PHE A HE1  1 
ATOM 546  H HE2  . PHE A 1 40  ? -3.677  4.904   -0.289  1.00 0.00 ? 60  PHE A HE2  1 
ATOM 547  H HZ   . PHE A 1 40  ? -6.048  4.182   -0.391  1.00 0.00 ? 60  PHE A HZ   1 
ATOM 548  N N    . ALA A 1 41  ? -0.512  -2.258  -1.300  1.00 0.00 ? 61  ALA A N    1 
ATOM 549  C CA   . ALA A 1 41  ? 0.663   -2.999  -1.698  1.00 0.00 ? 61  ALA A CA   1 
ATOM 550  C C    . ALA A 1 41  ? 0.497   -3.506  -3.123  1.00 0.00 ? 61  ALA A C    1 
ATOM 551  O O    . ALA A 1 41  ? -0.346  -4.359  -3.389  1.00 0.00 ? 61  ALA A O    1 
ATOM 552  C CB   . ALA A 1 41  ? 0.904   -4.146  -0.732  1.00 0.00 ? 61  ALA A CB   1 
ATOM 553  H H    . ALA A 1 41  ? -1.274  -2.733  -0.904  1.00 0.00 ? 61  ALA A H    1 
ATOM 554  H HA   . ALA A 1 41  ? 1.512   -2.333  -1.655  1.00 0.00 ? 61  ALA A HA   1 
ATOM 555  H HB1  . ALA A 1 41  ? 0.080   -4.842  -0.790  1.00 0.00 ? 61  ALA A HB1  1 
ATOM 556  H HB2  . ALA A 1 41  ? 1.822   -4.650  -0.990  1.00 0.00 ? 61  ALA A HB2  1 
ATOM 557  H HB3  . ALA A 1 41  ? 0.973   -3.758  0.275   1.00 0.00 ? 61  ALA A HB3  1 
ATOM 558  N N    . PRO A 1 42  ? 1.287   -2.978  -4.065  1.00 0.00 ? 62  PRO A N    1 
ATOM 559  C CA   . PRO A 1 42  ? 1.213   -3.397  -5.454  1.00 0.00 ? 62  PRO A CA   1 
ATOM 560  C C    . PRO A 1 42  ? 1.959   -4.695  -5.687  1.00 0.00 ? 62  PRO A C    1 
ATOM 561  O O    . PRO A 1 42  ? 2.992   -4.949  -5.067  1.00 0.00 ? 62  PRO A O    1 
ATOM 562  C CB   . PRO A 1 42  ? 1.872   -2.252  -6.211  1.00 0.00 ? 62  PRO A CB   1 
ATOM 563  C CG   . PRO A 1 42  ? 2.826   -1.636  -5.239  1.00 0.00 ? 62  PRO A CG   1 
ATOM 564  C CD   . PRO A 1 42  ? 2.313   -1.943  -3.853  1.00 0.00 ? 62  PRO A CD   1 
ATOM 565  H HA   . PRO A 1 42  ? 0.188   -3.508  -5.779  1.00 0.00 ? 62  PRO A HA   1 
ATOM 566  H HB2  . PRO A 1 42  ? 2.384   -2.644  -7.077  1.00 0.00 ? 62  PRO A HB2  1 
ATOM 567  H HB3  . PRO A 1 42  ? 1.115   -1.550  -6.523  1.00 0.00 ? 62  PRO A HB3  1 
ATOM 568  H HG2  . PRO A 1 42  ? 3.807   -2.063  -5.373  1.00 0.00 ? 62  PRO A HG2  1 
ATOM 569  H HG3  . PRO A 1 42  ? 2.862   -0.568  -5.394  1.00 0.00 ? 62  PRO A HG3  1 
ATOM 570  H HD2  . PRO A 1 42  ? 3.113   -2.320  -3.232  1.00 0.00 ? 62  PRO A HD2  1 
ATOM 571  H HD3  . PRO A 1 42  ? 1.879   -1.058  -3.410  1.00 0.00 ? 62  PRO A HD3  1 
ATOM 572  N N    . THR A 1 43  ? 1.444   -5.512  -6.584  1.00 0.00 ? 63  THR A N    1 
ATOM 573  C CA   . THR A 1 43  ? 2.035   -6.824  -6.811  1.00 0.00 ? 63  THR A CA   1 
ATOM 574  C C    . THR A 1 43  ? 3.256   -6.716  -7.723  1.00 0.00 ? 63  THR A C    1 
ATOM 575  O O    . THR A 1 43  ? 3.524   -5.658  -8.297  1.00 0.00 ? 63  THR A O    1 
ATOM 576  C CB   . THR A 1 43  ? 1.008   -7.817  -7.408  1.00 0.00 ? 63  THR A CB   1 
ATOM 577  O OG1  . THR A 1 43  ? 1.583   -9.127  -7.511  1.00 0.00 ? 63  THR A OG1  1 
ATOM 578  C CG2  . THR A 1 43  ? 0.536   -7.362  -8.778  1.00 0.00 ? 63  THR A CG2  1 
ATOM 579  H H    . THR A 1 43  ? 0.662   -5.221  -7.117  1.00 0.00 ? 63  THR A H    1 
ATOM 580  H HA   . THR A 1 43  ? 2.354   -7.208  -5.852  1.00 0.00 ? 63  THR A HA   1 
ATOM 581  H HB   . THR A 1 43  ? 0.152   -7.861  -6.749  1.00 0.00 ? 63  THR A HB   1 
ATOM 582  H HG1  . THR A 1 43  ? 0.968   -9.781  -7.136  1.00 0.00 ? 63  THR A HG1  1 
ATOM 583  H HG21 . THR A 1 43  ? 1.383   -7.282  -9.444  1.00 0.00 ? 63  THR A HG21 1 
ATOM 584  H HG22 . THR A 1 43  ? -0.165  -8.082  -9.175  1.00 0.00 ? 63  THR A HG22 1 
ATOM 585  H HG23 . THR A 1 43  ? 0.054   -6.400  -8.693  1.00 0.00 ? 63  THR A HG23 1 
ATOM 586  N N    . ASP A 1 44  ? 3.987   -7.814  -7.854  1.00 0.00 ? 64  ASP A N    1 
ATOM 587  C CA   . ASP A 1 44  ? 5.164   -7.868  -8.716  1.00 0.00 ? 64  ASP A CA   1 
ATOM 588  C C    . ASP A 1 44  ? 4.772   -7.571  -10.163 1.00 0.00 ? 64  ASP A C    1 
ATOM 589  O O    . ASP A 1 44  ? 5.546   -6.999  -10.932 1.00 0.00 ? 64  ASP A O    1 
ATOM 590  C CB   . ASP A 1 44  ? 5.824   -9.247  -8.604  1.00 0.00 ? 64  ASP A CB   1 
ATOM 591  C CG   . ASP A 1 44  ? 6.992   -9.432  -9.551  1.00 0.00 ? 64  ASP A CG   1 
ATOM 592  O OD1  . ASP A 1 44  ? 8.082   -8.890  -9.276  1.00 0.00 ? 64  ASP A OD1  1 
ATOM 593  O OD2  . ASP A 1 44  ? 6.832   -10.150 -10.561 1.00 0.00 ? 64  ASP A OD2  1 
ATOM 594  H H    . ASP A 1 44  ? 3.719   -8.621  -7.362  1.00 0.00 ? 64  ASP A H    1 
ATOM 595  H HA   . ASP A 1 44  ? 5.860   -7.113  -8.380  1.00 0.00 ? 64  ASP A HA   1 
ATOM 596  H HB2  . ASP A 1 44  ? 6.184   -9.383  -7.594  1.00 0.00 ? 64  ASP A HB2  1 
ATOM 597  H HB3  . ASP A 1 44  ? 5.087   -10.007 -8.818  1.00 0.00 ? 64  ASP A HB3  1 
ATOM 598  N N    . ALA A 1 45  ? 3.541   -7.929  -10.513 1.00 0.00 ? 65  ALA A N    1 
ATOM 599  C CA   . ALA A 1 45  ? 3.019   -7.684  -11.850 1.00 0.00 ? 65  ALA A CA   1 
ATOM 600  C C    . ALA A 1 45  ? 2.615   -6.221  -12.026 1.00 0.00 ? 65  ALA A C    1 
ATOM 601  O O    . ALA A 1 45  ? 2.433   -5.749  -13.147 1.00 0.00 ? 65  ALA A O    1 
ATOM 602  C CB   . ALA A 1 45  ? 1.835   -8.597  -12.126 1.00 0.00 ? 65  ALA A CB   1 
ATOM 603  H H    . ALA A 1 45  ? 2.970   -8.372  -9.849  1.00 0.00 ? 65  ALA A H    1 
ATOM 604  H HA   . ALA A 1 45  ? 3.798   -7.921  -12.560 1.00 0.00 ? 65  ALA A HA   1 
ATOM 605  H HB1  . ALA A 1 45  ? 1.466   -8.415  -13.125 1.00 0.00 ? 65  ALA A HB1  1 
ATOM 606  H HB2  . ALA A 1 45  ? 2.147   -9.627  -12.039 1.00 0.00 ? 65  ALA A HB2  1 
ATOM 607  H HB3  . ALA A 1 45  ? 1.052   -8.395  -11.410 1.00 0.00 ? 65  ALA A HB3  1 
ATOM 608  N N    . ALA A 1 46  ? 2.491   -5.500  -10.914 1.00 0.00 ? 66  ALA A N    1 
ATOM 609  C CA   . ALA A 1 46  ? 2.094   -4.096  -10.948 1.00 0.00 ? 66  ALA A CA   1 
ATOM 610  C C    . ALA A 1 46  ? 3.269   -3.221  -11.352 1.00 0.00 ? 66  ALA A C    1 
ATOM 611  O O    . ALA A 1 46  ? 3.110   -2.236  -12.065 1.00 0.00 ? 66  ALA A O    1 
ATOM 612  C CB   . ALA A 1 46  ? 1.544   -3.658  -9.601  1.00 0.00 ? 66  ALA A CB   1 
ATOM 613  H H    . ALA A 1 46  ? 2.684   -5.922  -10.049 1.00 0.00 ? 66  ALA A H    1 
ATOM 614  H HA   . ALA A 1 46  ? 1.310   -3.992  -11.685 1.00 0.00 ? 66  ALA A HA   1 
ATOM 615  H HB1  . ALA A 1 46  ? 1.222   -2.630  -9.662  1.00 0.00 ? 66  ALA A HB1  1 
ATOM 616  H HB2  . ALA A 1 46  ? 2.315   -3.748  -8.849  1.00 0.00 ? 66  ALA A HB2  1 
ATOM 617  H HB3  . ALA A 1 46  ? 0.705   -4.282  -9.332  1.00 0.00 ? 66  ALA A HB3  1 
ATOM 618  N N    . PHE A 1 47  ? 4.453   -3.593  -10.897 1.00 0.00 ? 67  PHE A N    1 
ATOM 619  C CA   . PHE A 1 47  ? 5.673   -2.912  -11.308 1.00 0.00 ? 67  PHE A CA   1 
ATOM 620  C C    . PHE A 1 47  ? 5.948   -3.199  -12.776 1.00 0.00 ? 67  PHE A C    1 
ATOM 621  O O    . PHE A 1 47  ? 6.580   -2.408  -13.470 1.00 0.00 ? 67  PHE A O    1 
ATOM 622  C CB   . PHE A 1 47  ? 6.864   -3.356  -10.460 1.00 0.00 ? 67  PHE A CB   1 
ATOM 623  C CG   . PHE A 1 47  ? 6.830   -2.844  -9.050  1.00 0.00 ? 67  PHE A CG   1 
ATOM 624  C CD1  . PHE A 1 47  ? 5.837   -3.244  -8.171  1.00 0.00 ? 67  PHE A CD1  1 
ATOM 625  C CD2  . PHE A 1 47  ? 7.800   -1.963  -8.605  1.00 0.00 ? 67  PHE A CD2  1 
ATOM 626  C CE1  . PHE A 1 47  ? 5.812   -2.770  -6.875  1.00 0.00 ? 67  PHE A CE1  1 
ATOM 627  C CE2  . PHE A 1 47  ? 7.781   -1.488  -7.310  1.00 0.00 ? 67  PHE A CE2  1 
ATOM 628  C CZ   . PHE A 1 47  ? 6.785   -1.891  -6.442  1.00 0.00 ? 67  PHE A CZ   1 
ATOM 629  H H    . PHE A 1 47  ? 4.508   -4.335  -10.262 1.00 0.00 ? 67  PHE A H    1 
ATOM 630  H HA   . PHE A 1 47  ? 5.522   -1.851  -11.180 1.00 0.00 ? 67  PHE A HA   1 
ATOM 631  H HB2  . PHE A 1 47  ? 6.889   -4.432  -10.421 1.00 0.00 ? 67  PHE A HB2  1 
ATOM 632  H HB3  . PHE A 1 47  ? 7.770   -2.993  -10.923 1.00 0.00 ? 67  PHE A HB3  1 
ATOM 633  H HD1  . PHE A 1 47  ? 5.077   -3.932  -8.507  1.00 0.00 ? 67  PHE A HD1  1 
ATOM 634  H HD2  . PHE A 1 47  ? 8.582   -1.647  -9.281  1.00 0.00 ? 67  PHE A HD2  1 
ATOM 635  H HE1  . PHE A 1 47  ? 5.032   -3.087  -6.199  1.00 0.00 ? 67  PHE A HE1  1 
ATOM 636  H HE2  . PHE A 1 47  ? 8.550   -0.802  -6.974  1.00 0.00 ? 67  PHE A HE2  1 
ATOM 637  H HZ   . PHE A 1 47  ? 6.765   -1.515  -5.430  1.00 0.00 ? 67  PHE A HZ   1 
ATOM 638  N N    . ALA A 1 48  ? 5.456   -4.343  -13.236 1.00 0.00 ? 68  ALA A N    1 
ATOM 639  C CA   . ALA A 1 48  ? 5.559   -4.714  -14.637 1.00 0.00 ? 68  ALA A CA   1 
ATOM 640  C C    . ALA A 1 48  ? 4.496   -3.991  -15.459 1.00 0.00 ? 68  ALA A C    1 
ATOM 641  O O    . ALA A 1 48  ? 4.551   -3.974  -16.687 1.00 0.00 ? 68  ALA A O    1 
ATOM 642  C CB   . ALA A 1 48  ? 5.430   -6.222  -14.797 1.00 0.00 ? 68  ALA A CB   1 
ATOM 643  H H    . ALA A 1 48  ? 5.015   -4.956  -12.611 1.00 0.00 ? 68  ALA A H    1 
ATOM 644  H HA   . ALA A 1 48  ? 6.535   -4.418  -14.991 1.00 0.00 ? 68  ALA A HA   1 
ATOM 645  H HB1  . ALA A 1 48  ? 6.176   -6.713  -14.191 1.00 0.00 ? 68  ALA A HB1  1 
ATOM 646  H HB2  . ALA A 1 48  ? 5.578   -6.488  -15.834 1.00 0.00 ? 68  ALA A HB2  1 
ATOM 647  H HB3  . ALA A 1 48  ? 4.446   -6.537  -14.483 1.00 0.00 ? 68  ALA A HB3  1 
ATOM 648  N N    . ALA A 1 49  ? 3.526   -3.401  -14.769 1.00 0.00 ? 69  ALA A N    1 
ATOM 649  C CA   . ALA A 1 49  ? 2.496   -2.610  -15.423 1.00 0.00 ? 69  ALA A CA   1 
ATOM 650  C C    . ALA A 1 49  ? 3.060   -1.261  -15.845 1.00 0.00 ? 69  ALA A C    1 
ATOM 651  O O    . ALA A 1 49  ? 2.815   -0.805  -16.962 1.00 0.00 ? 69  ALA A O    1 
ATOM 652  C CB   . ALA A 1 49  ? 1.290   -2.433  -14.517 1.00 0.00 ? 69  ALA A CB   1 
ATOM 653  H H    . ALA A 1 49  ? 3.505   -3.499  -13.794 1.00 0.00 ? 69  ALA A H    1 
ATOM 654  H HA   . ALA A 1 49  ? 2.178   -3.145  -16.307 1.00 0.00 ? 69  ALA A HA   1 
ATOM 655  H HB1  . ALA A 1 49  ? 1.591   -1.924  -13.613 1.00 0.00 ? 69  ALA A HB1  1 
ATOM 656  H HB2  . ALA A 1 49  ? 0.540   -1.849  -15.027 1.00 0.00 ? 69  ALA A HB2  1 
ATOM 657  H HB3  . ALA A 1 49  ? 0.884   -3.402  -14.264 1.00 0.00 ? 69  ALA A HB3  1 
ATOM 658  N N    . LEU A 1 50  ? 3.823   -0.621  -14.957 1.00 0.00 ? 70  LEU A N    1 
ATOM 659  C CA   . LEU A 1 50  ? 4.542   0.588   -15.327 1.00 0.00 ? 70  LEU A CA   1 
ATOM 660  C C    . LEU A 1 50  ? 6.050   0.383   -15.160 1.00 0.00 ? 70  LEU A C    1 
ATOM 661  O O    . LEU A 1 50  ? 6.664   0.872   -14.207 1.00 0.00 ? 70  LEU A O    1 
ATOM 662  C CB   . LEU A 1 50  ? 4.047   1.815   -14.536 1.00 0.00 ? 70  LEU A CB   1 
ATOM 663  C CG   . LEU A 1 50  ? 3.909   1.656   -13.013 1.00 0.00 ? 70  LEU A CG   1 
ATOM 664  C CD1  . LEU A 1 50  ? 3.869   3.024   -12.356 1.00 0.00 ? 70  LEU A CD1  1 
ATOM 665  C CD2  . LEU A 1 50  ? 2.640   0.898   -12.652 1.00 0.00 ? 70  LEU A CD2  1 
ATOM 666  H H    . LEU A 1 50  ? 3.898   -0.960  -14.030 1.00 0.00 ? 70  LEU A H    1 
ATOM 667  H HA   . LEU A 1 50  ? 4.348   0.762   -16.376 1.00 0.00 ? 70  LEU A HA   1 
ATOM 668  H HB2  . LEU A 1 50  ? 4.730   2.628   -14.722 1.00 0.00 ? 70  LEU A HB2  1 
ATOM 669  H HB3  . LEU A 1 50  ? 3.079   2.093   -14.928 1.00 0.00 ? 70  LEU A HB3  1 
ATOM 670  H HG   . LEU A 1 50  ? 4.760   1.108   -12.623 1.00 0.00 ? 70  LEU A HG   1 
ATOM 671  H HD11 . LEU A 1 50  ? 4.779   3.559   -12.583 1.00 0.00 ? 70  LEU A HD11 1 
ATOM 672  H HD12 . LEU A 1 50  ? 3.022   3.578   -12.732 1.00 0.00 ? 70  LEU A HD12 1 
ATOM 673  H HD13 . LEU A 1 50  ? 3.776   2.907   -11.286 1.00 0.00 ? 70  LEU A HD13 1 
ATOM 674  H HD21 . LEU A 1 50  ? 2.650   -0.072  -13.126 1.00 0.00 ? 70  LEU A HD21 1 
ATOM 675  H HD22 . LEU A 1 50  ? 2.585   0.777   -11.581 1.00 0.00 ? 70  LEU A HD22 1 
ATOM 676  H HD23 . LEU A 1 50  ? 1.781   1.457   -12.995 1.00 0.00 ? 70  LEU A HD23 1 
ATOM 677  N N    . PRO A 1 51  ? 6.665   -0.375  -16.091 1.00 0.00 ? 71  PRO A N    1 
ATOM 678  C CA   . PRO A 1 51  ? 8.069   -0.743  -16.022 1.00 0.00 ? 71  PRO A CA   1 
ATOM 679  C C    . PRO A 1 51  ? 8.973   0.202   -16.807 1.00 0.00 ? 71  PRO A C    1 
ATOM 680  O O    . PRO A 1 51  ? 10.165  -0.066  -16.966 1.00 0.00 ? 71  PRO A O    1 
ATOM 681  C CB   . PRO A 1 51  ? 8.058   -2.123  -16.667 1.00 0.00 ? 71  PRO A CB   1 
ATOM 682  C CG   . PRO A 1 51  ? 7.001   -2.038  -17.722 1.00 0.00 ? 71  PRO A CG   1 
ATOM 683  C CD   . PRO A 1 51  ? 6.033   -0.956  -17.290 1.00 0.00 ? 71  PRO A CD   1 
ATOM 684  H HA   . PRO A 1 51  ? 8.416   -0.819  -15.003 1.00 0.00 ? 71  PRO A HA   1 
ATOM 685  H HB2  . PRO A 1 51  ? 9.029   -2.332  -17.094 1.00 0.00 ? 71  PRO A HB2  1 
ATOM 686  H HB3  . PRO A 1 51  ? 7.814   -2.869  -15.927 1.00 0.00 ? 71  PRO A HB3  1 
ATOM 687  H HG2  . PRO A 1 51  ? 7.451   -1.777  -18.669 1.00 0.00 ? 71  PRO A HG2  1 
ATOM 688  H HG3  . PRO A 1 51  ? 6.488   -2.985  -17.800 1.00 0.00 ? 71  PRO A HG3  1 
ATOM 689  H HD2  . PRO A 1 51  ? 5.928   -0.212  -18.065 1.00 0.00 ? 71  PRO A HD2  1 
ATOM 690  H HD3  . PRO A 1 51  ? 5.073   -1.385  -17.047 1.00 0.00 ? 71  PRO A HD3  1 
ATOM 691  N N    . GLU A 1 52  ? 8.401   1.297   -17.297 1.00 0.00 ? 72  GLU A N    1 
ATOM 692  C CA   . GLU A 1 52  ? 9.151   2.271   -18.081 1.00 0.00 ? 72  GLU A CA   1 
ATOM 693  C C    . GLU A 1 52  ? 10.338  2.797   -17.278 1.00 0.00 ? 72  GLU A C    1 
ATOM 694  O O    . GLU A 1 52  ? 11.493  2.643   -17.680 1.00 0.00 ? 72  GLU A O    1 
ATOM 695  C CB   . GLU A 1 52  ? 8.237   3.423   -18.513 1.00 0.00 ? 72  GLU A CB   1 
ATOM 696  C CG   . GLU A 1 52  ? 8.926   4.470   -19.370 1.00 0.00 ? 72  GLU A CG   1 
ATOM 697  C CD   . GLU A 1 52  ? 7.978   5.563   -19.812 1.00 0.00 ? 72  GLU A CD   1 
ATOM 698  O OE1  . GLU A 1 52  ? 7.555   6.371   -18.959 1.00 0.00 ? 72  GLU A OE1  1 
ATOM 699  O OE2  . GLU A 1 52  ? 7.640   5.611   -21.012 1.00 0.00 ? 72  GLU A OE2  1 
ATOM 700  H H    . GLU A 1 52  ? 7.445   1.451   -17.131 1.00 0.00 ? 72  GLU A H    1 
ATOM 701  H HA   . GLU A 1 52  ? 9.524   1.769   -18.960 1.00 0.00 ? 72  GLU A HA   1 
ATOM 702  H HB2  . GLU A 1 52  ? 7.412   3.017   -19.079 1.00 0.00 ? 72  GLU A HB2  1 
ATOM 703  H HB3  . GLU A 1 52  ? 7.850   3.910   -17.631 1.00 0.00 ? 72  GLU A HB3  1 
ATOM 704  H HG2  . GLU A 1 52  ? 9.727   4.916   -18.799 1.00 0.00 ? 72  GLU A HG2  1 
ATOM 705  H HG3  . GLU A 1 52  ? 9.334   3.990   -20.247 1.00 0.00 ? 72  GLU A HG3  1 
ATOM 706  N N    . GLY A 1 53  ? 10.049  3.411   -16.143 1.00 0.00 ? 73  GLY A N    1 
ATOM 707  C CA   . GLY A 1 53  ? 11.107  3.869   -15.263 1.00 0.00 ? 73  GLY A CA   1 
ATOM 708  C C    . GLY A 1 53  ? 10.724  3.816   -13.797 1.00 0.00 ? 73  GLY A C    1 
ATOM 709  O O    . GLY A 1 53  ? 11.581  3.957   -12.927 1.00 0.00 ? 73  GLY A O    1 
ATOM 710  H H    . GLY A 1 53  ? 9.108   3.581   -15.916 1.00 0.00 ? 73  GLY A H    1 
ATOM 711  H HA2  . GLY A 1 53  ? 11.978  3.248   -15.415 1.00 0.00 ? 73  GLY A HA2  1 
ATOM 712  H HA3  . GLY A 1 53  ? 11.358  4.888   -15.521 1.00 0.00 ? 73  GLY A HA3  1 
ATOM 713  N N    . THR A 1 54  ? 9.449   3.577   -13.520 1.00 0.00 ? 74  THR A N    1 
ATOM 714  C CA   . THR A 1 54  ? 8.938   3.601   -12.159 1.00 0.00 ? 74  THR A CA   1 
ATOM 715  C C    . THR A 1 54  ? 9.435   2.403   -11.380 1.00 0.00 ? 74  THR A C    1 
ATOM 716  O O    . THR A 1 54  ? 9.795   2.519   -10.214 1.00 0.00 ? 74  THR A O    1 
ATOM 717  C CB   . THR A 1 54  ? 7.398   3.622   -12.165 1.00 0.00 ? 74  THR A CB   1 
ATOM 718  O OG1  . THR A 1 54  ? 6.935   4.832   -12.777 1.00 0.00 ? 74  THR A OG1  1 
ATOM 719  C CG2  . THR A 1 54  ? 6.825   3.499   -10.761 1.00 0.00 ? 74  THR A CG2  1 
ATOM 720  H H    . THR A 1 54  ? 8.830   3.362   -14.245 1.00 0.00 ? 74  THR A H    1 
ATOM 721  H HA   . THR A 1 54  ? 9.298   4.503   -11.678 1.00 0.00 ? 74  THR A HA   1 
ATOM 722  H HB   . THR A 1 54  ? 7.050   2.783   -12.750 1.00 0.00 ? 74  THR A HB   1 
ATOM 723  H HG1  . THR A 1 54  ? 7.550   5.555   -12.562 1.00 0.00 ? 74  THR A HG1  1 
ATOM 724  H HG21 . THR A 1 54  ? 7.182   2.586   -10.308 1.00 0.00 ? 74  THR A HG21 1 
ATOM 725  H HG22 . THR A 1 54  ? 7.135   4.346   -10.167 1.00 0.00 ? 74  THR A HG22 1 
ATOM 726  H HG23 . THR A 1 54  ? 5.747   3.471   -10.819 1.00 0.00 ? 74  THR A HG23 1 
ATOM 727  N N    . VAL A 1 55  ? 9.485   1.258   -12.034 1.00 0.00 ? 75  VAL A N    1 
ATOM 728  C CA   . VAL A 1 55  ? 9.983   0.069   -11.387 1.00 0.00 ? 75  VAL A CA   1 
ATOM 729  C C    . VAL A 1 55  ? 11.468  0.224   -11.136 1.00 0.00 ? 75  VAL A C    1 
ATOM 730  O O    . VAL A 1 55  ? 11.990  -0.287  -10.161 1.00 0.00 ? 75  VAL A O    1 
ATOM 731  C CB   . VAL A 1 55  ? 9.704   -1.212  -12.212 1.00 0.00 ? 75  VAL A CB   1 
ATOM 732  C CG1  . VAL A 1 55  ? 10.383  -1.148  -13.572 1.00 0.00 ? 75  VAL A CG1  1 
ATOM 733  C CG2  . VAL A 1 55  ? 10.147  -2.454  -11.450 1.00 0.00 ? 75  VAL A CG2  1 
ATOM 734  H H    . VAL A 1 55  ? 9.194   1.216   -12.966 1.00 0.00 ? 75  VAL A H    1 
ATOM 735  H HA   . VAL A 1 55  ? 9.482   -0.011  -10.432 1.00 0.00 ? 75  VAL A HA   1 
ATOM 736  H HB   . VAL A 1 55  ? 8.637   -1.282  -12.373 1.00 0.00 ? 75  VAL A HB   1 
ATOM 737  H HG11 . VAL A 1 55  ? 10.035  -0.278  -14.108 1.00 0.00 ? 75  VAL A HG11 1 
ATOM 738  H HG12 . VAL A 1 55  ? 11.452  -1.084  -13.438 1.00 0.00 ? 75  VAL A HG12 1 
ATOM 739  H HG13 . VAL A 1 55  ? 10.143  -2.037  -14.135 1.00 0.00 ? 75  VAL A HG13 1 
ATOM 740  H HG21 . VAL A 1 55  ? 11.201  -2.379  -11.224 1.00 0.00 ? 75  VAL A HG21 1 
ATOM 741  H HG22 . VAL A 1 55  ? 9.587   -2.534  -10.531 1.00 0.00 ? 75  VAL A HG22 1 
ATOM 742  H HG23 . VAL A 1 55  ? 9.972   -3.330  -12.056 1.00 0.00 ? 75  VAL A HG23 1 
ATOM 743  N N    . GLU A 1 56  ? 12.139  0.956   -12.014 1.00 0.00 ? 76  GLU A N    1 
ATOM 744  C CA   . GLU A 1 56  ? 13.544  1.243   -11.829 1.00 0.00 ? 76  GLU A CA   1 
ATOM 745  C C    . GLU A 1 56  ? 13.719  2.166   -10.629 1.00 0.00 ? 76  GLU A C    1 
ATOM 746  O O    . GLU A 1 56  ? 14.554  1.912   -9.767  1.00 0.00 ? 76  GLU A O    1 
ATOM 747  C CB   . GLU A 1 56  ? 14.135  1.877   -13.094 1.00 0.00 ? 76  GLU A CB   1 
ATOM 748  C CG   . GLU A 1 56  ? 15.647  2.050   -13.058 1.00 0.00 ? 76  GLU A CG   1 
ATOM 749  C CD   . GLU A 1 56  ? 16.388  0.728   -13.036 1.00 0.00 ? 76  GLU A CD   1 
ATOM 750  O OE1  . GLU A 1 56  ? 16.404  0.035   -14.074 1.00 0.00 ? 76  GLU A OE1  1 
ATOM 751  O OE2  . GLU A 1 56  ? 16.962  0.379   -11.985 1.00 0.00 ? 76  GLU A OE2  1 
ATOM 752  H H    . GLU A 1 56  ? 11.673  1.314   -12.795 1.00 0.00 ? 76  GLU A H    1 
ATOM 753  H HA   . GLU A 1 56  ? 14.043  0.309   -11.623 1.00 0.00 ? 76  GLU A HA   1 
ATOM 754  H HB2  . GLU A 1 56  ? 13.888  1.254   -13.941 1.00 0.00 ? 76  GLU A HB2  1 
ATOM 755  H HB3  . GLU A 1 56  ? 13.686  2.849   -13.235 1.00 0.00 ? 76  GLU A HB3  1 
ATOM 756  H HG2  . GLU A 1 56  ? 15.954  2.603   -13.935 1.00 0.00 ? 76  GLU A HG2  1 
ATOM 757  H HG3  . GLU A 1 56  ? 15.910  2.609   -12.172 1.00 0.00 ? 76  GLU A HG3  1 
ATOM 758  N N    . ASP A 1 57  ? 12.901  3.219   -10.568 1.00 0.00 ? 77  ASP A N    1 
ATOM 759  C CA   . ASP A 1 57  ? 12.912  4.136   -9.429  1.00 0.00 ? 77  ASP A CA   1 
ATOM 760  C C    . ASP A 1 57  ? 12.636  3.380   -8.136  1.00 0.00 ? 77  ASP A C    1 
ATOM 761  O O    . ASP A 1 57  ? 13.342  3.540   -7.140  1.00 0.00 ? 77  ASP A O    1 
ATOM 762  C CB   . ASP A 1 57  ? 11.870  5.249   -9.586  1.00 0.00 ? 77  ASP A CB   1 
ATOM 763  C CG   . ASP A 1 57  ? 12.213  6.250   -10.676 1.00 0.00 ? 77  ASP A CG   1 
ATOM 764  O OD1  . ASP A 1 57  ? 13.345  6.783   -10.672 1.00 0.00 ? 77  ASP A OD1  1 
ATOM 765  O OD2  . ASP A 1 57  ? 11.346  6.525   -11.536 1.00 0.00 ? 77  ASP A OD2  1 
ATOM 766  H H    . ASP A 1 57  ? 12.280  3.386   -11.312 1.00 0.00 ? 77  ASP A H    1 
ATOM 767  H HA   . ASP A 1 57  ? 13.889  4.579   -9.373  1.00 0.00 ? 77  ASP A HA   1 
ATOM 768  H HB2  . ASP A 1 57  ? 10.917  4.802   -9.822  1.00 0.00 ? 77  ASP A HB2  1 
ATOM 769  H HB3  . ASP A 1 57  ? 11.787  5.780   -8.648  1.00 0.00 ? 77  ASP A HB3  1 
ATOM 770  N N    . LEU A 1 58  ? 11.610  2.542   -8.173  1.00 0.00 ? 78  LEU A N    1 
ATOM 771  C CA   . LEU A 1 58  ? 11.190  1.774   -7.011  1.00 0.00 ? 78  LEU A CA   1 
ATOM 772  C C    . LEU A 1 58  ? 12.110  0.581   -6.761  1.00 0.00 ? 78  LEU A C    1 
ATOM 773  O O    . LEU A 1 58  ? 11.995  -0.102  -5.742  1.00 0.00 ? 78  LEU A O    1 
ATOM 774  C CB   . LEU A 1 58  ? 9.729   1.331   -7.150  1.00 0.00 ? 78  LEU A CB   1 
ATOM 775  C CG   . LEU A 1 58  ? 8.688   2.355   -6.663  1.00 0.00 ? 78  LEU A CG   1 
ATOM 776  C CD1  . LEU A 1 58  ? 8.834   3.686   -7.385  1.00 0.00 ? 78  LEU A CD1  1 
ATOM 777  C CD2  . LEU A 1 58  ? 7.280   1.814   -6.847  1.00 0.00 ? 78  LEU A CD2  1 
ATOM 778  H H    . LEU A 1 58  ? 11.111  2.440   -9.015  1.00 0.00 ? 78  LEU A H    1 
ATOM 779  H HA   . LEU A 1 58  ? 11.259  2.430   -6.166  1.00 0.00 ? 78  LEU A HA   1 
ATOM 780  H HB2  . LEU A 1 58  ? 9.537   1.118   -8.192  1.00 0.00 ? 78  LEU A HB2  1 
ATOM 781  H HB3  . LEU A 1 58  ? 9.596   0.423   -6.584  1.00 0.00 ? 78  LEU A HB3  1 
ATOM 782  H HG   . LEU A 1 58  ? 8.841   2.534   -5.607  1.00 0.00 ? 78  LEU A HG   1 
ATOM 783  H HD11 . LEU A 1 58  ? 8.720   3.533   -8.448  1.00 0.00 ? 78  LEU A HD11 1 
ATOM 784  H HD12 . LEU A 1 58  ? 8.076   4.371   -7.035  1.00 0.00 ? 78  LEU A HD12 1 
ATOM 785  H HD13 . LEU A 1 58  ? 9.812   4.099   -7.183  1.00 0.00 ? 78  LEU A HD13 1 
ATOM 786  H HD21 . LEU A 1 58  ? 7.110   1.603   -7.892  1.00 0.00 ? 78  LEU A HD21 1 
ATOM 787  H HD22 . LEU A 1 58  ? 7.166   0.907   -6.271  1.00 0.00 ? 78  LEU A HD22 1 
ATOM 788  H HD23 . LEU A 1 58  ? 6.566   2.549   -6.506  1.00 0.00 ? 78  LEU A HD23 1 
ATOM 789  N N    . LEU A 1 59  ? 13.015  0.324   -7.694  1.00 0.00 ? 79  LEU A N    1 
ATOM 790  C CA   . LEU A 1 59  ? 14.009  -0.721  -7.509  1.00 0.00 ? 79  LEU A CA   1 
ATOM 791  C C    . LEU A 1 59  ? 15.301  -0.116  -6.964  1.00 0.00 ? 79  LEU A C    1 
ATOM 792  O O    . LEU A 1 59  ? 16.127  -0.806  -6.369  1.00 0.00 ? 79  LEU A O    1 
ATOM 793  C CB   . LEU A 1 59  ? 14.278  -1.447  -8.830  1.00 0.00 ? 79  LEU A CB   1 
ATOM 794  C CG   . LEU A 1 59  ? 15.123  -2.717  -8.729  1.00 0.00 ? 79  LEU A CG   1 
ATOM 795  C CD1  . LEU A 1 59  ? 14.448  -3.739  -7.827  1.00 0.00 ? 79  LEU A CD1  1 
ATOM 796  C CD2  . LEU A 1 59  ? 15.357  -3.301  -10.115 1.00 0.00 ? 79  LEU A CD2  1 
ATOM 797  H H    . LEU A 1 59  ? 13.007  0.838   -8.528  1.00 0.00 ? 79  LEU A H    1 
ATOM 798  H HA   . LEU A 1 59  ? 13.615  -1.424  -6.797  1.00 0.00 ? 79  LEU A HA   1 
ATOM 799  H HB2  . LEU A 1 59  ? 13.326  -1.709  -9.268  1.00 0.00 ? 79  LEU A HB2  1 
ATOM 800  H HB3  . LEU A 1 59  ? 14.781  -0.760  -9.494  1.00 0.00 ? 79  LEU A HB3  1 
ATOM 801  H HG   . LEU A 1 59  ? 16.086  -2.473  -8.301  1.00 0.00 ? 79  LEU A HG   1 
ATOM 802  H HD11 . LEU A 1 59  ? 13.472  -3.979  -8.221  1.00 0.00 ? 79  LEU A HD11 1 
ATOM 803  H HD12 . LEU A 1 59  ? 15.050  -4.635  -7.784  1.00 0.00 ? 79  LEU A HD12 1 
ATOM 804  H HD13 . LEU A 1 59  ? 14.344  -3.328  -6.833  1.00 0.00 ? 79  LEU A HD13 1 
ATOM 805  H HD21 . LEU A 1 59  ? 14.406  -3.534  -10.572 1.00 0.00 ? 79  LEU A HD21 1 
ATOM 806  H HD22 . LEU A 1 59  ? 15.884  -2.583  -10.724 1.00 0.00 ? 79  LEU A HD22 1 
ATOM 807  H HD23 . LEU A 1 59  ? 15.945  -4.203  -10.031 1.00 0.00 ? 79  LEU A HD23 1 
ATOM 808  N N    . LYS A 1 60  ? 15.459  1.188   -7.169  1.00 0.00 ? 80  LYS A N    1 
ATOM 809  C CA   . LYS A 1 60  ? 16.621  1.916   -6.672  1.00 0.00 ? 80  LYS A CA   1 
ATOM 810  C C    . LYS A 1 60  ? 16.539  2.065   -5.160  1.00 0.00 ? 80  LYS A C    1 
ATOM 811  O O    . LYS A 1 60  ? 15.484  2.398   -4.632  1.00 0.00 ? 80  LYS A O    1 
ATOM 812  C CB   . LYS A 1 60  ? 16.708  3.309   -7.310  1.00 0.00 ? 80  LYS A CB   1 
ATOM 813  C CG   . LYS A 1 60  ? 17.027  3.302   -8.796  1.00 0.00 ? 80  LYS A CG   1 
ATOM 814  C CD   . LYS A 1 60  ? 18.448  2.845   -9.062  1.00 0.00 ? 80  LYS A CD   1 
ATOM 815  C CE   . LYS A 1 60  ? 18.735  2.756   -10.550 1.00 0.00 ? 80  LYS A CE   1 
ATOM 816  N NZ   . LYS A 1 60  ? 20.145  2.380   -10.821 1.00 0.00 ? 80  LYS A NZ   1 
ATOM 817  H H    . LYS A 1 60  ? 14.768  1.677   -7.667  1.00 0.00 ? 80  LYS A H    1 
ATOM 818  H HA   . LYS A 1 60  ? 17.505  1.352   -6.926  1.00 0.00 ? 80  LYS A HA   1 
ATOM 819  H HB2  . LYS A 1 60  ? 15.763  3.813   -7.173  1.00 0.00 ? 80  LYS A HB2  1 
ATOM 820  H HB3  . LYS A 1 60  ? 17.480  3.870   -6.804  1.00 0.00 ? 80  LYS A HB3  1 
ATOM 821  H HG2  . LYS A 1 60  ? 16.345  2.631   -9.297  1.00 0.00 ? 80  LYS A HG2  1 
ATOM 822  H HG3  . LYS A 1 60  ? 16.901  4.301   -9.186  1.00 0.00 ? 80  LYS A HG3  1 
ATOM 823  H HD2  . LYS A 1 60  ? 19.132  3.550   -8.615  1.00 0.00 ? 80  LYS A HD2  1 
ATOM 824  H HD3  . LYS A 1 60  ? 18.591  1.869   -8.618  1.00 0.00 ? 80  LYS A HD3  1 
ATOM 825  H HE2  . LYS A 1 60  ? 18.083  2.013   -10.985 1.00 0.00 ? 80  LYS A HE2  1 
ATOM 826  H HE3  . LYS A 1 60  ? 18.534  3.718   -11.001 1.00 0.00 ? 80  LYS A HE3  1 
ATOM 827  H HZ1  . LYS A 1 60  ? 20.401  1.531   -10.270 1.00 0.00 ? 80  LYS A HZ1  1 
ATOM 828  H HZ2  . LYS A 1 60  ? 20.275  2.171   -11.835 1.00 0.00 ? 80  LYS A HZ2  1 
ATOM 829  H HZ3  . LYS A 1 60  ? 20.786  3.159   -10.551 1.00 0.00 ? 80  LYS A HZ3  1 
ATOM 830  N N    . PRO A 1 61  ? 17.657  1.855   -4.447  1.00 0.00 ? 81  PRO A N    1 
ATOM 831  C CA   . PRO A 1 61  ? 17.707  1.974   -2.978  1.00 0.00 ? 81  PRO A CA   1 
ATOM 832  C C    . PRO A 1 61  ? 17.242  3.345   -2.491  1.00 0.00 ? 81  PRO A C    1 
ATOM 833  O O    . PRO A 1 61  ? 16.909  3.527   -1.320  1.00 0.00 ? 81  PRO A O    1 
ATOM 834  C CB   . PRO A 1 61  ? 19.191  1.772   -2.654  1.00 0.00 ? 81  PRO A CB   1 
ATOM 835  C CG   . PRO A 1 61  ? 19.733  1.004   -3.809  1.00 0.00 ? 81  PRO A CG   1 
ATOM 836  C CD   . PRO A 1 61  ? 18.966  1.476   -5.010  1.00 0.00 ? 81  PRO A CD   1 
ATOM 837  H HA   . PRO A 1 61  ? 17.120  1.206   -2.498  1.00 0.00 ? 81  PRO A HA   1 
ATOM 838  H HB2  . PRO A 1 61  ? 19.674  2.733   -2.555  1.00 0.00 ? 81  PRO A HB2  1 
ATOM 839  H HB3  . PRO A 1 61  ? 19.289  1.218   -1.732  1.00 0.00 ? 81  PRO A HB3  1 
ATOM 840  H HG2  . PRO A 1 61  ? 20.786  1.214   -3.930  1.00 0.00 ? 81  PRO A HG2  1 
ATOM 841  H HG3  . PRO A 1 61  ? 19.574  -0.055  -3.655  1.00 0.00 ? 81  PRO A HG3  1 
ATOM 842  H HD2  . PRO A 1 61  ? 19.455  2.328   -5.459  1.00 0.00 ? 81  PRO A HD2  1 
ATOM 843  H HD3  . PRO A 1 61  ? 18.860  0.677   -5.729  1.00 0.00 ? 81  PRO A HD3  1 
ATOM 844  N N    . GLU A 1 62  ? 17.208  4.295   -3.418  1.00 0.00 ? 82  GLU A N    1 
ATOM 845  C CA   . GLU A 1 62  ? 16.845  5.672   -3.127  1.00 0.00 ? 82  GLU A CA   1 
ATOM 846  C C    . GLU A 1 62  ? 15.391  5.786   -2.676  1.00 0.00 ? 82  GLU A C    1 
ATOM 847  O O    . GLU A 1 62  ? 15.049  6.649   -1.862  1.00 0.00 ? 82  GLU A O    1 
ATOM 848  C CB   . GLU A 1 62  ? 17.045  6.530   -4.378  1.00 0.00 ? 82  GLU A CB   1 
ATOM 849  C CG   . GLU A 1 62  ? 18.324  6.217   -5.137  1.00 0.00 ? 82  GLU A CG   1 
ATOM 850  C CD   . GLU A 1 62  ? 19.567  6.419   -4.299  1.00 0.00 ? 82  GLU A CD   1 
ATOM 851  O OE1  . GLU A 1 62  ? 20.064  7.563   -4.230  1.00 0.00 ? 82  GLU A OE1  1 
ATOM 852  O OE2  . GLU A 1 62  ? 20.054  5.436   -3.702  1.00 0.00 ? 82  GLU A OE2  1 
ATOM 853  H H    . GLU A 1 62  ? 17.443  4.056   -4.337  1.00 0.00 ? 82  GLU A H    1 
ATOM 854  H HA   . GLU A 1 62  ? 17.490  6.035   -2.343  1.00 0.00 ? 82  GLU A HA   1 
ATOM 855  H HB2  . GLU A 1 62  ? 16.210  6.374   -5.045  1.00 0.00 ? 82  GLU A HB2  1 
ATOM 856  H HB3  . GLU A 1 62  ? 17.071  7.570   -4.088  1.00 0.00 ? 82  GLU A HB3  1 
ATOM 857  H HG2  . GLU A 1 62  ? 18.290  5.187   -5.460  1.00 0.00 ? 82  GLU A HG2  1 
ATOM 858  H HG3  . GLU A 1 62  ? 18.382  6.862   -6.001  1.00 0.00 ? 82  GLU A HG3  1 
ATOM 859  N N    . ASN A 1 63  ? 14.535  4.914   -3.196  1.00 0.00 ? 83  ASN A N    1 
ATOM 860  C CA   . ASN A 1 63  ? 13.099  5.063   -2.992  1.00 0.00 ? 83  ASN A CA   1 
ATOM 861  C C    . ASN A 1 63  ? 12.687  4.693   -1.569  1.00 0.00 ? 83  ASN A C    1 
ATOM 862  O O    . ASN A 1 63  ? 11.817  5.342   -1.000  1.00 0.00 ? 83  ASN A O    1 
ATOM 863  C CB   . ASN A 1 63  ? 12.291  4.246   -4.012  1.00 0.00 ? 83  ASN A CB   1 
ATOM 864  C CG   . ASN A 1 63  ? 12.099  2.798   -3.606  1.00 0.00 ? 83  ASN A CG   1 
ATOM 865  O OD1  . ASN A 1 63  ? 11.128  2.450   -2.938  1.00 0.00 ? 83  ASN A OD1  1 
ATOM 866  N ND2  . ASN A 1 63  ? 13.014  1.943   -4.016  1.00 0.00 ? 83  ASN A ND2  1 
ATOM 867  H H    . ASN A 1 63  ? 14.875  4.157   -3.724  1.00 0.00 ? 83  ASN A H    1 
ATOM 868  H HA   . ASN A 1 63  ? 12.869  6.107   -3.141  1.00 0.00 ? 83  ASN A HA   1 
ATOM 869  H HB2  . ASN A 1 63  ? 11.316  4.695   -4.127  1.00 0.00 ? 83  ASN A HB2  1 
ATOM 870  H HB3  . ASN A 1 63  ? 12.801  4.269   -4.964  1.00 0.00 ? 83  ASN A HB3  1 
ATOM 871  H HD21 . ASN A 1 63  ? 13.764  2.284   -4.557  1.00 0.00 ? 83  ASN A HD21 1 
ATOM 872  H HD22 . ASN A 1 63  ? 12.907  0.996   -3.772  1.00 0.00 ? 83  ASN A HD22 1 
ATOM 873  N N    . LYS A 1 64  ? 13.319  3.682   -0.976  1.00 0.00 ? 84  LYS A N    1 
ATOM 874  C CA   . LYS A 1 64  ? 12.920  3.244   0.360   1.00 0.00 ? 84  LYS A CA   1 
ATOM 875  C C    . LYS A 1 64  ? 13.263  4.322   1.387   1.00 0.00 ? 84  LYS A C    1 
ATOM 876  O O    . LYS A 1 64  ? 12.626  4.425   2.433   1.00 0.00 ? 84  LYS A O    1 
ATOM 877  C CB   . LYS A 1 64  ? 13.576  1.906   0.741   1.00 0.00 ? 84  LYS A CB   1 
ATOM 878  C CG   . LYS A 1 64  ? 14.939  2.048   1.398   1.00 0.00 ? 84  LYS A CG   1 
ATOM 879  C CD   . LYS A 1 64  ? 15.474  0.715   1.890   1.00 0.00 ? 84  LYS A CD   1 
ATOM 880  C CE   . LYS A 1 64  ? 16.684  0.905   2.792   1.00 0.00 ? 84  LYS A CE   1 
ATOM 881  N NZ   . LYS A 1 64  ? 17.719  1.765   2.159   1.00 0.00 ? 84  LYS A NZ   1 
ATOM 882  H H    . LYS A 1 64  ? 14.050  3.224   -1.442  1.00 0.00 ? 84  LYS A H    1 
ATOM 883  H HA   . LYS A 1 64  ? 11.847  3.114   0.349   1.00 0.00 ? 84  LYS A HA   1 
ATOM 884  H HB2  . LYS A 1 64  ? 12.924  1.382   1.425   1.00 0.00 ? 84  LYS A HB2  1 
ATOM 885  H HB3  . LYS A 1 64  ? 13.692  1.309   -0.153  1.00 0.00 ? 84  LYS A HB3  1 
ATOM 886  H HG2  . LYS A 1 64  ? 15.634  2.457   0.679   1.00 0.00 ? 84  LYS A HG2  1 
ATOM 887  H HG3  . LYS A 1 64  ? 14.851  2.722   2.238   1.00 0.00 ? 84  LYS A HG3  1 
ATOM 888  H HD2  . LYS A 1 64  ? 14.698  0.210   2.446   1.00 0.00 ? 84  LYS A HD2  1 
ATOM 889  H HD3  . LYS A 1 64  ? 15.760  0.115   1.037   1.00 0.00 ? 84  LYS A HD3  1 
ATOM 890  H HE2  . LYS A 1 64  ? 16.363  1.367   3.714   1.00 0.00 ? 84  LYS A HE2  1 
ATOM 891  H HE3  . LYS A 1 64  ? 17.113  -0.062  3.005   1.00 0.00 ? 84  LYS A HE3  1 
ATOM 892  H HZ1  . LYS A 1 64  ? 17.978  1.386   1.222   1.00 0.00 ? 84  LYS A HZ1  1 
ATOM 893  H HZ2  . LYS A 1 64  ? 17.357  2.737   2.046   1.00 0.00 ? 84  LYS A HZ2  1 
ATOM 894  H HZ3  . LYS A 1 64  ? 18.574  1.800   2.758   1.00 0.00 ? 84  LYS A HZ3  1 
ATOM 895  N N    . GLU A 1 65  ? 14.260  5.138   1.060   1.00 0.00 ? 85  GLU A N    1 
ATOM 896  C CA   . GLU A 1 65  ? 14.668  6.236   1.925   1.00 0.00 ? 85  GLU A CA   1 
ATOM 897  C C    . GLU A 1 65  ? 13.596  7.309   1.935   1.00 0.00 ? 85  GLU A C    1 
ATOM 898  O O    . GLU A 1 65  ? 13.288  7.893   2.973   1.00 0.00 ? 85  GLU A O    1 
ATOM 899  C CB   . GLU A 1 65  ? 15.992  6.833   1.444   1.00 0.00 ? 85  GLU A CB   1 
ATOM 900  C CG   . GLU A 1 65  ? 17.087  5.800   1.221   1.00 0.00 ? 85  GLU A CG   1 
ATOM 901  C CD   . GLU A 1 65  ? 17.496  5.087   2.494   1.00 0.00 ? 85  GLU A CD   1 
ATOM 902  O OE1  . GLU A 1 65  ? 16.740  4.211   2.958   1.00 0.00 ? 85  GLU A OE1  1 
ATOM 903  O OE2  . GLU A 1 65  ? 18.589  5.383   3.020   1.00 0.00 ? 85  GLU A OE2  1 
ATOM 904  H H    . GLU A 1 65  ? 14.735  4.995   0.216   1.00 0.00 ? 85  GLU A H    1 
ATOM 905  H HA   . GLU A 1 65  ? 14.788  5.852   2.928   1.00 0.00 ? 85  GLU A HA   1 
ATOM 906  H HB2  . GLU A 1 65  ? 15.822  7.351   0.512   1.00 0.00 ? 85  GLU A HB2  1 
ATOM 907  H HB3  . GLU A 1 65  ? 16.341  7.540   2.180   1.00 0.00 ? 85  GLU A HB3  1 
ATOM 908  H HG2  . GLU A 1 65  ? 16.729  5.063   0.518   1.00 0.00 ? 85  GLU A HG2  1 
ATOM 909  H HG3  . GLU A 1 65  ? 17.954  6.297   0.810   1.00 0.00 ? 85  GLU A HG3  1 
ATOM 910  N N    . LYS A 1 66  ? 13.010  7.557   0.769   1.00 0.00 ? 86  LYS A N    1 
ATOM 911  C CA   . LYS A 1 66  ? 11.952  8.542   0.663   1.00 0.00 ? 86  LYS A CA   1 
ATOM 912  C C    . LYS A 1 66  ? 10.627  7.930   1.112   1.00 0.00 ? 86  LYS A C    1 
ATOM 913  O O    . LYS A 1 66  ? 9.712   8.646   1.501   1.00 0.00 ? 86  LYS A O    1 
ATOM 914  C CB   . LYS A 1 66  ? 11.854  9.118   -0.755  1.00 0.00 ? 86  LYS A CB   1 
ATOM 915  C CG   . LYS A 1 66  ? 11.209  8.194   -1.775  1.00 0.00 ? 86  LYS A CG   1 
ATOM 916  C CD   . LYS A 1 66  ? 11.142  8.836   -3.154  1.00 0.00 ? 86  LYS A CD   1 
ATOM 917  C CE   . LYS A 1 66  ? 10.473  10.205  -3.111  1.00 0.00 ? 86  LYS A CE   1 
ATOM 918  N NZ   . LYS A 1 66  ? 9.177   10.179  -2.383  1.00 0.00 ? 86  LYS A NZ   1 
ATOM 919  H H    . LYS A 1 66  ? 13.299  7.067   -0.031  1.00 0.00 ? 86  LYS A H    1 
ATOM 920  H HA   . LYS A 1 66  ? 12.197  9.344   1.345   1.00 0.00 ? 86  LYS A HA   1 
ATOM 921  H HB2  . LYS A 1 66  ? 11.274  10.027  -0.717  1.00 0.00 ? 86  LYS A HB2  1 
ATOM 922  H HB3  . LYS A 1 66  ? 12.849  9.355   -1.100  1.00 0.00 ? 86  LYS A HB3  1 
ATOM 923  H HG2  . LYS A 1 66  ? 11.788  7.286   -1.840  1.00 0.00 ? 86  LYS A HG2  1 
ATOM 924  H HG3  . LYS A 1 66  ? 10.206  7.961   -1.448  1.00 0.00 ? 86  LYS A HG3  1 
ATOM 925  H HD2  . LYS A 1 66  ? 12.144  8.950   -3.537  1.00 0.00 ? 86  LYS A HD2  1 
ATOM 926  H HD3  . LYS A 1 66  ? 10.577  8.191   -3.811  1.00 0.00 ? 86  LYS A HD3  1 
ATOM 927  H HE2  . LYS A 1 66  ? 11.137  10.898  -2.615  1.00 0.00 ? 86  LYS A HE2  1 
ATOM 928  H HE3  . LYS A 1 66  ? 10.301  10.539  -4.124  1.00 0.00 ? 86  LYS A HE3  1 
ATOM 929  H HZ1  . LYS A 1 66  ? 8.607   9.357   -2.695  1.00 0.00 ? 86  LYS A HZ1  1 
ATOM 930  H HZ2  . LYS A 1 66  ? 9.340   10.099  -1.362  1.00 0.00 ? 86  LYS A HZ2  1 
ATOM 931  H HZ3  . LYS A 1 66  ? 8.640   11.049  -2.573  1.00 0.00 ? 86  LYS A HZ3  1 
ATOM 932  N N    . LEU A 1 67  ? 10.528  6.601   1.048   1.00 0.00 ? 87  LEU A N    1 
ATOM 933  C CA   . LEU A 1 67  ? 9.380   5.893   1.612   1.00 0.00 ? 87  LEU A CA   1 
ATOM 934  C C    . LEU A 1 67  ? 9.306   6.142   3.110   1.00 0.00 ? 87  LEU A C    1 
ATOM 935  O O    . LEU A 1 67  ? 8.222   6.249   3.673   1.00 0.00 ? 87  LEU A O    1 
ATOM 936  C CB   . LEU A 1 67  ? 9.457   4.386   1.341   1.00 0.00 ? 87  LEU A CB   1 
ATOM 937  C CG   . LEU A 1 67  ? 9.260   3.965   -0.116  1.00 0.00 ? 87  LEU A CG   1 
ATOM 938  C CD1  . LEU A 1 67  ? 9.310   2.449   -0.241  1.00 0.00 ? 87  LEU A CD1  1 
ATOM 939  C CD2  . LEU A 1 67  ? 7.944   4.502   -0.658  1.00 0.00 ? 87  LEU A CD2  1 
ATOM 940  H H    . LEU A 1 67  ? 11.233  6.087   0.598   1.00 0.00 ? 87  LEU A H    1 
ATOM 941  H HA   . LEU A 1 67  ? 8.487   6.290   1.150   1.00 0.00 ? 87  LEU A HA   1 
ATOM 942  H HB2  . LEU A 1 67  ? 10.426  4.036   1.664   1.00 0.00 ? 87  LEU A HB2  1 
ATOM 943  H HB3  . LEU A 1 67  ? 8.702   3.897   1.938   1.00 0.00 ? 87  LEU A HB3  1 
ATOM 944  H HG   . LEU A 1 67  ? 10.061  4.374   -0.714  1.00 0.00 ? 87  LEU A HG   1 
ATOM 945  H HD11 . LEU A 1 67  ? 10.265  2.090   0.113   1.00 0.00 ? 87  LEU A HD11 1 
ATOM 946  H HD12 . LEU A 1 67  ? 8.520   2.013   0.353   1.00 0.00 ? 87  LEU A HD12 1 
ATOM 947  H HD13 . LEU A 1 67  ? 9.179   2.168   -1.275  1.00 0.00 ? 87  LEU A HD13 1 
ATOM 948  H HD21 . LEU A 1 67  ? 7.925   5.578   -0.556  1.00 0.00 ? 87  LEU A HD21 1 
ATOM 949  H HD22 . LEU A 1 67  ? 7.849   4.238   -1.700  1.00 0.00 ? 87  LEU A HD22 1 
ATOM 950  H HD23 . LEU A 1 67  ? 7.123   4.073   -0.101  1.00 0.00 ? 87  LEU A HD23 1 
ATOM 951  N N    . THR A 1 68  ? 10.469  6.236   3.745   1.00 0.00 ? 88  THR A N    1 
ATOM 952  C CA   . THR A 1 68  ? 10.547  6.623   5.145   1.00 0.00 ? 88  THR A CA   1 
ATOM 953  C C    . THR A 1 68  ? 9.826   7.953   5.371   1.00 0.00 ? 88  THR A C    1 
ATOM 954  O O    . THR A 1 68  ? 9.095   8.123   6.342   1.00 0.00 ? 88  THR A O    1 
ATOM 955  C CB   . THR A 1 68  ? 12.017  6.755   5.596   1.00 0.00 ? 88  THR A CB   1 
ATOM 956  O OG1  . THR A 1 68  ? 12.675  5.479   5.534   1.00 0.00 ? 88  THR A OG1  1 
ATOM 957  C CG2  . THR A 1 68  ? 12.114  7.327   7.003   1.00 0.00 ? 88  THR A CG2  1 
ATOM 958  H H    . THR A 1 68  ? 11.299  6.025   3.261   1.00 0.00 ? 88  THR A H    1 
ATOM 959  H HA   . THR A 1 68  ? 10.071  5.854   5.737   1.00 0.00 ? 88  THR A HA   1 
ATOM 960  H HB   . THR A 1 68  ? 12.516  7.434   4.917   1.00 0.00 ? 88  THR A HB   1 
ATOM 961  H HG1  . THR A 1 68  ? 12.259  4.873   6.159   1.00 0.00 ? 88  THR A HG1  1 
ATOM 962  H HG21 . THR A 1 68  ? 11.553  6.708   7.686   1.00 0.00 ? 88  THR A HG21 1 
ATOM 963  H HG22 . THR A 1 68  ? 13.149  7.359   7.310   1.00 0.00 ? 88  THR A HG22 1 
ATOM 964  H HG23 . THR A 1 68  ? 11.705  8.330   7.010   1.00 0.00 ? 88  THR A HG23 1 
ATOM 965  N N    . GLU A 1 69  ? 10.039  8.885   4.454   1.00 0.00 ? 89  GLU A N    1 
ATOM 966  C CA   . GLU A 1 69  ? 9.406   10.195  4.512   1.00 0.00 ? 89  GLU A CA   1 
ATOM 967  C C    . GLU A 1 69  ? 7.928   10.126  4.135   1.00 0.00 ? 89  GLU A C    1 
ATOM 968  O O    . GLU A 1 69  ? 7.070   10.717  4.793   1.00 0.00 ? 89  GLU A O    1 
ATOM 969  C CB   . GLU A 1 69  ? 10.133  11.146  3.559   1.00 0.00 ? 89  GLU A CB   1 
ATOM 970  C CG   . GLU A 1 69  ? 9.376   12.431  3.273   1.00 0.00 ? 89  GLU A CG   1 
ATOM 971  C CD   . GLU A 1 69  ? 10.092  13.305  2.268   1.00 0.00 ? 89  GLU A CD   1 
ATOM 972  O OE1  . GLU A 1 69  ? 10.951  14.112  2.676   1.00 0.00 ? 89  GLU A OE1  1 
ATOM 973  O OE2  . GLU A 1 69  ? 9.800   13.191  1.060   1.00 0.00 ? 89  GLU A OE2  1 
ATOM 974  H H    . GLU A 1 69  ? 10.636  8.682   3.701   1.00 0.00 ? 89  GLU A H    1 
ATOM 975  H HA   . GLU A 1 69  ? 9.498   10.569  5.520   1.00 0.00 ? 89  GLU A HA   1 
ATOM 976  H HB2  . GLU A 1 69  ? 11.087  11.406  3.991   1.00 0.00 ? 89  GLU A HB2  1 
ATOM 977  H HB3  . GLU A 1 69  ? 10.300  10.637  2.621   1.00 0.00 ? 89  GLU A HB3  1 
ATOM 978  H HG2  . GLU A 1 69  ? 8.397   12.180  2.879   1.00 0.00 ? 89  GLU A HG2  1 
ATOM 979  H HG3  . GLU A 1 69  ? 9.265   12.978  4.196   1.00 0.00 ? 89  GLU A HG3  1 
ATOM 980  N N    . ILE A 1 70  ? 7.645   9.386   3.081   1.00 0.00 ? 90  ILE A N    1 
ATOM 981  C CA   . ILE A 1 70  ? 6.379   9.500   2.380   1.00 0.00 ? 90  ILE A CA   1 
ATOM 982  C C    . ILE A 1 70  ? 5.364   8.434   2.804   1.00 0.00 ? 90  ILE A C    1 
ATOM 983  O O    . ILE A 1 70  ? 4.240   8.394   2.292   1.00 0.00 ? 90  ILE A O    1 
ATOM 984  C CB   . ILE A 1 70  ? 6.640   9.442   0.855   1.00 0.00 ? 90  ILE A CB   1 
ATOM 985  C CG1  . ILE A 1 70  ? 5.846   10.533  0.158   1.00 0.00 ? 90  ILE A CG1  1 
ATOM 986  C CG2  . ILE A 1 70  ? 6.333   8.072   0.265   1.00 0.00 ? 90  ILE A CG2  1 
ATOM 987  C CD1  . ILE A 1 70  ? 6.228   11.919  0.625   1.00 0.00 ? 90  ILE A CD1  1 
ATOM 988  H H    . ILE A 1 70  ? 8.315   8.747   2.753   1.00 0.00 ? 90  ILE A H    1 
ATOM 989  H HA   . ILE A 1 70  ? 5.967   10.472  2.606   1.00 0.00 ? 90  ILE A HA   1 
ATOM 990  H HB   . ILE A 1 70  ? 7.690   9.632   0.698   1.00 0.00 ? 90  ILE A HB   1 
ATOM 991  H HG12 . ILE A 1 70  ? 6.023   10.477  -0.907  1.00 0.00 ? 90  ILE A HG12 1 
ATOM 992  H HG13 . ILE A 1 70  ? 4.793   10.390  0.355   1.00 0.00 ? 90  ILE A HG13 1 
ATOM 993  H HG21 . ILE A 1 70  ? 6.954   7.326   0.741   1.00 0.00 ? 90  ILE A HG21 1 
ATOM 994  H HG22 . ILE A 1 70  ? 5.292   7.831   0.432   1.00 0.00 ? 90  ILE A HG22 1 
ATOM 995  H HG23 . ILE A 1 70  ? 6.533   8.083   -0.797  1.00 0.00 ? 90  ILE A HG23 1 
ATOM 996  H HD11 . ILE A 1 70  ? 7.286   12.070  0.467   1.00 0.00 ? 90  ILE A HD11 1 
ATOM 997  H HD12 . ILE A 1 70  ? 5.672   12.656  0.065   1.00 0.00 ? 90  ILE A HD12 1 
ATOM 998  H HD13 . ILE A 1 70  ? 6.004   12.019  1.678   1.00 0.00 ? 90  ILE A HD13 1 
ATOM 999  N N    . LEU A 1 71  ? 5.753   7.608   3.769   1.00 0.00 ? 91  LEU A N    1 
ATOM 1000 C CA   . LEU A 1 71  ? 4.928   6.489   4.227   1.00 0.00 ? 91  LEU A CA   1 
ATOM 1001 C C    . LEU A 1 71  ? 3.498   6.925   4.541   1.00 0.00 ? 91  LEU A C    1 
ATOM 1002 O O    . LEU A 1 71  ? 2.546   6.210   4.248   1.00 0.00 ? 91  LEU A O    1 
ATOM 1003 C CB   . LEU A 1 71  ? 5.545   5.832   5.473   1.00 0.00 ? 91  LEU A CB   1 
ATOM 1004 C CG   . LEU A 1 71  ? 5.334   6.567   6.810   1.00 0.00 ? 91  LEU A CG   1 
ATOM 1005 C CD1  . LEU A 1 71  ? 5.767   5.688   7.974   1.00 0.00 ? 91  LEU A CD1  1 
ATOM 1006 C CD2  . LEU A 1 71  ? 6.091   7.888   6.845   1.00 0.00 ? 91  LEU A CD2  1 
ATOM 1007 H H    . LEU A 1 71  ? 6.635   7.745   4.180   1.00 0.00 ? 91  LEU A H    1 
ATOM 1008 H HA   . LEU A 1 71  ? 4.898   5.760   3.432   1.00 0.00 ? 91  LEU A HA   1 
ATOM 1009 H HB2  . LEU A 1 71  ? 5.129   4.840   5.568   1.00 0.00 ? 91  LEU A HB2  1 
ATOM 1010 H HB3  . LEU A 1 71  ? 6.608   5.738   5.309   1.00 0.00 ? 91  LEU A HB3  1 
ATOM 1011 H HG   . LEU A 1 71  ? 4.282   6.780   6.931   1.00 0.00 ? 91  LEU A HG   1 
ATOM 1012 H HD11 . LEU A 1 71  ? 6.810   5.431   7.862   1.00 0.00 ? 91  LEU A HD11 1 
ATOM 1013 H HD12 . LEU A 1 71  ? 5.623   6.223   8.901   1.00 0.00 ? 91  LEU A HD12 1 
ATOM 1014 H HD13 . LEU A 1 71  ? 5.173   4.785   7.984   1.00 0.00 ? 91  LEU A HD13 1 
ATOM 1015 H HD21 . LEU A 1 71  ? 5.744   8.523   6.042   1.00 0.00 ? 91  LEU A HD21 1 
ATOM 1016 H HD22 . LEU A 1 71  ? 5.917   8.380   7.791   1.00 0.00 ? 91  LEU A HD22 1 
ATOM 1017 H HD23 . LEU A 1 71  ? 7.148   7.701   6.725   1.00 0.00 ? 91  LEU A HD23 1 
ATOM 1018 N N    . THR A 1 72  ? 3.363   8.116   5.095   1.00 0.00 ? 92  THR A N    1 
ATOM 1019 C CA   . THR A 1 72  ? 2.102   8.603   5.622   1.00 0.00 ? 92  THR A CA   1 
ATOM 1020 C C    . THR A 1 72  ? 0.987   8.709   4.568   1.00 0.00 ? 92  THR A C    1 
ATOM 1021 O O    . THR A 1 72  ? -0.193  8.623   4.906   1.00 0.00 ? 92  THR A O    1 
ATOM 1022 C CB   . THR A 1 72  ? 2.339   9.968   6.288   1.00 0.00 ? 92  THR A CB   1 
ATOM 1023 O OG1  . THR A 1 72  ? 3.538   10.551  5.753   1.00 0.00 ? 92  THR A OG1  1 
ATOM 1024 C CG2  . THR A 1 72  ? 2.474   9.821   7.794   1.00 0.00 ? 92  THR A CG2  1 
ATOM 1025 H H    . THR A 1 72  ? 4.148   8.699   5.156   1.00 0.00 ? 92  THR A H    1 
ATOM 1026 H HA   . THR A 1 72  ? 1.784   7.917   6.392   1.00 0.00 ? 92  THR A HA   1 
ATOM 1027 H HB   . THR A 1 72  ? 1.502   10.614  6.072   1.00 0.00 ? 92  THR A HB   1 
ATOM 1028 H HG1  . THR A 1 72  ? 3.321   11.403  5.328   1.00 0.00 ? 92  THR A HG1  1 
ATOM 1029 H HG21 . THR A 1 72  ? 1.574   9.379   8.193   1.00 0.00 ? 92  THR A HG21 1 
ATOM 1030 H HG22 . THR A 1 72  ? 3.318   9.185   8.020   1.00 0.00 ? 92  THR A HG22 1 
ATOM 1031 H HG23 . THR A 1 72  ? 2.627   10.793  8.240   1.00 0.00 ? 92  THR A HG23 1 
ATOM 1032 N N    . TYR A 1 73  ? 1.347   8.881   3.300   1.00 0.00 ? 93  TYR A N    1 
ATOM 1033 C CA   . TYR A 1 73  ? 0.344   9.020   2.241   1.00 0.00 ? 93  TYR A CA   1 
ATOM 1034 C C    . TYR A 1 73  ? 0.065   7.664   1.592   1.00 0.00 ? 93  TYR A C    1 
ATOM 1035 O O    . TYR A 1 73  ? -0.845  7.517   0.783   1.00 0.00 ? 93  TYR A O    1 
ATOM 1036 C CB   . TYR A 1 73  ? 0.821   10.044  1.203   1.00 0.00 ? 93  TYR A CB   1 
ATOM 1037 C CG   . TYR A 1 73  ? -0.242  10.513  0.225   1.00 0.00 ? 93  TYR A CG   1 
ATOM 1038 C CD1  . TYR A 1 73  ? -1.080  11.574  0.548   1.00 0.00 ? 93  TYR A CD1  1 
ATOM 1039 C CD2  . TYR A 1 73  ? -0.393  9.917   -1.028  1.00 0.00 ? 93  TYR A CD2  1 
ATOM 1040 C CE1  . TYR A 1 73  ? -2.039  12.024  -0.341  1.00 0.00 ? 93  TYR A CE1  1 
ATOM 1041 C CE2  . TYR A 1 73  ? -1.345  10.369  -1.921  1.00 0.00 ? 93  TYR A CE2  1 
ATOM 1042 C CZ   . TYR A 1 73  ? -2.164  11.421  -1.573  1.00 0.00 ? 93  TYR A CZ   1 
ATOM 1043 O OH   . TYR A 1 73  ? -3.105  11.879  -2.467  1.00 0.00 ? 93  TYR A OH   1 
ATOM 1044 H H    . TYR A 1 73  ? 2.299   8.919   3.069   1.00 0.00 ? 93  TYR A H    1 
ATOM 1045 H HA   . TYR A 1 73  ? -0.566  9.381   2.695   1.00 0.00 ? 93  TYR A HA   1 
ATOM 1046 H HB2  . TYR A 1 73  ? 1.183   10.916  1.726   1.00 0.00 ? 93  TYR A HB2  1 
ATOM 1047 H HB3  . TYR A 1 73  ? 1.632   9.615   0.633   1.00 0.00 ? 93  TYR A HB3  1 
ATOM 1048 H HD1  . TYR A 1 73  ? -0.981  12.047  1.514   1.00 0.00 ? 93  TYR A HD1  1 
ATOM 1049 H HD2  . TYR A 1 73  ? 0.246   9.089   -1.303  1.00 0.00 ? 93  TYR A HD2  1 
ATOM 1050 H HE1  . TYR A 1 73  ? -2.683  12.849  -0.070  1.00 0.00 ? 93  TYR A HE1  1 
ATOM 1051 H HE2  . TYR A 1 73  ? -1.447  9.894   -2.886  1.00 0.00 ? 93  TYR A HE2  1 
ATOM 1052 H HH   . TYR A 1 73  ? -3.014  12.835  -2.566  1.00 0.00 ? 93  TYR A HH   1 
ATOM 1053 N N    . HIS A 1 74  ? 0.846   6.670   1.976   1.00 0.00 ? 94  HIS A N    1 
ATOM 1054 C CA   . HIS A 1 74  ? 0.684   5.317   1.466   1.00 0.00 ? 94  HIS A CA   1 
ATOM 1055 C C    . HIS A 1 74  ? 0.084   4.441   2.554   1.00 0.00 ? 94  HIS A C    1 
ATOM 1056 O O    . HIS A 1 74  ? -0.489  3.381   2.288   1.00 0.00 ? 94  HIS A O    1 
ATOM 1057 C CB   . HIS A 1 74  ? 2.040   4.759   1.019   1.00 0.00 ? 94  HIS A CB   1 
ATOM 1058 C CG   . HIS A 1 74  ? 1.980   3.378   0.452   1.00 0.00 ? 94  HIS A CG   1 
ATOM 1059 N ND1  . HIS A 1 74  ? 2.482   2.276   1.110   1.00 0.00 ? 94  HIS A ND1  1 
ATOM 1060 C CD2  . HIS A 1 74  ? 1.493   2.924   -0.722  1.00 0.00 ? 94  HIS A CD2  1 
ATOM 1061 C CE1  . HIS A 1 74  ? 2.307   1.205   0.363   1.00 0.00 ? 94  HIS A CE1  1 
ATOM 1062 N NE2  . HIS A 1 74  ? 1.708   1.571   -0.754  1.00 0.00 ? 94  HIS A NE2  1 
ATOM 1063 H H    . HIS A 1 74  ? 1.543   6.846   2.639   1.00 0.00 ? 94  HIS A H    1 
ATOM 1064 H HA   . HIS A 1 74  ? 0.011   5.348   0.621   1.00 0.00 ? 94  HIS A HA   1 
ATOM 1065 H HB2  . HIS A 1 74  ? 2.452   5.405   0.261   1.00 0.00 ? 94  HIS A HB2  1 
ATOM 1066 H HB3  . HIS A 1 74  ? 2.705   4.738   1.867   1.00 0.00 ? 94  HIS A HB3  1 
ATOM 1067 H HD1  . HIS A 1 74  ? 2.904   2.280   1.996   1.00 0.00 ? 94  HIS A HD1  1 
ATOM 1068 H HD2  . HIS A 1 74  ? 1.024   3.518   -1.495  1.00 0.00 ? 94  HIS A HD2  1 
ATOM 1069 H HE1  . HIS A 1 74  ? 2.606   0.200   0.621   1.00 0.00 ? 94  HIS A HE1  1 
ATOM 1070 H HE2  . HIS A 1 74  ? 1.302   0.947   -1.404  1.00 0.00 ? 94  HIS A HE2  1 
ATOM 1071 N N    . VAL A 1 75  ? 0.256   4.895   3.784   1.00 0.00 ? 95  VAL A N    1 
ATOM 1072 C CA   . VAL A 1 75  ? -0.309  4.239   4.945   1.00 0.00 ? 95  VAL A CA   1 
ATOM 1073 C C    . VAL A 1 75  ? -1.613  4.912   5.331   1.00 0.00 ? 95  VAL A C    1 
ATOM 1074 O O    . VAL A 1 75  ? -1.658  6.116   5.587   1.00 0.00 ? 95  VAL A O    1 
ATOM 1075 C CB   . VAL A 1 75  ? 0.660   4.284   6.147   1.00 0.00 ? 95  VAL A CB   1 
ATOM 1076 C CG1  . VAL A 1 75  ? 0.026   3.660   7.383   1.00 0.00 ? 95  VAL A CG1  1 
ATOM 1077 C CG2  . VAL A 1 75  ? 1.969   3.586   5.804   1.00 0.00 ? 95  VAL A CG2  1 
ATOM 1078 H H    . VAL A 1 75  ? 0.786   5.707   3.918   1.00 0.00 ? 95  VAL A H    1 
ATOM 1079 H HA   . VAL A 1 75  ? -0.501  3.206   4.693   1.00 0.00 ? 95  VAL A HA   1 
ATOM 1080 H HB   . VAL A 1 75  ? 0.877   5.322   6.367   1.00 0.00 ? 95  VAL A HB   1 
ATOM 1081 H HG11 . VAL A 1 75  ? -0.878  4.197   7.635   1.00 0.00 ? 95  VAL A HG11 1 
ATOM 1082 H HG12 . VAL A 1 75  ? -0.215  2.626   7.180   1.00 0.00 ? 95  VAL A HG12 1 
ATOM 1083 H HG13 . VAL A 1 75  ? 0.718   3.713   8.210   1.00 0.00 ? 95  VAL A HG13 1 
ATOM 1084 H HG21 . VAL A 1 75  ? 1.770   2.560   5.531   1.00 0.00 ? 95  VAL A HG21 1 
ATOM 1085 H HG22 . VAL A 1 75  ? 2.440   4.093   4.973   1.00 0.00 ? 95  VAL A HG22 1 
ATOM 1086 H HG23 . VAL A 1 75  ? 2.627   3.610   6.660   1.00 0.00 ? 95  VAL A HG23 1 
ATOM 1087 N N    . VAL A 1 76  ? -2.671  4.138   5.335   1.00 0.00 ? 96  VAL A N    1 
ATOM 1088 C CA   . VAL A 1 76  ? -3.963  4.617   5.768   1.00 0.00 ? 96  VAL A CA   1 
ATOM 1089 C C    . VAL A 1 76  ? -4.279  4.008   7.132   1.00 0.00 ? 96  VAL A C    1 
ATOM 1090 O O    . VAL A 1 76  ? -3.984  2.832   7.368   1.00 0.00 ? 96  VAL A O    1 
ATOM 1091 C CB   . VAL A 1 76  ? -5.048  4.261   4.724   1.00 0.00 ? 96  VAL A CB   1 
ATOM 1092 C CG1  . VAL A 1 76  ? -6.435  4.687   5.187   1.00 0.00 ? 96  VAL A CG1  1 
ATOM 1093 C CG2  . VAL A 1 76  ? -4.707  4.900   3.384   1.00 0.00 ? 96  VAL A CG2  1 
ATOM 1094 H H    . VAL A 1 76  ? -2.586  3.205   5.040   1.00 0.00 ? 96  VAL A H    1 
ATOM 1095 H HA   . VAL A 1 76  ? -3.912  5.693   5.862   1.00 0.00 ? 96  VAL A HA   1 
ATOM 1096 H HB   . VAL A 1 76  ? -5.052  3.190   4.592   1.00 0.00 ? 96  VAL A HB   1 
ATOM 1097 H HG11 . VAL A 1 76  ? -6.672  4.190   6.117   1.00 0.00 ? 96  VAL A HG11 1 
ATOM 1098 H HG12 . VAL A 1 76  ? -6.451  5.757   5.337   1.00 0.00 ? 96  VAL A HG12 1 
ATOM 1099 H HG13 . VAL A 1 76  ? -7.163  4.417   4.438   1.00 0.00 ? 96  VAL A HG13 1 
ATOM 1100 H HG21 . VAL A 1 76  ? -3.731  4.563   3.062   1.00 0.00 ? 96  VAL A HG21 1 
ATOM 1101 H HG22 . VAL A 1 76  ? -5.447  4.619   2.651   1.00 0.00 ? 96  VAL A HG22 1 
ATOM 1102 H HG23 . VAL A 1 76  ? -4.695  5.974   3.491   1.00 0.00 ? 96  VAL A HG23 1 
ATOM 1103 N N    . PRO A 1 77  ? -4.822  4.808   8.066   1.00 0.00 ? 97  PRO A N    1 
ATOM 1104 C CA   . PRO A 1 77  ? -5.123  4.351   9.429   1.00 0.00 ? 97  PRO A CA   1 
ATOM 1105 C C    . PRO A 1 77  ? -6.053  3.143   9.471   1.00 0.00 ? 97  PRO A C    1 
ATOM 1106 O O    . PRO A 1 77  ? -6.680  2.781   8.474   1.00 0.00 ? 97  PRO A O    1 
ATOM 1107 C CB   . PRO A 1 77  ? -5.800  5.554   10.080  1.00 0.00 ? 97  PRO A CB   1 
ATOM 1108 C CG   . PRO A 1 77  ? -5.348  6.727   9.283   1.00 0.00 ? 97  PRO A CG   1 
ATOM 1109 C CD   . PRO A 1 77  ? -5.171  6.226   7.879   1.00 0.00 ? 97  PRO A CD   1 
ATOM 1110 H HA   . PRO A 1 77  ? -4.217  4.115   9.969   1.00 0.00 ? 97  PRO A HA   1 
ATOM 1111 H HB2  . PRO A 1 77  ? -6.873  5.430   10.036  1.00 0.00 ? 97  PRO A HB2  1 
ATOM 1112 H HB3  . PRO A 1 77  ? -5.483  5.630   11.108  1.00 0.00 ? 97  PRO A HB3  1 
ATOM 1113 H HG2  . PRO A 1 77  ? -6.096  7.505   9.314   1.00 0.00 ? 97  PRO A HG2  1 
ATOM 1114 H HG3  . PRO A 1 77  ? -4.408  7.093   9.669   1.00 0.00 ? 97  PRO A HG3  1 
ATOM 1115 H HD2  . PRO A 1 77  ? -6.093  6.327   7.324   1.00 0.00 ? 97  PRO A HD2  1 
ATOM 1116 H HD3  . PRO A 1 77  ? -4.371  6.758   7.386   1.00 0.00 ? 97  PRO A HD3  1 
ATOM 1117 N N    . GLY A 1 78  ? -6.136  2.538   10.642  1.00 0.00 ? 98  GLY A N    1 
ATOM 1118 C CA   . GLY A 1 78  ? -6.920  1.338   10.827  1.00 0.00 ? 98  GLY A CA   1 
ATOM 1119 C C    . GLY A 1 78  ? -8.405  1.574   10.805  1.00 0.00 ? 98  GLY A C    1 
ATOM 1120 O O    . GLY A 1 78  ? -9.056  1.635   11.849  1.00 0.00 ? 98  GLY A O    1 
ATOM 1121 H H    . GLY A 1 78  ? -5.644  2.910   11.403  1.00 0.00 ? 98  GLY A H    1 
ATOM 1122 H HA2  . GLY A 1 78  ? -6.670  0.638   10.043  1.00 0.00 ? 98  GLY A HA2  1 
ATOM 1123 H HA3  . GLY A 1 78  ? -6.653  0.898   11.777  1.00 0.00 ? 98  GLY A HA3  1 
ATOM 1124 N N    . GLU A 1 79  ? -8.932  1.694   9.613   1.00 0.00 ? 99  GLU A N    1 
ATOM 1125 C CA   . GLU A 1 79  ? -10.346 1.867   9.405   1.00 0.00 ? 99  GLU A CA   1 
ATOM 1126 C C    . GLU A 1 79  ? -10.778 0.951   8.277   1.00 0.00 ? 99  GLU A C    1 
ATOM 1127 O O    . GLU A 1 79  ? -10.030 0.752   7.317   1.00 0.00 ? 99  GLU A O    1 
ATOM 1128 C CB   . GLU A 1 79  ? -10.645 3.322   9.069   1.00 0.00 ? 99  GLU A CB   1 
ATOM 1129 C CG   . GLU A 1 79  ? -12.115 3.689   9.191   1.00 0.00 ? 99  GLU A CG   1 
ATOM 1130 C CD   . GLU A 1 79  ? -12.585 3.705   10.633  1.00 0.00 ? 99  GLU A CD   1 
ATOM 1131 O OE1  . GLU A 1 79  ? -12.593 2.635   11.278  1.00 0.00 ? 99  GLU A OE1  1 
ATOM 1132 O OE2  . GLU A 1 79  ? -12.925 4.796   11.137  1.00 0.00 ? 99  GLU A OE2  1 
ATOM 1133 H H    . GLU A 1 79  ? -8.338  1.671   8.831   1.00 0.00 ? 99  GLU A H    1 
ATOM 1134 H HA   . GLU A 1 79  ? -10.863 1.590   10.313  1.00 0.00 ? 99  GLU A HA   1 
ATOM 1135 H HB2  . GLU A 1 79  ? -10.079 3.949   9.742   1.00 0.00 ? 99  GLU A HB2  1 
ATOM 1136 H HB3  . GLU A 1 79  ? -10.327 3.514   8.057   1.00 0.00 ? 99  GLU A HB3  1 
ATOM 1137 H HG2  . GLU A 1 79  ? -12.266 4.670   8.766   1.00 0.00 ? 99  GLU A HG2  1 
ATOM 1138 H HG3  . GLU A 1 79  ? -12.701 2.964   8.646   1.00 0.00 ? 99  GLU A HG3  1 
ATOM 1139 N N    . VAL A 1 80  ? -11.961 0.377   8.390   1.00 0.00 ? 100 VAL A N    1 
ATOM 1140 C CA   . VAL A 1 80  ? -12.395 -0.618  7.427   1.00 0.00 ? 100 VAL A CA   1 
ATOM 1141 C C    . VAL A 1 80  ? -12.998 0.049   6.198   1.00 0.00 ? 100 VAL A C    1 
ATOM 1142 O O    . VAL A 1 80  ? -13.795 0.981   6.306   1.00 0.00 ? 100 VAL A O    1 
ATOM 1143 C CB   . VAL A 1 80  ? -13.416 -1.598  8.031   1.00 0.00 ? 100 VAL A CB   1 
ATOM 1144 C CG1  . VAL A 1 80  ? -13.589 -2.795  7.116   1.00 0.00 ? 100 VAL A CG1  1 
ATOM 1145 C CG2  . VAL A 1 80  ? -12.987 -2.039  9.422   1.00 0.00 ? 100 VAL A CG2  1 
ATOM 1146 H H    . VAL A 1 80  ? -12.554 0.635   9.126   1.00 0.00 ? 100 VAL A H    1 
ATOM 1147 H HA   . VAL A 1 80  ? -11.525 -1.183  7.122   1.00 0.00 ? 100 VAL A HA   1 
ATOM 1148 H HB   . VAL A 1 80  ? -14.368 -1.093  8.112   1.00 0.00 ? 100 VAL A HB   1 
ATOM 1149 H HG11 . VAL A 1 80  ? -13.941 -2.461  6.149   1.00 0.00 ? 100 VAL A HG11 1 
ATOM 1150 H HG12 . VAL A 1 80  ? -12.641 -3.298  6.997   1.00 0.00 ? 100 VAL A HG12 1 
ATOM 1151 H HG13 . VAL A 1 80  ? -14.308 -3.476  7.546   1.00 0.00 ? 100 VAL A HG13 1 
ATOM 1152 H HG21 . VAL A 1 80  ? -12.015 -2.505  9.368   1.00 0.00 ? 100 VAL A HG21 1 
ATOM 1153 H HG22 . VAL A 1 80  ? -12.940 -1.180  10.073  1.00 0.00 ? 100 VAL A HG22 1 
ATOM 1154 H HG23 . VAL A 1 80  ? -13.704 -2.747  9.811   1.00 0.00 ? 100 VAL A HG23 1 
ATOM 1155 N N    . MET A 1 81  ? -12.612 -0.446  5.030   1.00 0.00 ? 101 MET A N    1 
ATOM 1156 C CA   . MET A 1 81  ? -12.986 0.166   3.766   1.00 0.00 ? 101 MET A CA   1 
ATOM 1157 C C    . MET A 1 81  ? -14.376 -0.286  3.311   1.00 0.00 ? 101 MET A C    1 
ATOM 1158 O O    . MET A 1 81  ? -15.043 -1.066  3.988   1.00 0.00 ? 101 MET A O    1 
ATOM 1159 C CB   . MET A 1 81  ? -11.920 -0.117  2.694   1.00 0.00 ? 101 MET A CB   1 
ATOM 1160 C CG   . MET A 1 81  ? -11.920 -1.537  2.147   1.00 0.00 ? 101 MET A CG   1 
ATOM 1161 S SD   . MET A 1 81  ? -12.929 -1.712  0.663   1.00 0.00 ? 101 MET A SD   1 
ATOM 1162 C CE   . MET A 1 81  ? -12.109 -0.586  -0.464  1.00 0.00 ? 101 MET A CE   1 
ATOM 1163 H H    . MET A 1 81  ? -12.059 -1.260  5.020   1.00 0.00 ? 101 MET A H    1 
ATOM 1164 H HA   . MET A 1 81  ? -13.022 1.232   3.932   1.00 0.00 ? 101 MET A HA   1 
ATOM 1165 H HB2  . MET A 1 81  ? -12.075 0.558   1.866   1.00 0.00 ? 101 MET A HB2  1 
ATOM 1166 H HB3  . MET A 1 81  ? -10.945 0.076   3.120   1.00 0.00 ? 101 MET A HB3  1 
ATOM 1167 H HG2  . MET A 1 81  ? -10.905 -1.817  1.909   1.00 0.00 ? 101 MET A HG2  1 
ATOM 1168 H HG3  . MET A 1 81  ? -12.306 -2.201  2.908   1.00 0.00 ? 101 MET A HG3  1 
ATOM 1169 H HE1  . MET A 1 81  ? -12.109 0.409   -0.041  1.00 0.00 ? 101 MET A HE1  1 
ATOM 1170 H HE2  . MET A 1 81  ? -11.092 -0.911  -0.621  1.00 0.00 ? 101 MET A HE2  1 
ATOM 1171 H HE3  . MET A 1 81  ? -12.635 -0.573  -1.410  1.00 0.00 ? 101 MET A HE3  1 
ATOM 1172 N N    . SER A 1 82  ? -14.791 0.250   2.168   1.00 0.00 ? 102 SER A N    1 
ATOM 1173 C CA   . SER A 1 82  ? -16.134 0.076   1.603   1.00 0.00 ? 102 SER A CA   1 
ATOM 1174 C C    . SER A 1 82  ? -16.648 -1.374  1.591   1.00 0.00 ? 102 SER A C    1 
ATOM 1175 O O    . SER A 1 82  ? -17.858 -1.591  1.536   1.00 0.00 ? 102 SER A O    1 
ATOM 1176 C CB   . SER A 1 82  ? -16.132 0.628   0.183   1.00 0.00 ? 102 SER A CB   1 
ATOM 1177 O OG   . SER A 1 82  ? -15.731 1.990   0.171   1.00 0.00 ? 102 SER A OG   1 
ATOM 1178 H H    . SER A 1 82  ? -14.158 0.799   1.667   1.00 0.00 ? 102 SER A H    1 
ATOM 1179 H HA   . SER A 1 82  ? -16.811 0.670   2.195   1.00 0.00 ? 102 SER A HA   1 
ATOM 1180 H HB2  . SER A 1 82  ? -15.446 0.057   -0.423  1.00 0.00 ? 102 SER A HB2  1 
ATOM 1181 H HB3  . SER A 1 82  ? -17.126 0.556   -0.232  1.00 0.00 ? 102 SER A HB3  1 
ATOM 1182 H HG   . SER A 1 82  ? -16.437 2.532   0.552   1.00 0.00 ? 102 SER A HG   1 
ATOM 1183 N N    . SER A 1 83  ? -15.750 -2.356  1.628   1.00 0.00 ? 103 SER A N    1 
ATOM 1184 C CA   . SER A 1 83  ? -16.153 -3.760  1.694   1.00 0.00 ? 103 SER A CA   1 
ATOM 1185 C C    . SER A 1 83  ? -16.947 -4.046  2.971   1.00 0.00 ? 103 SER A C    1 
ATOM 1186 O O    . SER A 1 83  ? -17.617 -5.072  3.086   1.00 0.00 ? 103 SER A O    1 
ATOM 1187 C CB   . SER A 1 83  ? -14.923 -4.668  1.623   1.00 0.00 ? 103 SER A CB   1 
ATOM 1188 O OG   . SER A 1 83  ? -14.206 -4.461  0.415   1.00 0.00 ? 103 SER A OG   1 
ATOM 1189 H H    . SER A 1 83  ? -14.795 -2.135  1.595   1.00 0.00 ? 103 SER A H    1 
ATOM 1190 H HA   . SER A 1 83  ? -16.786 -3.961  0.842   1.00 0.00 ? 103 SER A HA   1 
ATOM 1191 H HB2  . SER A 1 83  ? -14.271 -4.451  2.455   1.00 0.00 ? 103 SER A HB2  1 
ATOM 1192 H HB3  . SER A 1 83  ? -15.235 -5.701  1.671   1.00 0.00 ? 103 SER A HB3  1 
ATOM 1193 H HG   . SER A 1 83  ? -14.719 -4.813  -0.322  1.00 0.00 ? 103 SER A HG   1 
ATOM 1194 N N    . ASP A 1 84  ? -16.868 -3.129  3.927   1.00 0.00 ? 104 ASP A N    1 
ATOM 1195 C CA   . ASP A 1 84  ? -17.611 -3.248  5.169   1.00 0.00 ? 104 ASP A CA   1 
ATOM 1196 C C    . ASP A 1 84  ? -18.754 -2.254  5.177   1.00 0.00 ? 104 ASP A C    1 
ATOM 1197 O O    . ASP A 1 84  ? -19.909 -2.606  5.416   1.00 0.00 ? 104 ASP A O    1 
ATOM 1198 C CB   . ASP A 1 84  ? -16.695 -2.968  6.355   1.00 0.00 ? 104 ASP A CB   1 
ATOM 1199 C CG   . ASP A 1 84  ? -17.385 -3.158  7.693   1.00 0.00 ? 104 ASP A CG   1 
ATOM 1200 O OD1  . ASP A 1 84  ? -18.035 -2.207  8.174   1.00 0.00 ? 104 ASP A OD1  1 
ATOM 1201 O OD2  . ASP A 1 84  ? -17.263 -4.257  8.275   1.00 0.00 ? 104 ASP A OD2  1 
ATOM 1202 H H    . ASP A 1 84  ? -16.299 -2.338  3.786   1.00 0.00 ? 104 ASP A H    1 
ATOM 1203 H HA   . ASP A 1 84  ? -18.003 -4.251  5.241   1.00 0.00 ? 104 ASP A HA   1 
ATOM 1204 H HB2  . ASP A 1 84  ? -15.849 -3.635  6.310   1.00 0.00 ? 104 ASP A HB2  1 
ATOM 1205 H HB3  . ASP A 1 84  ? -16.344 -1.944  6.293   1.00 0.00 ? 104 ASP A HB3  1 
ATOM 1206 N N    . LEU A 1 85  ? -18.410 -1.009  4.900   1.00 0.00 ? 105 LEU A N    1 
ATOM 1207 C CA   . LEU A 1 85  ? -19.357 0.074   4.917   1.00 0.00 ? 105 LEU A CA   1 
ATOM 1208 C C    . LEU A 1 85  ? -20.166 0.103   3.616   1.00 0.00 ? 105 LEU A C    1 
ATOM 1209 O O    . LEU A 1 85  ? -21.144 -0.628  3.470   1.00 0.00 ? 105 LEU A O    1 
ATOM 1210 C CB   . LEU A 1 85  ? -18.590 1.380   5.124   1.00 0.00 ? 105 LEU A CB   1 
ATOM 1211 C CG   . LEU A 1 85  ? -19.446 2.622   5.277   1.00 0.00 ? 105 LEU A CG   1 
ATOM 1212 C CD1  . LEU A 1 85  ? -20.144 2.620   6.624   1.00 0.00 ? 105 LEU A CD1  1 
ATOM 1213 C CD2  . LEU A 1 85  ? -18.601 3.873   5.102   1.00 0.00 ? 105 LEU A CD2  1 
ATOM 1214 H H    . LEU A 1 85  ? -17.483 -0.810  4.677   1.00 0.00 ? 105 LEU A H    1 
ATOM 1215 H HA   . LEU A 1 85  ? -20.029 -0.078  5.748   1.00 0.00 ? 105 LEU A HA   1 
ATOM 1216 H HB2  . LEU A 1 85  ? -17.988 1.276   6.014   1.00 0.00 ? 105 LEU A HB2  1 
ATOM 1217 H HB3  . LEU A 1 85  ? -17.931 1.523   4.281   1.00 0.00 ? 105 LEU A HB3  1 
ATOM 1218 H HG   . LEU A 1 85  ? -20.198 2.613   4.509   1.00 0.00 ? 105 LEU A HG   1 
ATOM 1219 H HD11 . LEU A 1 85  ? -20.754 1.734   6.708   1.00 0.00 ? 105 LEU A HD11 1 
ATOM 1220 H HD12 . LEU A 1 85  ? -19.404 2.624   7.411   1.00 0.00 ? 105 LEU A HD12 1 
ATOM 1221 H HD13 . LEU A 1 85  ? -20.767 3.498   6.709   1.00 0.00 ? 105 LEU A HD13 1 
ATOM 1222 H HD21 . LEU A 1 85  ? -18.142 3.862   4.124   1.00 0.00 ? 105 LEU A HD21 1 
ATOM 1223 H HD22 . LEU A 1 85  ? -19.227 4.747   5.198   1.00 0.00 ? 105 LEU A HD22 1 
ATOM 1224 H HD23 . LEU A 1 85  ? -17.832 3.894   5.859   1.00 0.00 ? 105 LEU A HD23 1 
ATOM 1225 N N    . THR A 1 86  ? -19.742 0.937   2.674   1.00 0.00 ? 106 THR A N    1 
ATOM 1226 C CA   . THR A 1 86  ? -20.364 1.015   1.359   1.00 0.00 ? 106 THR A CA   1 
ATOM 1227 C C    . THR A 1 86  ? -19.381 1.592   0.351   1.00 0.00 ? 106 THR A C    1 
ATOM 1228 O O    . THR A 1 86  ? -18.519 2.400   0.708   1.00 0.00 ? 106 THR A O    1 
ATOM 1229 C CB   . THR A 1 86  ? -21.645 1.877   1.371   1.00 0.00 ? 106 THR A CB   1 
ATOM 1230 O OG1  . THR A 1 86  ? -21.622 2.792   2.478   1.00 0.00 ? 106 THR A OG1  1 
ATOM 1231 C CG2  . THR A 1 86  ? -22.891 1.007   1.438   1.00 0.00 ? 106 THR A CG2  1 
ATOM 1232 H H    . THR A 1 86  ? -18.988 1.530   2.869   1.00 0.00 ? 106 THR A H    1 
ATOM 1233 H HA   . THR A 1 86  ? -20.629 0.010   1.057   1.00 0.00 ? 106 THR A HA   1 
ATOM 1234 H HB   . THR A 1 86  ? -21.678 2.444   0.452   1.00 0.00 ? 106 THR A HB   1 
ATOM 1235 H HG1  . THR A 1 86  ? -21.961 2.343   3.272   1.00 0.00 ? 106 THR A HG1  1 
ATOM 1236 H HG21 . THR A 1 86  ? -22.854 0.391   2.326   1.00 0.00 ? 106 THR A HG21 1 
ATOM 1237 H HG22 . THR A 1 86  ? -23.767 1.637   1.474   1.00 0.00 ? 106 THR A HG22 1 
ATOM 1238 H HG23 . THR A 1 86  ? -22.937 0.376   0.563   1.00 0.00 ? 106 THR A HG23 1 
ATOM 1239 N N    . GLU A 1 87  ? -19.501 1.171   -0.897  1.00 0.00 ? 107 GLU A N    1 
ATOM 1240 C CA   . GLU A 1 87  ? -18.591 1.604   -1.944  1.00 0.00 ? 107 GLU A CA   1 
ATOM 1241 C C    . GLU A 1 87  ? -18.943 3.006   -2.422  1.00 0.00 ? 107 GLU A C    1 
ATOM 1242 O O    . GLU A 1 87  ? -20.101 3.304   -2.721  1.00 0.00 ? 107 GLU A O    1 
ATOM 1243 C CB   . GLU A 1 87  ? -18.583 0.609   -3.118  1.00 0.00 ? 107 GLU A CB   1 
ATOM 1244 C CG   . GLU A 1 87  ? -19.958 0.253   -3.675  1.00 0.00 ? 107 GLU A CG   1 
ATOM 1245 C CD   . GLU A 1 87  ? -20.735 -0.687  -2.773  1.00 0.00 ? 107 GLU A CD   1 
ATOM 1246 O OE1  . GLU A 1 87  ? -20.559 -1.916  -2.891  1.00 0.00 ? 107 GLU A OE1  1 
ATOM 1247 O OE2  . GLU A 1 87  ? -21.515 -0.198  -1.933  1.00 0.00 ? 107 GLU A OE2  1 
ATOM 1248 H H    . GLU A 1 87  ? -20.246 0.566   -1.131  1.00 0.00 ? 107 GLU A H    1 
ATOM 1249 H HA   . GLU A 1 87  ? -17.601 1.634   -1.515  1.00 0.00 ? 107 GLU A HA   1 
ATOM 1250 H HB2  . GLU A 1 87  ? -17.999 1.033   -3.921  1.00 0.00 ? 107 GLU A HB2  1 
ATOM 1251 H HB3  . GLU A 1 87  ? -18.108 -0.304  -2.790  1.00 0.00 ? 107 GLU A HB3  1 
ATOM 1252 H HG2  . GLU A 1 87  ? -20.530 1.162   -3.796  1.00 0.00 ? 107 GLU A HG2  1 
ATOM 1253 H HG3  . GLU A 1 87  ? -19.830 -0.219  -4.638  1.00 0.00 ? 107 GLU A HG3  1 
ATOM 1254 N N    . GLY A 1 88  ? -17.936 3.863   -2.486  1.00 0.00 ? 108 GLY A N    1 
ATOM 1255 C CA   . GLY A 1 88  ? -18.155 5.243   -2.861  1.00 0.00 ? 108 GLY A CA   1 
ATOM 1256 C C    . GLY A 1 88  ? -17.905 6.184   -1.700  1.00 0.00 ? 108 GLY A C    1 
ATOM 1257 O O    . GLY A 1 88  ? -18.801 6.913   -1.274  1.00 0.00 ? 108 GLY A O    1 
ATOM 1258 H H    . GLY A 1 88  ? -17.029 3.557   -2.272  1.00 0.00 ? 108 GLY A H    1 
ATOM 1259 H HA2  . GLY A 1 88  ? -17.488 5.498   -3.670  1.00 0.00 ? 108 GLY A HA2  1 
ATOM 1260 H HA3  . GLY A 1 88  ? -19.176 5.361   -3.193  1.00 0.00 ? 108 GLY A HA3  1 
ATOM 1261 N N    . MET A 1 89  ? -16.686 6.158   -1.183  1.00 0.00 ? 109 MET A N    1 
ATOM 1262 C CA   . MET A 1 89  ? -16.315 7.006   -0.060  1.00 0.00 ? 109 MET A CA   1 
ATOM 1263 C C    . MET A 1 89  ? -14.891 7.501   -0.242  1.00 0.00 ? 109 MET A C    1 
ATOM 1264 O O    . MET A 1 89  ? -14.185 7.056   -1.148  1.00 0.00 ? 109 MET A O    1 
ATOM 1265 C CB   . MET A 1 89  ? -16.439 6.248   1.269   1.00 0.00 ? 109 MET A CB   1 
ATOM 1266 C CG   . MET A 1 89  ? -15.319 5.249   1.525   1.00 0.00 ? 109 MET A CG   1 
ATOM 1267 S SD   . MET A 1 89  ? -15.494 4.408   3.110   1.00 0.00 ? 109 MET A SD   1 
ATOM 1268 C CE   . MET A 1 89  ? -13.923 3.559   3.232   1.00 0.00 ? 109 MET A CE   1 
ATOM 1269 H H    . MET A 1 89  ? -16.006 5.569   -1.583  1.00 0.00 ? 109 MET A H    1 
ATOM 1270 H HA   . MET A 1 89  ? -16.980 7.856   -0.048  1.00 0.00 ? 109 MET A HA   1 
ATOM 1271 H HB2  . MET A 1 89  ? -16.440 6.963   2.078   1.00 0.00 ? 109 MET A HB2  1 
ATOM 1272 H HB3  . MET A 1 89  ? -17.377 5.714   1.275   1.00 0.00 ? 109 MET A HB3  1 
ATOM 1273 H HG2  . MET A 1 89  ? -15.327 4.510   0.737   1.00 0.00 ? 109 MET A HG2  1 
ATOM 1274 H HG3  . MET A 1 89  ? -14.376 5.775   1.515   1.00 0.00 ? 109 MET A HG3  1 
ATOM 1275 H HE1  . MET A 1 89  ? -13.781 2.941   2.357   1.00 0.00 ? 109 MET A HE1  1 
ATOM 1276 H HE2  . MET A 1 89  ? -13.122 4.287   3.294   1.00 0.00 ? 109 MET A HE2  1 
ATOM 1277 H HE3  . MET A 1 89  ? -13.917 2.936   4.118   1.00 0.00 ? 109 MET A HE3  1 
ATOM 1278 N N    . THR A 1 90  ? -14.470 8.422   0.604   1.00 0.00 ? 110 THR A N    1 
ATOM 1279 C CA   . THR A 1 90  ? -13.107 8.907   0.558   1.00 0.00 ? 110 THR A CA   1 
ATOM 1280 C C    . THR A 1 90  ? -12.341 8.496   1.798   1.00 0.00 ? 110 THR A C    1 
ATOM 1281 O O    . THR A 1 90  ? -12.764 8.736   2.929   1.00 0.00 ? 110 THR A O    1 
ATOM 1282 C CB   . THR A 1 90  ? -13.045 10.439  0.369   1.00 0.00 ? 110 THR A CB   1 
ATOM 1283 O OG1  . THR A 1 90  ? -13.936 11.096  1.284   1.00 0.00 ? 110 THR A OG1  1 
ATOM 1284 C CG2  . THR A 1 90  ? -13.409 10.820  -1.058  1.00 0.00 ? 110 THR A CG2  1 
ATOM 1285 H H    . THR A 1 90  ? -15.091 8.787   1.270   1.00 0.00 ? 110 THR A H    1 
ATOM 1286 H HA   . THR A 1 90  ? -12.622 8.438   -0.291  1.00 0.00 ? 110 THR A HA   1 
ATOM 1287 H HB   . THR A 1 90  ? -12.036 10.768  0.565   1.00 0.00 ? 110 THR A HB   1 
ATOM 1288 H HG1  . THR A 1 90  ? -14.833 10.740  1.173   1.00 0.00 ? 110 THR A HG1  1 
ATOM 1289 H HG21 . THR A 1 90  ? -14.401 10.461  -1.285  1.00 0.00 ? 110 THR A HG21 1 
ATOM 1290 H HG22 . THR A 1 90  ? -13.382 11.895  -1.163  1.00 0.00 ? 110 THR A HG22 1 
ATOM 1291 H HG23 . THR A 1 90  ? -12.699 10.375  -1.742  1.00 0.00 ? 110 THR A HG23 1 
ATOM 1292 N N    . ALA A 1 91  ? -11.213 7.862   1.557   1.00 0.00 ? 111 ALA A N    1 
ATOM 1293 C CA   . ALA A 1 91  ? -10.390 7.318   2.611   1.00 0.00 ? 111 ALA A CA   1 
ATOM 1294 C C    . ALA A 1 91  ? -9.217  8.240   2.890   1.00 0.00 ? 111 ALA A C    1 
ATOM 1295 O O    . ALA A 1 91  ? -8.602  8.764   1.962   1.00 0.00 ? 111 ALA A O    1 
ATOM 1296 C CB   . ALA A 1 91  ? -9.915  5.942   2.201   1.00 0.00 ? 111 ALA A CB   1 
ATOM 1297 H H    . ALA A 1 91  ? -10.917 7.767   0.627   1.00 0.00 ? 111 ALA A H    1 
ATOM 1298 H HA   . ALA A 1 91  ? -10.994 7.222   3.502   1.00 0.00 ? 111 ALA A HA   1 
ATOM 1299 H HB1  . ALA A 1 91  ? -9.290  6.028   1.323   1.00 0.00 ? 111 ALA A HB1  1 
ATOM 1300 H HB2  . ALA A 1 91  ? -10.771 5.327   1.970   1.00 0.00 ? 111 ALA A HB2  1 
ATOM 1301 H HB3  . ALA A 1 91  ? -9.352  5.495   3.007   1.00 0.00 ? 111 ALA A HB3  1 
ATOM 1302 N N    . GLU A 1 92  ? -8.906  8.430   4.158   1.00 0.00 ? 112 GLU A N    1 
ATOM 1303 C CA   . GLU A 1 92  ? -7.897  9.404   4.553   1.00 0.00 ? 112 GLU A CA   1 
ATOM 1304 C C    . GLU A 1 92  ? -6.566  8.735   4.888   1.00 0.00 ? 112 GLU A C    1 
ATOM 1305 O O    . GLU A 1 92  ? -6.521  7.764   5.636   1.00 0.00 ? 112 GLU A O    1 
ATOM 1306 C CB   . GLU A 1 92  ? -8.394  10.207  5.754   1.00 0.00 ? 112 GLU A CB   1 
ATOM 1307 C CG   . GLU A 1 92  ? -7.458  11.327  6.171   1.00 0.00 ? 112 GLU A CG   1 
ATOM 1308 C CD   . GLU A 1 92  ? -7.898  12.000  7.450   1.00 0.00 ? 112 GLU A CD   1 
ATOM 1309 O OE1  . GLU A 1 92  ? -7.501  11.532  8.534   1.00 0.00 ? 112 GLU A OE1  1 
ATOM 1310 O OE2  . GLU A 1 92  ? -8.646  12.995  7.381   1.00 0.00 ? 112 GLU A OE2  1 
ATOM 1311 H H    . GLU A 1 92  ? -9.359  7.892   4.852   1.00 0.00 ? 112 GLU A H    1 
ATOM 1312 H HA   . GLU A 1 92  ? -7.747  10.077  3.724   1.00 0.00 ? 112 GLU A HA   1 
ATOM 1313 H HB2  . GLU A 1 92  ? -9.354  10.639  5.510   1.00 0.00 ? 112 GLU A HB2  1 
ATOM 1314 H HB3  . GLU A 1 92  ? -8.515  9.538   6.594   1.00 0.00 ? 112 GLU A HB3  1 
ATOM 1315 H HG2  . GLU A 1 92  ? -6.470  10.917  6.321   1.00 0.00 ? 112 GLU A HG2  1 
ATOM 1316 H HG3  . GLU A 1 92  ? -7.426  12.065  5.383   1.00 0.00 ? 112 GLU A HG3  1 
ATOM 1317 N N    . THR A 1 93  ? -5.490  9.264   4.320   1.00 0.00 ? 113 THR A N    1 
ATOM 1318 C CA   . THR A 1 93  ? -4.146  8.788   4.606   1.00 0.00 ? 113 THR A CA   1 
ATOM 1319 C C    . THR A 1 93  ? -3.639  9.415   5.896   1.00 0.00 ? 113 THR A C    1 
ATOM 1320 O O    . THR A 1 93  ? -4.101  10.499  6.270   1.00 0.00 ? 113 THR A O    1 
ATOM 1321 C CB   . THR A 1 93  ? -3.174  9.154   3.468   1.00 0.00 ? 113 THR A CB   1 
ATOM 1322 O OG1  . THR A 1 93  ? -3.020  10.580  3.397   1.00 0.00 ? 113 THR A OG1  1 
ATOM 1323 C CG2  . THR A 1 93  ? -3.686  8.648   2.135   1.00 0.00 ? 113 THR A CG2  1 
ATOM 1324 H H    . THR A 1 93  ? -5.607  10.000  3.681   1.00 0.00 ? 113 THR A H    1 
ATOM 1325 H HA   . THR A 1 93  ? -4.174  7.712   4.710   1.00 0.00 ? 113 THR A HA   1 
ATOM 1326 H HB   . THR A 1 93  ? -2.215  8.701   3.668   1.00 0.00 ? 113 THR A HB   1 
ATOM 1327 H HG1  . THR A 1 93  ? -2.956  10.847  2.473   1.00 0.00 ? 113 THR A HG1  1 
ATOM 1328 H HG21 . THR A 1 93  ? -3.845  7.582   2.192   1.00 0.00 ? 113 THR A HG21 1 
ATOM 1329 H HG22 . THR A 1 93  ? -4.618  9.142   1.900   1.00 0.00 ? 113 THR A HG22 1 
ATOM 1330 H HG23 . THR A 1 93  ? -2.958  8.863   1.367   1.00 0.00 ? 113 THR A HG23 1 
ATOM 1331 N N    . VAL A 1 94  ? -2.685  8.751   6.557   1.00 0.00 ? 114 VAL A N    1 
ATOM 1332 C CA   . VAL A 1 94  ? -2.100  9.256   7.803   1.00 0.00 ? 114 VAL A CA   1 
ATOM 1333 C C    . VAL A 1 94  ? -1.434  10.617  7.579   1.00 0.00 ? 114 VAL A C    1 
ATOM 1334 O O    . VAL A 1 94  ? -1.419  11.468  8.469   1.00 0.00 ? 114 VAL A O    1 
ATOM 1335 C CB   . VAL A 1 94  ? -1.060  8.268   8.388   1.00 0.00 ? 114 VAL A CB   1 
ATOM 1336 C CG1  . VAL A 1 94  ? -0.463  8.798   9.683   1.00 0.00 ? 114 VAL A CG1  1 
ATOM 1337 C CG2  . VAL A 1 94  ? -1.688  6.904   8.619   1.00 0.00 ? 114 VAL A CG2  1 
ATOM 1338 H H    . VAL A 1 94  ? -2.360  7.895   6.190   1.00 0.00 ? 114 VAL A H    1 
ATOM 1339 H HA   . VAL A 1 94  ? -2.897  9.374   8.522   1.00 0.00 ? 114 VAL A HA   1 
ATOM 1340 H HB   . VAL A 1 94  ? -0.261  8.152   7.671   1.00 0.00 ? 114 VAL A HB   1 
ATOM 1341 H HG11 . VAL A 1 94  ? -1.249  8.946   10.409  1.00 0.00 ? 114 VAL A HG11 1 
ATOM 1342 H HG12 . VAL A 1 94  ? 0.252   8.086   10.067  1.00 0.00 ? 114 VAL A HG12 1 
ATOM 1343 H HG13 . VAL A 1 94  ? 0.032   9.739   9.492   1.00 0.00 ? 114 VAL A HG13 1 
ATOM 1344 H HG21 . VAL A 1 94  ? -2.516  7.001   9.306   1.00 0.00 ? 114 VAL A HG21 1 
ATOM 1345 H HG22 . VAL A 1 94  ? -2.043  6.507   7.680   1.00 0.00 ? 114 VAL A HG22 1 
ATOM 1346 H HG23 . VAL A 1 94  ? -0.950  6.234   9.036   1.00 0.00 ? 114 VAL A HG23 1 
ATOM 1347 N N    . GLU A 1 95  ? -0.874  10.804  6.386   1.00 0.00 ? 115 GLU A N    1 
ATOM 1348 C CA   . GLU A 1 95  ? -0.311  12.094  5.988   1.00 0.00 ? 115 GLU A CA   1 
ATOM 1349 C C    . GLU A 1 95  ? -1.384  13.163  6.110   1.00 0.00 ? 115 GLU A C    1 
ATOM 1350 O O    . GLU A 1 95  ? -1.135  14.277  6.574   1.00 0.00 ? 115 GLU A O    1 
ATOM 1351 C CB   . GLU A 1 95  ? 0.199   12.030  4.544   1.00 0.00 ? 115 GLU A CB   1 
ATOM 1352 C CG   . GLU A 1 95  ? 0.932   13.282  4.091   1.00 0.00 ? 115 GLU A CG   1 
ATOM 1353 C CD   . GLU A 1 95  ? 2.167   13.557  4.918   1.00 0.00 ? 115 GLU A CD   1 
ATOM 1354 O OE1  . GLU A 1 95  ? 3.182   12.860  4.728   1.00 0.00 ? 115 GLU A OE1  1 
ATOM 1355 O OE2  . GLU A 1 95  ? 2.128   14.468  5.767   1.00 0.00 ? 115 GLU A OE2  1 
ATOM 1356 H H    . GLU A 1 95  ? -0.834  10.046  5.757   1.00 0.00 ? 115 GLU A H    1 
ATOM 1357 H HA   . GLU A 1 95  ? 0.508   12.329  6.652   1.00 0.00 ? 115 GLU A HA   1 
ATOM 1358 H HB2  . GLU A 1 95  ? 0.875   11.194  4.452   1.00 0.00 ? 115 GLU A HB2  1 
ATOM 1359 H HB3  . GLU A 1 95  ? -0.642  11.875  3.884   1.00 0.00 ? 115 GLU A HB3  1 
ATOM 1360 H HG2  . GLU A 1 95  ? 1.229   13.158  3.060   1.00 0.00 ? 115 GLU A HG2  1 
ATOM 1361 H HG3  . GLU A 1 95  ? 0.263   14.127  4.173   1.00 0.00 ? 115 GLU A HG3  1 
ATOM 1362 N N    . GLY A 1 96  ? -2.578  12.800  5.680   1.00 0.00 ? 116 GLY A N    1 
ATOM 1363 C CA   . GLY A 1 96  ? -3.729  13.652  5.856   1.00 0.00 ? 116 GLY A CA   1 
ATOM 1364 C C    . GLY A 1 96  ? -4.376  13.991  4.542   1.00 0.00 ? 116 GLY A C    1 
ATOM 1365 O O    . GLY A 1 96  ? -4.579  15.161  4.226   1.00 0.00 ? 116 GLY A O    1 
ATOM 1366 H H    . GLY A 1 96  ? -2.673  11.938  5.216   1.00 0.00 ? 116 GLY A H    1 
ATOM 1367 H HA2  . GLY A 1 96  ? -4.451  13.138  6.477   1.00 0.00 ? 116 GLY A HA2  1 
ATOM 1368 H HA3  . GLY A 1 96  ? -3.425  14.563  6.345   1.00 0.00 ? 116 GLY A HA3  1 
ATOM 1369 N N    . GLY A 1 97  ? -4.701  12.962  3.776   1.00 0.00 ? 117 GLY A N    1 
ATOM 1370 C CA   . GLY A 1 97  ? -5.269  13.181  2.459   1.00 0.00 ? 117 GLY A CA   1 
ATOM 1371 C C    . GLY A 1 97  ? -6.379  12.208  2.145   1.00 0.00 ? 117 GLY A C    1 
ATOM 1372 O O    . GLY A 1 97  ? -6.253  11.017  2.413   1.00 0.00 ? 117 GLY A O    1 
ATOM 1373 H H    . GLY A 1 97  ? -4.565  12.044  4.115   1.00 0.00 ? 117 GLY A H    1 
ATOM 1374 H HA2  . GLY A 1 97  ? -5.662  14.187  2.412   1.00 0.00 ? 117 GLY A HA2  1 
ATOM 1375 H HA3  . GLY A 1 97  ? -4.489  13.077  1.720   1.00 0.00 ? 117 GLY A HA3  1 
ATOM 1376 N N    . ALA A 1 98  ? -7.464  12.709  1.580   1.00 0.00 ? 118 ALA A N    1 
ATOM 1377 C CA   . ALA A 1 98  ? -8.614  11.875  1.261   1.00 0.00 ? 118 ALA A CA   1 
ATOM 1378 C C    . ALA A 1 98  ? -8.568  11.427  -0.195  1.00 0.00 ? 118 ALA A C    1 
ATOM 1379 O O    . ALA A 1 98  ? -8.459  12.248  -1.106  1.00 0.00 ? 118 ALA A O    1 
ATOM 1380 C CB   . ALA A 1 98  ? -9.912  12.618  1.551   1.00 0.00 ? 118 ALA A CB   1 
ATOM 1381 H H    . ALA A 1 98  ? -7.489  13.666  1.357   1.00 0.00 ? 118 ALA A H    1 
ATOM 1382 H HA   . ALA A 1 98  ? -8.577  11.002  1.896   1.00 0.00 ? 118 ALA A HA   1 
ATOM 1383 H HB1  . ALA A 1 98  ? -9.918  12.948  2.580   1.00 0.00 ? 118 ALA A HB1  1 
ATOM 1384 H HB2  . ALA A 1 98  ? -10.750 11.958  1.380   1.00 0.00 ? 118 ALA A HB2  1 
ATOM 1385 H HB3  . ALA A 1 98  ? -9.992  13.475  0.898   1.00 0.00 ? 118 ALA A HB3  1 
ATOM 1386 N N    . LEU A 1 99  ? -8.636  10.125  -0.405  1.00 0.00 ? 119 LEU A N    1 
ATOM 1387 C CA   . LEU A 1 99  ? -8.578  9.558   -1.741  1.00 0.00 ? 119 LEU A CA   1 
ATOM 1388 C C    . LEU A 1 99  ? -9.933  9.004   -2.156  1.00 0.00 ? 119 LEU A C    1 
ATOM 1389 O O    . LEU A 1 99  ? -10.815 8.804   -1.325  1.00 0.00 ? 119 LEU A O    1 
ATOM 1390 C CB   . LEU A 1 99  ? -7.525  8.447   -1.797  1.00 0.00 ? 119 LEU A CB   1 
ATOM 1391 C CG   . LEU A 1 99  ? -6.097  8.884   -1.466  1.00 0.00 ? 119 LEU A CG   1 
ATOM 1392 C CD1  . LEU A 1 99  ? -5.148  7.698   -1.523  1.00 0.00 ? 119 LEU A CD1  1 
ATOM 1393 C CD2  . LEU A 1 99  ? -5.644  9.975   -2.420  1.00 0.00 ? 119 LEU A CD2  1 
ATOM 1394 H H    . LEU A 1 99  ? -8.721  9.522   0.367   1.00 0.00 ? 119 LEU A H    1 
ATOM 1395 H HA   . LEU A 1 99  ? -8.296  10.344  -2.425  1.00 0.00 ? 119 LEU A HA   1 
ATOM 1396 H HB2  . LEU A 1 99  ? -7.813  7.674   -1.100  1.00 0.00 ? 119 LEU A HB2  1 
ATOM 1397 H HB3  . LEU A 1 99  ? -7.528  8.029   -2.792  1.00 0.00 ? 119 LEU A HB3  1 
ATOM 1398 H HG   . LEU A 1 99  ? -6.072  9.283   -0.462  1.00 0.00 ? 119 LEU A HG   1 
ATOM 1399 H HD11 . LEU A 1 99  ? -5.476  6.940   -0.827  1.00 0.00 ? 119 LEU A HD11 1 
ATOM 1400 H HD12 . LEU A 1 99  ? -5.144  7.290   -2.523  1.00 0.00 ? 119 LEU A HD12 1 
ATOM 1401 H HD13 . LEU A 1 99  ? -4.152  8.020   -1.262  1.00 0.00 ? 119 LEU A HD13 1 
ATOM 1402 H HD21 . LEU A 1 99  ? -6.305  10.826  -2.336  1.00 0.00 ? 119 LEU A HD21 1 
ATOM 1403 H HD22 . LEU A 1 99  ? -4.637  10.276  -2.172  1.00 0.00 ? 119 LEU A HD22 1 
ATOM 1404 H HD23 . LEU A 1 99  ? -5.668  9.601   -3.432  1.00 0.00 ? 119 LEU A HD23 1 
ATOM 1405 N N    . THR A 1 100 ? -10.070 8.728   -3.442  1.00 0.00 ? 120 THR A N    1 
ATOM 1406 C CA   . THR A 1 100 ? -11.302 8.189   -3.999  1.00 0.00 ? 120 THR A CA   1 
ATOM 1407 C C    . THR A 1 100 ? -11.347 6.675   -3.816  1.00 0.00 ? 120 THR A C    1 
ATOM 1408 O O    . THR A 1 100 ? -10.426 5.980   -4.221  1.00 0.00 ? 120 THR A O    1 
ATOM 1409 C CB   . THR A 1 100 ? -11.381 8.533   -5.506  1.00 0.00 ? 120 THR A CB   1 
ATOM 1410 O OG1  . THR A 1 100 ? -11.733 9.913   -5.688  1.00 0.00 ? 120 THR A OG1  1 
ATOM 1411 C CG2  . THR A 1 100 ? -12.361 7.632   -6.247  1.00 0.00 ? 120 THR A CG2  1 
ATOM 1412 H H    . THR A 1 100 ? -9.316  8.896   -4.041  1.00 0.00 ? 120 THR A H    1 
ATOM 1413 H HA   . THR A 1 100 ? -12.142 8.642   -3.493  1.00 0.00 ? 120 THR A HA   1 
ATOM 1414 H HB   . THR A 1 100 ? -10.398 8.377   -5.930  1.00 0.00 ? 120 THR A HB   1 
ATOM 1415 H HG1  . THR A 1 100 ? -10.946 10.410  -5.975  1.00 0.00 ? 120 THR A HG1  1 
ATOM 1416 H HG21 . THR A 1 100 ? -13.314 7.638   -5.738  1.00 0.00 ? 120 THR A HG21 1 
ATOM 1417 H HG22 . THR A 1 100 ? -12.486 7.988   -7.258  1.00 0.00 ? 120 THR A HG22 1 
ATOM 1418 H HG23 . THR A 1 100 ? -11.968 6.622   -6.270  1.00 0.00 ? 120 THR A HG23 1 
ATOM 1419 N N    . VAL A 1 101 ? -12.401 6.169   -3.182  1.00 0.00 ? 121 VAL A N    1 
ATOM 1420 C CA   . VAL A 1 101 ? -12.543 4.732   -2.976  1.00 0.00 ? 121 VAL A CA   1 
ATOM 1421 C C    . VAL A 1 101 ? -13.927 4.252   -3.404  1.00 0.00 ? 121 VAL A C    1 
ATOM 1422 O O    . VAL A 1 101 ? -14.922 4.482   -2.710  1.00 0.00 ? 121 VAL A O    1 
ATOM 1423 C CB   . VAL A 1 101 ? -12.307 4.347   -1.498  1.00 0.00 ? 121 VAL A CB   1 
ATOM 1424 C CG1  . VAL A 1 101 ? -12.466 2.847   -1.304  1.00 0.00 ? 121 VAL A CG1  1 
ATOM 1425 C CG2  . VAL A 1 101 ? -10.931 4.797   -1.039  1.00 0.00 ? 121 VAL A CG2  1 
ATOM 1426 H H    . VAL A 1 101 ? -13.097 6.774   -2.840  1.00 0.00 ? 121 VAL A H    1 
ATOM 1427 H HA   . VAL A 1 101 ? -11.798 4.234   -3.578  1.00 0.00 ? 121 VAL A HA   1 
ATOM 1428 H HB   . VAL A 1 101 ? -13.050 4.848   -0.891  1.00 0.00 ? 121 VAL A HB   1 
ATOM 1429 H HG11 . VAL A 1 101 ? -11.751 2.327   -1.927  1.00 0.00 ? 121 VAL A HG11 1 
ATOM 1430 H HG12 . VAL A 1 101 ? -12.289 2.599   -0.268  1.00 0.00 ? 121 VAL A HG12 1 
ATOM 1431 H HG13 . VAL A 1 101 ? -13.468 2.552   -1.581  1.00 0.00 ? 121 VAL A HG13 1 
ATOM 1432 H HG21 . VAL A 1 101 ? -10.835 5.863   -1.183  1.00 0.00 ? 121 VAL A HG21 1 
ATOM 1433 H HG22 . VAL A 1 101 ? -10.806 4.563   0.008   1.00 0.00 ? 121 VAL A HG22 1 
ATOM 1434 H HG23 . VAL A 1 101 ? -10.174 4.285   -1.617  1.00 0.00 ? 121 VAL A HG23 1 
ATOM 1435 N N    . THR A 1 102 ? -13.980 3.575   -4.541  1.00 0.00 ? 122 THR A N    1 
ATOM 1436 C CA   . THR A 1 102 ? -15.232 3.061   -5.070  1.00 0.00 ? 122 THR A CA   1 
ATOM 1437 C C    . THR A 1 102 ? -15.024 1.667   -5.668  1.00 0.00 ? 122 THR A C    1 
ATOM 1438 O O    . THR A 1 102 ? -14.041 1.428   -6.367  1.00 0.00 ? 122 THR A O    1 
ATOM 1439 C CB   . THR A 1 102 ? -15.803 4.018   -6.141  1.00 0.00 ? 122 THR A CB   1 
ATOM 1440 O OG1  . THR A 1 102 ? -15.977 5.327   -5.580  1.00 0.00 ? 122 THR A OG1  1 
ATOM 1441 C CG2  . THR A 1 102 ? -17.135 3.515   -6.675  1.00 0.00 ? 122 THR A CG2  1 
ATOM 1442 H H    . THR A 1 102 ? -13.151 3.419   -5.045  1.00 0.00 ? 122 THR A H    1 
ATOM 1443 H HA   . THR A 1 102 ? -15.940 2.995   -4.256  1.00 0.00 ? 122 THR A HA   1 
ATOM 1444 H HB   . THR A 1 102 ? -15.099 4.079   -6.958  1.00 0.00 ? 122 THR A HB   1 
ATOM 1445 H HG1  . THR A 1 102 ? -16.377 5.909   -6.237  1.00 0.00 ? 122 THR A HG1  1 
ATOM 1446 H HG21 . THR A 1 102 ? -17.000 2.537   -7.114  1.00 0.00 ? 122 THR A HG21 1 
ATOM 1447 H HG22 . THR A 1 102 ? -17.848 3.450   -5.865  1.00 0.00 ? 122 THR A HG22 1 
ATOM 1448 H HG23 . THR A 1 102 ? -17.505 4.198   -7.426  1.00 0.00 ? 122 THR A HG23 1 
ATOM 1449 N N    . LEU A 1 103 ? -15.937 0.747   -5.357  1.00 0.00 ? 123 LEU A N    1 
ATOM 1450 C CA   . LEU A 1 103 ? -15.866 -0.623  -5.872  1.00 0.00 ? 123 LEU A CA   1 
ATOM 1451 C C    . LEU A 1 103 ? -16.850 -0.842  -7.019  1.00 0.00 ? 123 LEU A C    1 
ATOM 1452 O O    . LEU A 1 103 ? -16.585 -1.620  -7.939  1.00 0.00 ? 123 LEU A O    1 
ATOM 1453 C CB   . LEU A 1 103 ? -16.158 -1.635  -4.757  1.00 0.00 ? 123 LEU A CB   1 
ATOM 1454 C CG   . LEU A 1 103 ? -15.050 -1.822  -3.715  1.00 0.00 ? 123 LEU A CG   1 
ATOM 1455 C CD1  . LEU A 1 103 ? -14.902 -0.595  -2.827  1.00 0.00 ? 123 LEU A CD1  1 
ATOM 1456 C CD2  . LEU A 1 103 ? -15.322 -3.057  -2.871  1.00 0.00 ? 123 LEU A CD2  1 
ATOM 1457 H H    . LEU A 1 103 ? -16.660 0.987   -4.747  1.00 0.00 ? 123 LEU A H    1 
ATOM 1458 H HA   . LEU A 1 103 ? -14.865 -0.788  -6.238  1.00 0.00 ? 123 LEU A HA   1 
ATOM 1459 H HB2  . LEU A 1 103 ? -17.053 -1.317  -4.241  1.00 0.00 ? 123 LEU A HB2  1 
ATOM 1460 H HB3  . LEU A 1 103 ? -16.353 -2.593  -5.215  1.00 0.00 ? 123 LEU A HB3  1 
ATOM 1461 H HG   . LEU A 1 103 ? -14.115 -1.971  -4.231  1.00 0.00 ? 123 LEU A HG   1 
ATOM 1462 H HD11 . LEU A 1 103 ? -15.845 -0.382  -2.344  1.00 0.00 ? 123 LEU A HD11 1 
ATOM 1463 H HD12 . LEU A 1 103 ? -14.148 -0.783  -2.076  1.00 0.00 ? 123 LEU A HD12 1 
ATOM 1464 H HD13 . LEU A 1 103 ? -14.607 0.253   -3.427  1.00 0.00 ? 123 LEU A HD13 1 
ATOM 1465 H HD21 . LEU A 1 103 ? -15.367 -3.926  -3.510  1.00 0.00 ? 123 LEU A HD21 1 
ATOM 1466 H HD22 . LEU A 1 103 ? -14.528 -3.180  -2.149  1.00 0.00 ? 123 LEU A HD22 1 
ATOM 1467 H HD23 . LEU A 1 103 ? -16.262 -2.940  -2.354  1.00 0.00 ? 123 LEU A HD23 1 
ATOM 1468 N N    . GLU A 1 104 ? -17.986 -0.166  -6.947  1.00 0.00 ? 124 GLU A N    1 
ATOM 1469 C CA   . GLU A 1 104 ? -19.022 -0.298  -7.964  1.00 0.00 ? 124 GLU A CA   1 
ATOM 1470 C C    . GLU A 1 104 ? -18.564 0.339   -9.270  1.00 0.00 ? 124 GLU A C    1 
ATOM 1471 O O    . GLU A 1 104 ? -18.219 1.518   -9.308  1.00 0.00 ? 124 GLU A O    1 
ATOM 1472 C CB   . GLU A 1 104 ? -20.328 0.345   -7.487  1.00 0.00 ? 124 GLU A CB   1 
ATOM 1473 C CG   . GLU A 1 104 ? -21.469 0.214   -8.485  1.00 0.00 ? 124 GLU A CG   1 
ATOM 1474 C CD   . GLU A 1 104 ? -22.770 0.794   -7.973  1.00 0.00 ? 124 GLU A CD   1 
ATOM 1475 O OE1  . GLU A 1 104 ? -22.995 2.010   -8.144  1.00 0.00 ? 124 GLU A OE1  1 
ATOM 1476 O OE2  . GLU A 1 104 ? -23.577 0.035   -7.397  1.00 0.00 ? 124 GLU A OE2  1 
ATOM 1477 H H    . GLU A 1 104 ? -18.129 0.441   -6.197  1.00 0.00 ? 124 GLU A H    1 
ATOM 1478 H HA   . GLU A 1 104 ? -19.190 -1.350  -8.131  1.00 0.00 ? 124 GLU A HA   1 
ATOM 1479 H HB2  . GLU A 1 104 ? -20.631 -0.123  -6.562  1.00 0.00 ? 124 GLU A HB2  1 
ATOM 1480 H HB3  . GLU A 1 104 ? -20.156 1.397   -7.307  1.00 0.00 ? 124 GLU A HB3  1 
ATOM 1481 H HG2  . GLU A 1 104 ? -21.196 0.731   -9.392  1.00 0.00 ? 124 GLU A HG2  1 
ATOM 1482 H HG3  . GLU A 1 104 ? -21.619 -0.834  -8.700  1.00 0.00 ? 124 GLU A HG3  1 
ATOM 1483 N N    . GLY A 1 105 ? -18.551 -0.455  -10.332 1.00 0.00 ? 125 GLY A N    1 
ATOM 1484 C CA   . GLY A 1 105 ? -18.101 0.030   -11.621 1.00 0.00 ? 125 GLY A CA   1 
ATOM 1485 C C    . GLY A 1 105 ? -16.615 -0.169  -11.817 1.00 0.00 ? 125 GLY A C    1 
ATOM 1486 O O    . GLY A 1 105 ? -16.052 0.248   -12.830 1.00 0.00 ? 125 GLY A O    1 
ATOM 1487 H H    . GLY A 1 105 ? -18.861 -1.383  -10.242 1.00 0.00 ? 125 GLY A H    1 
ATOM 1488 H HA2  . GLY A 1 105 ? -18.630 -0.499  -12.400 1.00 0.00 ? 125 GLY A HA2  1 
ATOM 1489 H HA3  . GLY A 1 105 ? -18.327 1.084   -11.696 1.00 0.00 ? 125 GLY A HA3  1 
ATOM 1490 N N    . GLY A 1 106 ? -15.979 -0.807  -10.846 1.00 0.00 ? 126 GLY A N    1 
ATOM 1491 C CA   . GLY A 1 106 ? -14.556 -1.025  -10.914 1.00 0.00 ? 126 GLY A CA   1 
ATOM 1492 C C    . GLY A 1 106 ? -13.876 -0.523  -9.666  1.00 0.00 ? 126 GLY A C    1 
ATOM 1493 O O    . GLY A 1 106 ? -13.963 0.664   -9.354  1.00 0.00 ? 126 GLY A O    1 
ATOM 1494 H H    . GLY A 1 106 ? -16.478 -1.119  -10.061 1.00 0.00 ? 126 GLY A H    1 
ATOM 1495 H HA2  . GLY A 1 106 ? -14.363 -2.083  -11.027 1.00 0.00 ? 126 GLY A HA2  1 
ATOM 1496 H HA3  . GLY A 1 106 ? -14.157 -0.499  -11.768 1.00 0.00 ? 126 GLY A HA3  1 
ATOM 1497 N N    . PRO A 1 107 ? -13.211 -1.407  -8.911  1.00 0.00 ? 127 PRO A N    1 
ATOM 1498 C CA   . PRO A 1 107 ? -12.552 -1.028  -7.665  1.00 0.00 ? 127 PRO A CA   1 
ATOM 1499 C C    . PRO A 1 107 ? -11.362 -0.108  -7.918  1.00 0.00 ? 127 PRO A C    1 
ATOM 1500 O O    . PRO A 1 107 ? -10.250 -0.556  -8.212  1.00 0.00 ? 127 PRO A O    1 
ATOM 1501 C CB   . PRO A 1 107 ? -12.121 -2.365  -7.066  1.00 0.00 ? 127 PRO A CB   1 
ATOM 1502 C CG   . PRO A 1 107 ? -11.995 -3.282  -8.233  1.00 0.00 ? 127 PRO A CG   1 
ATOM 1503 C CD   . PRO A 1 107 ? -13.038 -2.838  -9.221  1.00 0.00 ? 127 PRO A CD   1 
ATOM 1504 H HA   . PRO A 1 107 ? -13.242 -0.535  -6.995  1.00 0.00 ? 127 PRO A HA   1 
ATOM 1505 H HB2  . PRO A 1 107 ? -11.181 -2.246  -6.550  1.00 0.00 ? 127 PRO A HB2  1 
ATOM 1506 H HB3  . PRO A 1 107 ? -12.880 -2.708  -6.381  1.00 0.00 ? 127 PRO A HB3  1 
ATOM 1507 H HG2  . PRO A 1 107 ? -11.009 -3.194  -8.666  1.00 0.00 ? 127 PRO A HG2  1 
ATOM 1508 H HG3  . PRO A 1 107 ? -12.182 -4.299  -7.924  1.00 0.00 ? 127 PRO A HG3  1 
ATOM 1509 H HD2  . PRO A 1 107 ? -12.684 -2.974  -10.232 1.00 0.00 ? 127 PRO A HD2  1 
ATOM 1510 H HD3  . PRO A 1 107 ? -13.960 -3.380  -9.067  1.00 0.00 ? 127 PRO A HD3  1 
ATOM 1511 N N    . LYS A 1 108 ? -11.616 1.183   -7.818  1.00 0.00 ? 128 LYS A N    1 
ATOM 1512 C CA   . LYS A 1 108 ? -10.640 2.184   -8.191  1.00 0.00 ? 128 LYS A CA   1 
ATOM 1513 C C    . LYS A 1 108 ? -10.405 3.164   -7.047  1.00 0.00 ? 128 LYS A C    1 
ATOM 1514 O O    . LYS A 1 108 ? -11.351 3.632   -6.411  1.00 0.00 ? 128 LYS A O    1 
ATOM 1515 C CB   . LYS A 1 108 ? -11.132 2.922   -9.438  1.00 0.00 ? 128 LYS A CB   1 
ATOM 1516 C CG   . LYS A 1 108 ? -10.070 3.758   -10.131 1.00 0.00 ? 128 LYS A CG   1 
ATOM 1517 C CD   . LYS A 1 108 ? -10.630 4.458   -11.360 1.00 0.00 ? 128 LYS A CD   1 
ATOM 1518 C CE   . LYS A 1 108 ? -11.221 3.470   -12.357 1.00 0.00 ? 128 LYS A CE   1 
ATOM 1519 N NZ   . LYS A 1 108 ? -10.191 2.569   -12.942 1.00 0.00 ? 128 LYS A NZ   1 
ATOM 1520 H H    . LYS A 1 108 ? -12.497 1.473   -7.485  1.00 0.00 ? 128 LYS A H    1 
ATOM 1521 H HA   . LYS A 1 108 ? -9.713  1.680   -8.420  1.00 0.00 ? 128 LYS A HA   1 
ATOM 1522 H HB2  . LYS A 1 108 ? -11.501 2.195   -10.146 1.00 0.00 ? 128 LYS A HB2  1 
ATOM 1523 H HB3  . LYS A 1 108 ? -11.943 3.575   -9.152  1.00 0.00 ? 128 LYS A HB3  1 
ATOM 1524 H HG2  . LYS A 1 108 ? -9.703  4.502   -9.439  1.00 0.00 ? 128 LYS A HG2  1 
ATOM 1525 H HG3  . LYS A 1 108 ? -9.257  3.114   -10.433 1.00 0.00 ? 128 LYS A HG3  1 
ATOM 1526 H HD2  . LYS A 1 108 ? -11.403 5.143   -11.050 1.00 0.00 ? 128 LYS A HD2  1 
ATOM 1527 H HD3  . LYS A 1 108 ? -9.834  5.007   -11.842 1.00 0.00 ? 128 LYS A HD3  1 
ATOM 1528 H HE2  . LYS A 1 108 ? -11.961 2.869   -11.851 1.00 0.00 ? 128 LYS A HE2  1 
ATOM 1529 H HE3  . LYS A 1 108 ? -11.694 4.025   -13.154 1.00 0.00 ? 128 LYS A HE3  1 
ATOM 1530 H HZ1  . LYS A 1 108 ? -9.438  3.133   -13.397 1.00 0.00 ? 128 LYS A HZ1  1 
ATOM 1531 H HZ2  . LYS A 1 108 ? -9.766  1.974   -12.203 1.00 0.00 ? 128 LYS A HZ2  1 
ATOM 1532 H HZ3  . LYS A 1 108 ? -10.625 1.947   -13.660 1.00 0.00 ? 128 LYS A HZ3  1 
ATOM 1533 N N    . VAL A 1 109 ? -9.142  3.459   -6.794  1.00 0.00 ? 129 VAL A N    1 
ATOM 1534 C CA   . VAL A 1 109 ? -8.756  4.372   -5.739  1.00 0.00 ? 129 VAL A CA   1 
ATOM 1535 C C    . VAL A 1 109 ? -7.945  5.537   -6.302  1.00 0.00 ? 129 VAL A C    1 
ATOM 1536 O O    . VAL A 1 109 ? -6.855  5.349   -6.829  1.00 0.00 ? 129 VAL A O    1 
ATOM 1537 C CB   . VAL A 1 109 ? -7.948  3.653   -4.639  1.00 0.00 ? 129 VAL A CB   1 
ATOM 1538 C CG1  . VAL A 1 109 ? -7.386  4.652   -3.638  1.00 0.00 ? 129 VAL A CG1  1 
ATOM 1539 C CG2  . VAL A 1 109 ? -8.821  2.633   -3.928  1.00 0.00 ? 129 VAL A CG2  1 
ATOM 1540 H H    . VAL A 1 109 ? -8.437  3.045   -7.344  1.00 0.00 ? 129 VAL A H    1 
ATOM 1541 H HA   . VAL A 1 109 ? -9.660  4.761   -5.292  1.00 0.00 ? 129 VAL A HA   1 
ATOM 1542 H HB   . VAL A 1 109 ? -7.125  3.129   -5.107  1.00 0.00 ? 129 VAL A HB   1 
ATOM 1543 H HG11 . VAL A 1 109 ? -6.746  5.354   -4.152  1.00 0.00 ? 129 VAL A HG11 1 
ATOM 1544 H HG12 . VAL A 1 109 ? -8.200  5.185   -3.166  1.00 0.00 ? 129 VAL A HG12 1 
ATOM 1545 H HG13 . VAL A 1 109 ? -6.816  4.125   -2.887  1.00 0.00 ? 129 VAL A HG13 1 
ATOM 1546 H HG21 . VAL A 1 109 ? -9.202  1.921   -4.646  1.00 0.00 ? 129 VAL A HG21 1 
ATOM 1547 H HG22 . VAL A 1 109 ? -8.233  2.114   -3.184  1.00 0.00 ? 129 VAL A HG22 1 
ATOM 1548 H HG23 . VAL A 1 109 ? -9.646  3.138   -3.448  1.00 0.00 ? 129 VAL A HG23 1 
ATOM 1549 N N    . ASN A 1 110 ? -8.519  6.732   -6.215  1.00 0.00 ? 130 ASN A N    1 
ATOM 1550 C CA   . ASN A 1 110 ? -7.872  7.974   -6.667  1.00 0.00 ? 130 ASN A CA   1 
ATOM 1551 C C    . ASN A 1 110 ? -7.545  7.935   -8.163  1.00 0.00 ? 130 ASN A C    1 
ATOM 1552 O O    . ASN A 1 110 ? -6.790  8.763   -8.667  1.00 0.00 ? 130 ASN A O    1 
ATOM 1553 C CB   . ASN A 1 110 ? -6.590  8.247   -5.868  1.00 0.00 ? 130 ASN A CB   1 
ATOM 1554 C CG   . ASN A 1 110 ? -6.153  9.700   -5.953  1.00 0.00 ? 130 ASN A CG   1 
ATOM 1555 O OD1  . ASN A 1 110 ? -6.986  10.607  -5.990  1.00 0.00 ? 130 ASN A OD1  1 
ATOM 1556 N ND2  . ASN A 1 110 ? -4.851  9.932   -6.005  1.00 0.00 ? 130 ASN A ND2  1 
ATOM 1557 H H    . ASN A 1 110 ? -9.413  6.785   -5.818  1.00 0.00 ? 130 ASN A H    1 
ATOM 1558 H HA   . ASN A 1 110 ? -8.567  8.783   -6.492  1.00 0.00 ? 130 ASN A HA   1 
ATOM 1559 H HB2  . ASN A 1 110 ? -6.761  8.002   -4.832  1.00 0.00 ? 130 ASN A HB2  1 
ATOM 1560 H HB3  . ASN A 1 110 ? -5.793  7.627   -6.256  1.00 0.00 ? 130 ASN A HB3  1 
ATOM 1561 H HD21 . ASN A 1 110 ? -4.240  9.164   -5.996  1.00 0.00 ? 130 ASN A HD21 1 
ATOM 1562 H HD22 . ASN A 1 110 ? -4.548  10.864  -6.055  1.00 0.00 ? 130 ASN A HD22 1 
ATOM 1563 N N    . GLY A 1 111 ? -8.133  6.991   -8.878  1.00 0.00 ? 131 GLY A N    1 
ATOM 1564 C CA   . GLY A 1 111 ? -7.853  6.863   -10.293 1.00 0.00 ? 131 GLY A CA   1 
ATOM 1565 C C    . GLY A 1 111 ? -6.882  5.736   -10.594 1.00 0.00 ? 131 GLY A C    1 
ATOM 1566 O O    . GLY A 1 111 ? -6.357  5.643   -11.702 1.00 0.00 ? 131 GLY A O    1 
ATOM 1567 H H    . GLY A 1 111 ? -8.761  6.379   -8.444  1.00 0.00 ? 131 GLY A H    1 
ATOM 1568 H HA2  . GLY A 1 111 ? -8.779  6.675   -10.817 1.00 0.00 ? 131 GLY A HA2  1 
ATOM 1569 H HA3  . GLY A 1 111 ? -7.431  7.791   -10.651 1.00 0.00 ? 131 GLY A HA3  1 
ATOM 1570 N N    . VAL A 1 112 ? -6.636  4.884   -9.608  1.00 0.00 ? 132 VAL A N    1 
ATOM 1571 C CA   . VAL A 1 112 ? -5.817  3.690   -9.819  1.00 0.00 ? 132 VAL A CA   1 
ATOM 1572 C C    . VAL A 1 112 ? -6.620  2.469   -9.391  1.00 0.00 ? 132 VAL A C    1 
ATOM 1573 O O    . VAL A 1 112 ? -7.427  2.558   -8.475  1.00 0.00 ? 132 VAL A O    1 
ATOM 1574 C CB   . VAL A 1 112 ? -4.471  3.743   -9.047  1.00 0.00 ? 132 VAL A CB   1 
ATOM 1575 C CG1  . VAL A 1 112 ? -4.655  3.446   -7.567  1.00 0.00 ? 132 VAL A CG1  1 
ATOM 1576 C CG2  . VAL A 1 112 ? -3.462  2.788   -9.669  1.00 0.00 ? 132 VAL A CG2  1 
ATOM 1577 H H    . VAL A 1 112 ? -7.022  5.057   -8.714  1.00 0.00 ? 132 VAL A H    1 
ATOM 1578 H HA   . VAL A 1 112 ? -5.605  3.616   -10.877 1.00 0.00 ? 132 VAL A HA   1 
ATOM 1579 H HB   . VAL A 1 112 ? -4.078  4.745   -9.133  1.00 0.00 ? 132 VAL A HB   1 
ATOM 1580 H HG11 . VAL A 1 112 ? -5.094  2.467   -7.449  1.00 0.00 ? 132 VAL A HG11 1 
ATOM 1581 H HG12 . VAL A 1 112 ? -3.695  3.474   -7.071  1.00 0.00 ? 132 VAL A HG12 1 
ATOM 1582 H HG13 . VAL A 1 112 ? -5.306  4.189   -7.129  1.00 0.00 ? 132 VAL A HG13 1 
ATOM 1583 H HG21 . VAL A 1 112 ? -3.863  1.786   -9.659  1.00 0.00 ? 132 VAL A HG21 1 
ATOM 1584 H HG22 . VAL A 1 112 ? -3.262  3.086   -10.688 1.00 0.00 ? 132 VAL A HG22 1 
ATOM 1585 H HG23 . VAL A 1 112 ? -2.544  2.813   -9.101  1.00 0.00 ? 132 VAL A HG23 1 
ATOM 1586 N N    . SER A 1 113 ? -6.436  1.342   -10.045 1.00 0.00 ? 133 SER A N    1 
ATOM 1587 C CA   . SER A 1 113 ? -7.299  0.204   -9.795  1.00 0.00 ? 133 SER A CA   1 
ATOM 1588 C C    . SER A 1 113 ? -6.680  -0.785  -8.820  1.00 0.00 ? 133 SER A C    1 
ATOM 1589 O O    . SER A 1 113 ? -5.469  -1.033  -8.829  1.00 0.00 ? 133 SER A O    1 
ATOM 1590 C CB   . SER A 1 113 ? -7.639  -0.496  -11.109 1.00 0.00 ? 133 SER A CB   1 
ATOM 1591 O OG   . SER A 1 113 ? -8.101  0.439   -12.075 1.00 0.00 ? 133 SER A OG   1 
ATOM 1592 H H    . SER A 1 113 ? -5.710  1.265   -10.709 1.00 0.00 ? 133 SER A H    1 
ATOM 1593 H HA   . SER A 1 113 ? -8.212  0.581   -9.355  1.00 0.00 ? 133 SER A HA   1 
ATOM 1594 H HB2  . SER A 1 113 ? -6.754  -0.986  -11.492 1.00 0.00 ? 133 SER A HB2  1 
ATOM 1595 H HB3  . SER A 1 113 ? -8.411  -1.234  -10.936 1.00 0.00 ? 133 SER A HB3  1 
ATOM 1596 H HG   . SER A 1 113 ? -7.338  0.832   -12.523 1.00 0.00 ? 133 SER A HG   1 
ATOM 1597 N N    . ILE A 1 114 ? -7.531  -1.320  -7.962  1.00 0.00 ? 134 ILE A N    1 
ATOM 1598 C CA   . ILE A 1 114 ? -7.169  -2.430  -7.110  1.00 0.00 ? 134 ILE A CA   1 
ATOM 1599 C C    . ILE A 1 114 ? -7.613  -3.706  -7.811  1.00 0.00 ? 134 ILE A C    1 
ATOM 1600 O O    . ILE A 1 114 ? -8.653  -4.278  -7.493  1.00 0.00 ? 134 ILE A O    1 
ATOM 1601 C CB   . ILE A 1 114 ? -7.835  -2.324  -5.716  1.00 0.00 ? 134 ILE A CB   1 
ATOM 1602 C CG1  . ILE A 1 114 ? -7.652  -0.919  -5.144  1.00 0.00 ? 134 ILE A CG1  1 
ATOM 1603 C CG2  . ILE A 1 114 ? -7.256  -3.352  -4.754  1.00 0.00 ? 134 ILE A CG2  1 
ATOM 1604 C CD1  . ILE A 1 114 ? -8.283  -0.742  -3.780  1.00 0.00 ? 134 ILE A CD1  1 
ATOM 1605 H H    . ILE A 1 114 ? -8.446  -0.959  -7.909  1.00 0.00 ? 134 ILE A H    1 
ATOM 1606 H HA   . ILE A 1 114 ? -6.095  -2.438  -6.991  1.00 0.00 ? 134 ILE A HA   1 
ATOM 1607 H HB   . ILE A 1 114 ? -8.890  -2.524  -5.828  1.00 0.00 ? 134 ILE A HB   1 
ATOM 1608 H HG12 . ILE A 1 114 ? -6.598  -0.708  -5.053  1.00 0.00 ? 134 ILE A HG12 1 
ATOM 1609 H HG13 . ILE A 1 114 ? -8.103  -0.203  -5.815  1.00 0.00 ? 134 ILE A HG13 1 
ATOM 1610 H HG21 . ILE A 1 114 ? -6.182  -3.237  -4.712  1.00 0.00 ? 134 ILE A HG21 1 
ATOM 1611 H HG22 . ILE A 1 114 ? -7.669  -3.192  -3.767  1.00 0.00 ? 134 ILE A HG22 1 
ATOM 1612 H HG23 . ILE A 1 114 ? -7.503  -4.348  -5.092  1.00 0.00 ? 134 ILE A HG23 1 
ATOM 1613 H HD11 . ILE A 1 114 ? -9.341  -0.950  -3.846  1.00 0.00 ? 134 ILE A HD11 1 
ATOM 1614 H HD12 . ILE A 1 114 ? -7.823  -1.422  -3.079  1.00 0.00 ? 134 ILE A HD12 1 
ATOM 1615 H HD13 . ILE A 1 114 ? -8.137  0.274   -3.447  1.00 0.00 ? 134 ILE A HD13 1 
ATOM 1616 N N    . SER A 1 115 ? -6.833  -4.109  -8.811  1.00 0.00 ? 135 SER A N    1 
ATOM 1617 C CA   . SER A 1 115 ? -7.212  -5.191  -9.712  1.00 0.00 ? 135 SER A CA   1 
ATOM 1618 C C    . SER A 1 115 ? -7.326  -6.518  -8.974  1.00 0.00 ? 135 SER A C    1 
ATOM 1619 O O    . SER A 1 115 ? -8.070  -7.413  -9.382  1.00 0.00 ? 135 SER A O    1 
ATOM 1620 C CB   . SER A 1 115 ? -6.196  -5.285  -10.845 1.00 0.00 ? 135 SER A CB   1 
ATOM 1621 O OG   . SER A 1 115 ? -4.942  -4.775  -10.429 1.00 0.00 ? 135 SER A OG   1 
ATOM 1622 H H    . SER A 1 115 ? -5.968  -3.670  -8.945  1.00 0.00 ? 135 SER A H    1 
ATOM 1623 H HA   . SER A 1 115 ? -8.177  -4.942  -10.133 1.00 0.00 ? 135 SER A HA   1 
ATOM 1624 H HB2  . SER A 1 115 ? -6.075  -6.318  -11.135 1.00 0.00 ? 135 SER A HB2  1 
ATOM 1625 H HB3  . SER A 1 115 ? -6.545  -4.709  -11.690 1.00 0.00 ? 135 SER A HB3  1 
ATOM 1626 H HG   . SER A 1 115 ? -4.851  -3.859  -10.741 1.00 0.00 ? 135 SER A HG   1 
ATOM 1627 N N    . GLN A 1 116 ? -6.578  -6.642  -7.893  1.00 0.00 ? 136 GLN A N    1 
ATOM 1628 C CA   . GLN A 1 116 ? -6.717  -7.777  -7.006  1.00 0.00 ? 136 GLN A CA   1 
ATOM 1629 C C    . GLN A 1 116 ? -7.297  -7.304  -5.680  1.00 0.00 ? 136 GLN A C    1 
ATOM 1630 O O    . GLN A 1 116 ? -6.559  -6.969  -4.747  1.00 0.00 ? 136 GLN A O    1 
ATOM 1631 C CB   . GLN A 1 116 ? -5.379  -8.492  -6.788  1.00 0.00 ? 136 GLN A CB   1 
ATOM 1632 C CG   . GLN A 1 116 ? -4.863  -9.233  -8.017  1.00 0.00 ? 136 GLN A CG   1 
ATOM 1633 C CD   . GLN A 1 116 ? -4.339  -8.308  -9.102  1.00 0.00 ? 136 GLN A CD   1 
ATOM 1634 O OE1  . GLN A 1 116 ? -3.803  -7.235  -8.819  1.00 0.00 ? 136 GLN A OE1  1 
ATOM 1635 N NE2  . GLN A 1 116 ? -4.491  -8.716  -10.352 1.00 0.00 ? 136 GLN A NE2  1 
ATOM 1636 H H    . GLN A 1 116 ? -5.915  -5.950  -7.686  1.00 0.00 ? 136 GLN A H    1 
ATOM 1637 H HA   . GLN A 1 116 ? -7.414  -8.465  -7.461  1.00 0.00 ? 136 GLN A HA   1 
ATOM 1638 H HB2  . GLN A 1 116 ? -4.638  -7.760  -6.501  1.00 0.00 ? 136 GLN A HB2  1 
ATOM 1639 H HB3  . GLN A 1 116 ? -5.494  -9.206  -5.986  1.00 0.00 ? 136 GLN A HB3  1 
ATOM 1640 H HG2  . GLN A 1 116 ? -4.062  -9.889  -7.712  1.00 0.00 ? 136 GLN A HG2  1 
ATOM 1641 H HG3  . GLN A 1 116 ? -5.670  -9.822  -8.429  1.00 0.00 ? 136 GLN A HG3  1 
ATOM 1642 H HE21 . GLN A 1 116 ? -4.927  -9.583  -10.507 1.00 0.00 ? 136 GLN A HE21 1 
ATOM 1643 H HE22 . GLN A 1 116 ? -4.164  -8.139  -11.072 1.00 0.00 ? 136 GLN A HE22 1 
ATOM 1644 N N    . PRO A 1 117 ? -8.633  -7.225  -5.597  1.00 0.00 ? 137 PRO A N    1 
ATOM 1645 C CA   . PRO A 1 117 ? -9.327  -6.697  -4.427  1.00 0.00 ? 137 PRO A CA   1 
ATOM 1646 C C    . PRO A 1 117 ? -9.239  -7.618  -3.225  1.00 0.00 ? 137 PRO A C    1 
ATOM 1647 O O    . PRO A 1 117 ? -10.126 -8.436  -2.982  1.00 0.00 ? 137 PRO A O    1 
ATOM 1648 C CB   . PRO A 1 117 ? -10.783 -6.559  -4.883  1.00 0.00 ? 137 PRO A CB   1 
ATOM 1649 C CG   . PRO A 1 117 ? -10.742 -6.710  -6.366  1.00 0.00 ? 137 PRO A CG   1 
ATOM 1650 C CD   . PRO A 1 117 ? -9.586  -7.625  -6.638  1.00 0.00 ? 137 PRO A CD   1 
ATOM 1651 H HA   . PRO A 1 117 ? -8.946  -5.724  -4.155  1.00 0.00 ? 137 PRO A HA   1 
ATOM 1652 H HB2  . PRO A 1 117 ? -11.376 -7.335  -4.422  1.00 0.00 ? 137 PRO A HB2  1 
ATOM 1653 H HB3  . PRO A 1 117 ? -11.161 -5.591  -4.596  1.00 0.00 ? 137 PRO A HB3  1 
ATOM 1654 H HG2  . PRO A 1 117 ? -11.664 -7.147  -6.720  1.00 0.00 ? 137 PRO A HG2  1 
ATOM 1655 H HG3  . PRO A 1 117 ? -10.576 -5.748  -6.828  1.00 0.00 ? 137 PRO A HG3  1 
ATOM 1656 H HD2  . PRO A 1 117 ? -9.879  -8.658  -6.526  1.00 0.00 ? 137 PRO A HD2  1 
ATOM 1657 H HD3  . PRO A 1 117 ? -9.182  -7.446  -7.625  1.00 0.00 ? 137 PRO A HD3  1 
ATOM 1658 N N    . ASP A 1 118 ? -8.140  -7.509  -2.506  1.00 0.00 ? 138 ASP A N    1 
ATOM 1659 C CA   . ASP A 1 118 ? -7.995  -8.191  -1.235  1.00 0.00 ? 138 ASP A CA   1 
ATOM 1660 C C    . ASP A 1 118 ? -8.500  -7.256  -0.141  1.00 0.00 ? 138 ASP A C    1 
ATOM 1661 O O    . ASP A 1 118 ? -9.223  -6.303  -0.448  1.00 0.00 ? 138 ASP A O    1 
ATOM 1662 C CB   . ASP A 1 118 ? -6.537  -8.580  -1.014  1.00 0.00 ? 138 ASP A CB   1 
ATOM 1663 C CG   . ASP A 1 118 ? -6.390  -9.757  -0.069  1.00 0.00 ? 138 ASP A CG   1 
ATOM 1664 O OD1  . ASP A 1 118 ? -6.411  -9.545  1.159   1.00 0.00 ? 138 ASP A OD1  1 
ATOM 1665 O OD2  . ASP A 1 118 ? -6.265  -10.904 -0.554  1.00 0.00 ? 138 ASP A OD2  1 
ATOM 1666 H H    . ASP A 1 118 ? -7.402  -6.962  -2.846  1.00 0.00 ? 138 ASP A H    1 
ATOM 1667 H HA   . ASP A 1 118 ? -8.610  -9.080  -1.256  1.00 0.00 ? 138 ASP A HA   1 
ATOM 1668 H HB2  . ASP A 1 118 ? -6.100  -8.847  -1.965  1.00 0.00 ? 138 ASP A HB2  1 
ATOM 1669 H HB3  . ASP A 1 118 ? -6.005  -7.736  -0.600  1.00 0.00 ? 138 ASP A HB3  1 
ATOM 1670 N N    . VAL A 1 119 ? -8.097  -7.468  1.110   1.00 0.00 ? 139 VAL A N    1 
ATOM 1671 C CA   . VAL A 1 119 ? -8.661  -6.700  2.218   1.00 0.00 ? 139 VAL A CA   1 
ATOM 1672 C C    . VAL A 1 119 ? -8.158  -7.185  3.574   1.00 0.00 ? 139 VAL A C    1 
ATOM 1673 O O    . VAL A 1 119 ? -7.664  -6.397  4.374   1.00 0.00 ? 139 VAL A O    1 
ATOM 1674 C CB   . VAL A 1 119 ? -10.219 -6.706  2.200   1.00 0.00 ? 139 VAL A CB   1 
ATOM 1675 C CG1  . VAL A 1 119 ? -10.783 -8.122  2.260   1.00 0.00 ? 139 VAL A CG1  1 
ATOM 1676 C CG2  . VAL A 1 119 ? -10.778 -5.856  3.335   1.00 0.00 ? 139 VAL A CG2  1 
ATOM 1677 H H    . VAL A 1 119 ? -7.344  -8.091  1.283   1.00 0.00 ? 139 VAL A H    1 
ATOM 1678 H HA   . VAL A 1 119 ? -8.339  -5.680  2.091   1.00 0.00 ? 139 VAL A HA   1 
ATOM 1679 H HB   . VAL A 1 119 ? -10.541 -6.265  1.268   1.00 0.00 ? 139 VAL A HB   1 
ATOM 1680 H HG11 . VAL A 1 119 ? -10.431 -8.610  3.156   1.00 0.00 ? 139 VAL A HG11 1 
ATOM 1681 H HG12 . VAL A 1 119 ? -11.863 -8.080  2.272   1.00 0.00 ? 139 VAL A HG12 1 
ATOM 1682 H HG13 . VAL A 1 119 ? -10.454 -8.676  1.394   1.00 0.00 ? 139 VAL A HG13 1 
ATOM 1683 H HG21 . VAL A 1 119 ? -10.414 -6.232  4.279   1.00 0.00 ? 139 VAL A HG21 1 
ATOM 1684 H HG22 . VAL A 1 119 ? -10.459 -4.832  3.207   1.00 0.00 ? 139 VAL A HG22 1 
ATOM 1685 H HG23 . VAL A 1 119 ? -11.857 -5.901  3.320   1.00 0.00 ? 139 VAL A HG23 1 
ATOM 1686 N N    . ASP A 1 120 ? -8.233  -8.474  3.818   1.00 0.00 ? 140 ASP A N    1 
ATOM 1687 C CA   . ASP A 1 120 ? -8.059  -8.990  5.166   1.00 0.00 ? 140 ASP A CA   1 
ATOM 1688 C C    . ASP A 1 120 ? -6.601  -9.324  5.467   1.00 0.00 ? 140 ASP A C    1 
ATOM 1689 O O    . ASP A 1 120 ? -6.120  -10.413 5.144   1.00 0.00 ? 140 ASP A O    1 
ATOM 1690 C CB   . ASP A 1 120 ? -8.947  -10.220 5.367   1.00 0.00 ? 140 ASP A CB   1 
ATOM 1691 C CG   . ASP A 1 120 ? -9.055  -10.638 6.820   1.00 0.00 ? 140 ASP A CG   1 
ATOM 1692 O OD1  . ASP A 1 120 ? -9.913  -10.083 7.542   1.00 0.00 ? 140 ASP A OD1  1 
ATOM 1693 O OD2  . ASP A 1 120 ? -8.298  -11.534 7.246   1.00 0.00 ? 140 ASP A OD2  1 
ATOM 1694 H H    . ASP A 1 120 ? -8.398  -9.097  3.079   1.00 0.00 ? 140 ASP A H    1 
ATOM 1695 H HA   . ASP A 1 120 ? -8.379  -8.221  5.853   1.00 0.00 ? 140 ASP A HA   1 
ATOM 1696 H HB2  . ASP A 1 120 ? -9.940  -9.998  5.001   1.00 0.00 ? 140 ASP A HB2  1 
ATOM 1697 H HB3  . ASP A 1 120 ? -8.538  -11.044 4.803   1.00 0.00 ? 140 ASP A HB3  1 
ATOM 1698 N N    . ALA A 1 121 ? -5.885  -8.367  6.052   1.00 0.00 ? 141 ALA A N    1 
ATOM 1699 C CA   . ALA A 1 121 ? -4.530  -8.623  6.522   1.00 0.00 ? 141 ALA A CA   1 
ATOM 1700 C C    . ALA A 1 121 ? -4.563  -9.126  7.962   1.00 0.00 ? 141 ALA A C    1 
ATOM 1701 O O    . ALA A 1 121 ? -5.629  -9.189  8.575   1.00 0.00 ? 141 ALA A O    1 
ATOM 1702 C CB   . ALA A 1 121 ? -3.668  -7.377  6.394   1.00 0.00 ? 141 ALA A CB   1 
ATOM 1703 H H    . ALA A 1 121 ? -6.276  -7.463  6.166   1.00 0.00 ? 141 ALA A H    1 
ATOM 1704 H HA   . ALA A 1 121 ? -4.104  -9.393  5.895   1.00 0.00 ? 141 ALA A HA   1 
ATOM 1705 H HB1  . ALA A 1 121 ? -3.671  -7.040  5.369   1.00 0.00 ? 141 ALA A HB1  1 
ATOM 1706 H HB2  . ALA A 1 121 ? -4.063  -6.599  7.032   1.00 0.00 ? 141 ALA A HB2  1 
ATOM 1707 H HB3  . ALA A 1 121 ? -2.656  -7.608  6.694   1.00 0.00 ? 141 ALA A HB3  1 
ATOM 1708 N N    . SER A 1 122 ? -3.406  -9.471  8.509   1.00 0.00 ? 142 SER A N    1 
ATOM 1709 C CA   . SER A 1 122 ? -3.349  -10.088 9.829   1.00 0.00 ? 142 SER A CA   1 
ATOM 1710 C C    . SER A 1 122 ? -3.503  -9.033  10.919  1.00 0.00 ? 142 SER A C    1 
ATOM 1711 O O    . SER A 1 122 ? -4.187  -9.251  11.918  1.00 0.00 ? 142 SER A O    1 
ATOM 1712 C CB   . SER A 1 122 ? -2.028  -10.842 10.000  1.00 0.00 ? 142 SER A CB   1 
ATOM 1713 O OG   . SER A 1 122 ? -2.041  -11.687 11.141  1.00 0.00 ? 142 SER A OG   1 
ATOM 1714 H H    . SER A 1 122 ? -2.561  -9.285  8.026   1.00 0.00 ? 142 SER A H    1 
ATOM 1715 H HA   . SER A 1 122 ? -4.168  -10.788 9.903   1.00 0.00 ? 142 SER A HA   1 
ATOM 1716 H HB2  . SER A 1 122 ? -1.849  -11.448 9.126   1.00 0.00 ? 142 SER A HB2  1 
ATOM 1717 H HB3  . SER A 1 122 ? -1.226  -10.127 10.108  1.00 0.00 ? 142 SER A HB3  1 
ATOM 1718 H HG   . SER A 1 122 ? -2.879  -11.582 11.616  1.00 0.00 ? 142 SER A HG   1 
ATOM 1719 N N    . ASN A 1 123 ? -2.870  -7.887  10.721  1.00 0.00 ? 143 ASN A N    1 
ATOM 1720 C CA   . ASN A 1 123 ? -2.957  -6.801  11.683  1.00 0.00 ? 143 ASN A CA   1 
ATOM 1721 C C    . ASN A 1 123 ? -3.808  -5.682  11.111  1.00 0.00 ? 143 ASN A C    1 
ATOM 1722 O O    . ASN A 1 123 ? -4.543  -5.010  11.836  1.00 0.00 ? 143 ASN A O    1 
ATOM 1723 C CB   . ASN A 1 123 ? -1.562  -6.265  12.037  1.00 0.00 ? 143 ASN A CB   1 
ATOM 1724 C CG   . ASN A 1 123 ? -1.567  -5.428  13.301  1.00 0.00 ? 143 ASN A CG   1 
ATOM 1725 O OD1  . ASN A 1 123 ? -2.354  -5.668  14.218  1.00 0.00 ? 143 ASN A OD1  1 
ATOM 1726 N ND2  . ASN A 1 123 ? -0.692  -4.433  13.358  1.00 0.00 ? 143 ASN A ND2  1 
ATOM 1727 H H    . ASN A 1 123 ? -2.335  -7.762  9.899   1.00 0.00 ? 143 ASN A H    1 
ATOM 1728 H HA   . ASN A 1 123 ? -3.429  -7.183  12.576  1.00 0.00 ? 143 ASN A HA   1 
ATOM 1729 H HB2  . ASN A 1 123 ? -0.886  -7.092  12.176  1.00 0.00 ? 143 ASN A HB2  1 
ATOM 1730 H HB3  . ASN A 1 123 ? -1.207  -5.645  11.225  1.00 0.00 ? 143 ASN A HB3  1 
ATOM 1731 H HD21 . ASN A 1 123 ? -0.102  -4.287  12.588  1.00 0.00 ? 143 ASN A HD21 1 
ATOM 1732 H HD22 . ASN A 1 123 ? -0.683  -3.869  14.160  1.00 0.00 ? 143 ASN A HD22 1 
ATOM 1733 N N    . GLY A 1 124 ? -3.724  -5.502  9.800   1.00 0.00 ? 144 GLY A N    1 
ATOM 1734 C CA   . GLY A 1 124 ? -4.439  -4.423  9.166   1.00 0.00 ? 144 GLY A CA   1 
ATOM 1735 C C    . GLY A 1 124 ? -5.238  -4.856  7.960   1.00 0.00 ? 144 GLY A C    1 
ATOM 1736 O O    . GLY A 1 124 ? -5.982  -5.837  8.011   1.00 0.00 ? 144 GLY A O    1 
ATOM 1737 H H    . GLY A 1 124 ? -3.171  -6.109  9.263   1.00 0.00 ? 144 GLY A H    1 
ATOM 1738 H HA2  . GLY A 1 124 ? -5.114  -3.984  9.886   1.00 0.00 ? 144 GLY A HA2  1 
ATOM 1739 H HA3  . GLY A 1 124 ? -3.726  -3.677  8.854   1.00 0.00 ? 144 GLY A HA3  1 
ATOM 1740 N N    . VAL A 1 125 ? -5.071  -4.123  6.871   1.00 0.00 ? 145 VAL A N    1 
ATOM 1741 C CA   . VAL A 1 125 ? -5.843  -4.337  5.660   1.00 0.00 ? 145 VAL A CA   1 
ATOM 1742 C C    . VAL A 1 125 ? -4.930  -4.293  4.433   1.00 0.00 ? 145 VAL A C    1 
ATOM 1743 O O    . VAL A 1 125 ? -4.077  -3.413  4.313   1.00 0.00 ? 145 VAL A O    1 
ATOM 1744 C CB   . VAL A 1 125 ? -6.945  -3.263  5.524   1.00 0.00 ? 145 VAL A CB   1 
ATOM 1745 C CG1  . VAL A 1 125 ? -7.710  -3.407  4.223   1.00 0.00 ? 145 VAL A CG1  1 
ATOM 1746 C CG2  . VAL A 1 125 ? -7.899  -3.307  6.708   1.00 0.00 ? 145 VAL A CG2  1 
ATOM 1747 H H    . VAL A 1 125 ? -4.387  -3.412  6.880   1.00 0.00 ? 145 VAL A H    1 
ATOM 1748 H HA   . VAL A 1 125 ? -6.313  -5.308  5.723   1.00 0.00 ? 145 VAL A HA   1 
ATOM 1749 H HB   . VAL A 1 125 ? -6.464  -2.306  5.522   1.00 0.00 ? 145 VAL A HB   1 
ATOM 1750 H HG11 . VAL A 1 125 ? -7.029  -3.306  3.392   1.00 0.00 ? 145 VAL A HG11 1 
ATOM 1751 H HG12 . VAL A 1 125 ? -8.179  -4.380  4.188   1.00 0.00 ? 145 VAL A HG12 1 
ATOM 1752 H HG13 . VAL A 1 125 ? -8.467  -2.640  4.164   1.00 0.00 ? 145 VAL A HG13 1 
ATOM 1753 H HG21 . VAL A 1 125 ? -7.346  -3.138  7.622   1.00 0.00 ? 145 VAL A HG21 1 
ATOM 1754 H HG22 . VAL A 1 125 ? -8.650  -2.539  6.593   1.00 0.00 ? 145 VAL A HG22 1 
ATOM 1755 H HG23 . VAL A 1 125 ? -8.376  -4.275  6.749   1.00 0.00 ? 145 VAL A HG23 1 
ATOM 1756 N N    . ILE A 1 126 ? -5.125  -5.240  3.527   1.00 0.00 ? 146 ILE A N    1 
ATOM 1757 C CA   . ILE A 1 126 ? -4.273  -5.378  2.349   1.00 0.00 ? 146 ILE A CA   1 
ATOM 1758 C C    . ILE A 1 126 ? -5.066  -5.191  1.055   1.00 0.00 ? 146 ILE A C    1 
ATOM 1759 O O    . ILE A 1 126 ? -6.115  -5.795  0.867   1.00 0.00 ? 146 ILE A O    1 
ATOM 1760 C CB   . ILE A 1 126 ? -3.574  -6.765  2.350   1.00 0.00 ? 146 ILE A CB   1 
ATOM 1761 C CG1  . ILE A 1 126 ? -2.987  -7.116  0.979   1.00 0.00 ? 146 ILE A CG1  1 
ATOM 1762 C CG2  . ILE A 1 126 ? -4.534  -7.851  2.800   1.00 0.00 ? 146 ILE A CG2  1 
ATOM 1763 C CD1  . ILE A 1 126 ? -1.889  -6.183  0.527   1.00 0.00 ? 146 ILE A CD1  1 
ATOM 1764 H H    . ILE A 1 126 ? -5.870  -5.871  3.653   1.00 0.00 ? 146 ILE A H    1 
ATOM 1765 H HA   . ILE A 1 126 ? -3.508  -4.615  2.399   1.00 0.00 ? 146 ILE A HA   1 
ATOM 1766 H HB   . ILE A 1 126 ? -2.776  -6.727  3.070   1.00 0.00 ? 146 ILE A HB   1 
ATOM 1767 H HG12 . ILE A 1 126 ? -2.577  -8.114  1.015   1.00 0.00 ? 146 ILE A HG12 1 
ATOM 1768 H HG13 . ILE A 1 126 ? -3.775  -7.085  0.240   1.00 0.00 ? 146 ILE A HG13 1 
ATOM 1769 H HG21 . ILE A 1 126 ? -4.885  -7.631  3.799   1.00 0.00 ? 146 ILE A HG21 1 
ATOM 1770 H HG22 . ILE A 1 126 ? -5.374  -7.892  2.123   1.00 0.00 ? 146 ILE A HG22 1 
ATOM 1771 H HG23 . ILE A 1 126 ? -4.024  -8.804  2.798   1.00 0.00 ? 146 ILE A HG23 1 
ATOM 1772 H HD11 . ILE A 1 126 ? -2.280  -5.179  0.465   1.00 0.00 ? 146 ILE A HD11 1 
ATOM 1773 H HD12 . ILE A 1 126 ? -1.078  -6.212  1.238   1.00 0.00 ? 146 ILE A HD12 1 
ATOM 1774 H HD13 . ILE A 1 126 ? -1.534  -6.493  -0.443  1.00 0.00 ? 146 ILE A HD13 1 
ATOM 1775 N N    . HIS A 1 127 ? -4.562  -4.329  0.175   1.00 0.00 ? 147 HIS A N    1 
ATOM 1776 C CA   . HIS A 1 127 ? -5.145  -4.142  -1.152  1.00 0.00 ? 147 HIS A CA   1 
ATOM 1777 C C    . HIS A 1 127 ? -4.035  -4.067  -2.188  1.00 0.00 ? 147 HIS A C    1 
ATOM 1778 O O    . HIS A 1 127 ? -3.099  -3.287  -2.024  1.00 0.00 ? 147 HIS A O    1 
ATOM 1779 C CB   . HIS A 1 127 ? -5.984  -2.857  -1.227  1.00 0.00 ? 147 HIS A CB   1 
ATOM 1780 C CG   . HIS A 1 127 ? -7.120  -2.789  -0.254  1.00 0.00 ? 147 HIS A CG   1 
ATOM 1781 N ND1  . HIS A 1 127 ? -8.280  -3.525  -0.383  1.00 0.00 ? 147 HIS A ND1  1 
ATOM 1782 C CD2  . HIS A 1 127 ? -7.276  -2.046  0.867   1.00 0.00 ? 147 HIS A CD2  1 
ATOM 1783 C CE1  . HIS A 1 127 ? -9.095  -3.235  0.611   1.00 0.00 ? 147 HIS A CE1  1 
ATOM 1784 N NE2  . HIS A 1 127 ? -8.511  -2.339  1.385   1.00 0.00 ? 147 HIS A NE2  1 
ATOM 1785 H H    . HIS A 1 127 ? -3.764  -3.812  0.421   1.00 0.00 ? 147 HIS A H    1 
ATOM 1786 H HA   . HIS A 1 127 ? -5.772  -4.991  -1.367  1.00 0.00 ? 147 HIS A HA   1 
ATOM 1787 H HB2  . HIS A 1 127 ? -5.341  -2.011  -1.036  1.00 0.00 ? 147 HIS A HB2  1 
ATOM 1788 H HB3  . HIS A 1 127 ? -6.394  -2.768  -2.224  1.00 0.00 ? 147 HIS A HB3  1 
ATOM 1789 H HD1  . HIS A 1 127 ? -8.475  -4.182  -1.089  1.00 0.00 ? 147 HIS A HD1  1 
ATOM 1790 H HD2  . HIS A 1 127 ? -6.558  -1.350  1.278   1.00 0.00 ? 147 HIS A HD2  1 
ATOM 1791 H HE1  . HIS A 1 127 ? -10.077 -3.660  0.768   1.00 0.00 ? 147 HIS A HE1  1 
ATOM 1792 H HE2  . HIS A 1 127 ? -8.816  -2.093  2.284   1.00 0.00 ? 147 HIS A HE2  1 
ATOM 1793 N N    . VAL A 1 128 ? -4.128  -4.869  -3.244  1.00 0.00 ? 148 VAL A N    1 
ATOM 1794 C CA   . VAL A 1 128 ? -3.122  -4.823  -4.296  1.00 0.00 ? 148 VAL A CA   1 
ATOM 1795 C C    . VAL A 1 128 ? -3.509  -3.847  -5.382  1.00 0.00 ? 148 VAL A C    1 
ATOM 1796 O O    . VAL A 1 128 ? -4.514  -4.021  -6.073  1.00 0.00 ? 148 VAL A O    1 
ATOM 1797 C CB   . VAL A 1 128 ? -2.859  -6.181  -4.967  1.00 0.00 ? 148 VAL A CB   1 
ATOM 1798 C CG1  . VAL A 1 128 ? -1.827  -6.011  -6.085  1.00 0.00 ? 148 VAL A CG1  1 
ATOM 1799 C CG2  . VAL A 1 128 ? -2.390  -7.207  -3.947  1.00 0.00 ? 148 VAL A CG2  1 
ATOM 1800 H H    . VAL A 1 128 ? -4.879  -5.492  -3.322  1.00 0.00 ? 148 VAL A H    1 
ATOM 1801 H HA   . VAL A 1 128 ? -2.198  -4.488  -3.847  1.00 0.00 ? 148 VAL A HA   1 
ATOM 1802 H HB   . VAL A 1 128 ? -3.784  -6.529  -5.408  1.00 0.00 ? 148 VAL A HB   1 
ATOM 1803 H HG11 . VAL A 1 128 ? -2.197  -5.306  -6.826  1.00 0.00 ? 148 VAL A HG11 1 
ATOM 1804 H HG12 . VAL A 1 128 ? -0.903  -5.629  -5.670  1.00 0.00 ? 148 VAL A HG12 1 
ATOM 1805 H HG13 . VAL A 1 128 ? -1.643  -6.964  -6.558  1.00 0.00 ? 148 VAL A HG13 1 
ATOM 1806 H HG21 . VAL A 1 128 ? -3.130  -7.306  -3.168  1.00 0.00 ? 148 VAL A HG21 1 
ATOM 1807 H HG22 . VAL A 1 128 ? -2.250  -8.161  -4.434  1.00 0.00 ? 148 VAL A HG22 1 
ATOM 1808 H HG23 . VAL A 1 128 ? -1.454  -6.883  -3.515  1.00 0.00 ? 148 VAL A HG23 1 
ATOM 1809 N N    . ILE A 1 129 ? -2.700  -2.829  -5.530  1.00 0.00 ? 149 ILE A N    1 
ATOM 1810 C CA   . ILE A 1 129 ? -2.842  -1.908  -6.628  1.00 0.00 ? 149 ILE A CA   1 
ATOM 1811 C C    . ILE A 1 129 ? -2.040  -2.409  -7.823  1.00 0.00 ? 149 ILE A C    1 
ATOM 1812 O O    . ILE A 1 129 ? -1.071  -3.180  -7.665  1.00 0.00 ? 149 ILE A O    1 
ATOM 1813 C CB   . ILE A 1 129 ? -2.374  -0.494  -6.233  1.00 0.00 ? 149 ILE A CB   1 
ATOM 1814 C CG1  . ILE A 1 129 ? -1.034  -0.571  -5.491  1.00 0.00 ? 149 ILE A CG1  1 
ATOM 1815 C CG2  . ILE A 1 129 ? -3.434  0.190   -5.378  1.00 0.00 ? 149 ILE A CG2  1 
ATOM 1816 C CD1  . ILE A 1 129 ? -0.476  0.771   -5.069  1.00 0.00 ? 149 ILE A CD1  1 
ATOM 1817 H H    . ILE A 1 129 ? -1.976  -2.698  -4.885  1.00 0.00 ? 149 ILE A H    1 
ATOM 1818 H HA   . ILE A 1 129 ? -3.887  -1.864  -6.897  1.00 0.00 ? 149 ILE A HA   1 
ATOM 1819 H HB   . ILE A 1 129 ? -2.246  0.085   -7.135  1.00 0.00 ? 149 ILE A HB   1 
ATOM 1820 H HG12 . ILE A 1 129 ? -1.161  -1.167  -4.600  1.00 0.00 ? 149 ILE A HG12 1 
ATOM 1821 H HG13 . ILE A 1 129 ? -0.306  -1.048  -6.131  1.00 0.00 ? 149 ILE A HG13 1 
ATOM 1822 H HG21 . ILE A 1 129 ? -4.358  0.258   -5.935  1.00 0.00 ? 149 ILE A HG21 1 
ATOM 1823 H HG22 . ILE A 1 129 ? -3.598  -0.384  -4.479  1.00 0.00 ? 149 ILE A HG22 1 
ATOM 1824 H HG23 . ILE A 1 129 ? -3.100  1.183   -5.116  1.00 0.00 ? 149 ILE A HG23 1 
ATOM 1825 H HD11 . ILE A 1 129 ? -1.180  1.264   -4.415  1.00 0.00 ? 149 ILE A HD11 1 
ATOM 1826 H HD12 . ILE A 1 129 ? 0.458   0.623   -4.546  1.00 0.00 ? 149 ILE A HD12 1 
ATOM 1827 H HD13 . ILE A 1 129 ? -0.308  1.382   -5.944  1.00 0.00 ? 149 ILE A HD13 1 
ATOM 1828 N N    . ASP A 1 130 ? -2.472  -2.020  -9.015  1.00 0.00 ? 150 ASP A N    1 
ATOM 1829 C CA   . ASP A 1 130 ? -1.735  -2.337  -10.229 1.00 0.00 ? 150 ASP A CA   1 
ATOM 1830 C C    . ASP A 1 130 ? -0.959  -1.115  -10.699 1.00 0.00 ? 150 ASP A C    1 
ATOM 1831 O O    . ASP A 1 130 ? -0.331  -1.122  -11.759 1.00 0.00 ? 150 ASP A O    1 
ATOM 1832 C CB   . ASP A 1 130 ? -2.660  -2.837  -11.351 1.00 0.00 ? 150 ASP A CB   1 
ATOM 1833 C CG   . ASP A 1 130 ? -3.803  -1.898  -11.694 1.00 0.00 ? 150 ASP A CG   1 
ATOM 1834 O OD1  . ASP A 1 130 ? -3.548  -0.751  -12.110 1.00 0.00 ? 150 ASP A OD1  1 
ATOM 1835 O OD2  . ASP A 1 130 ? -4.968  -2.327  -11.572 1.00 0.00 ? 150 ASP A OD2  1 
ATOM 1836 H H    . ASP A 1 130 ? -3.313  -1.511  -9.081  1.00 0.00 ? 150 ASP A H    1 
ATOM 1837 H HA   . ASP A 1 130 ? -1.034  -3.125  -9.975  1.00 0.00 ? 150 ASP A HA   1 
ATOM 1838 H HB2  . ASP A 1 130 ? -2.076  -2.984  -12.245 1.00 0.00 ? 150 ASP A HB2  1 
ATOM 1839 H HB3  . ASP A 1 130 ? -3.084  -3.784  -11.051 1.00 0.00 ? 150 ASP A HB3  1 
ATOM 1840 N N    . GLY A 1 131 ? -0.999  -0.078  -9.882  1.00 0.00 ? 151 GLY A N    1 
ATOM 1841 C CA   . GLY A 1 131 ? -0.340  1.166   -10.214 1.00 0.00 ? 151 GLY A CA   1 
ATOM 1842 C C    . GLY A 1 131 ? 0.207   1.846   -8.981  1.00 0.00 ? 151 GLY A C    1 
ATOM 1843 O O    . GLY A 1 131 ? 0.392   1.202   -7.952  1.00 0.00 ? 151 GLY A O    1 
ATOM 1844 H H    . GLY A 1 131 ? -1.470  -0.164  -9.029  1.00 0.00 ? 151 GLY A H    1 
ATOM 1845 H HA2  . GLY A 1 131 ? 0.473   0.963   -10.897 1.00 0.00 ? 151 GLY A HA2  1 
ATOM 1846 H HA3  . GLY A 1 131 ? -1.049  1.824   -10.694 1.00 0.00 ? 151 GLY A HA3  1 
ATOM 1847 N N    . VAL A 1 132 ? 0.465   3.141   -9.076  1.00 0.00 ? 152 VAL A N    1 
ATOM 1848 C CA   . VAL A 1 132 ? 1.019   3.890   -7.954  1.00 0.00 ? 152 VAL A CA   1 
ATOM 1849 C C    . VAL A 1 132 ? 0.150   5.106   -7.615  1.00 0.00 ? 152 VAL A C    1 
ATOM 1850 O O    . VAL A 1 132 ? -0.394  5.759   -8.509  1.00 0.00 ? 152 VAL A O    1 
ATOM 1851 C CB   . VAL A 1 132 ? 2.475   4.338   -8.243  1.00 0.00 ? 152 VAL A CB   1 
ATOM 1852 C CG1  . VAL A 1 132 ? 3.390   3.125   -8.394  1.00 0.00 ? 152 VAL A CG1  1 
ATOM 1853 C CG2  . VAL A 1 132 ? 2.543   5.206   -9.493  1.00 0.00 ? 152 VAL A CG2  1 
ATOM 1854 H H    . VAL A 1 132 ? 0.265   3.612   -9.917  1.00 0.00 ? 152 VAL A H    1 
ATOM 1855 H HA   . VAL A 1 132 ? 1.034   3.230   -7.098  1.00 0.00 ? 152 VAL A HA   1 
ATOM 1856 H HB   . VAL A 1 132 ? 2.823   4.922   -7.403  1.00 0.00 ? 152 VAL A HB   1 
ATOM 1857 H HG11 . VAL A 1 132 ? 3.036   2.505   -9.207  1.00 0.00 ? 152 VAL A HG11 1 
ATOM 1858 H HG12 . VAL A 1 132 ? 4.394   3.456   -8.608  1.00 0.00 ? 152 VAL A HG12 1 
ATOM 1859 H HG13 . VAL A 1 132 ? 3.386   2.552   -7.479  1.00 0.00 ? 152 VAL A HG13 1 
ATOM 1860 H HG21 . VAL A 1 132 ? 2.170   4.648   -10.339 1.00 0.00 ? 152 VAL A HG21 1 
ATOM 1861 H HG22 . VAL A 1 132 ? 1.943   6.093   -9.351  1.00 0.00 ? 152 VAL A HG22 1 
ATOM 1862 H HG23 . VAL A 1 132 ? 3.568   5.492   -9.677  1.00 0.00 ? 152 VAL A HG23 1 
ATOM 1863 N N    . LEU A 1 133 ? 0.012   5.396   -6.324  1.00 0.00 ? 153 LEU A N    1 
ATOM 1864 C CA   . LEU A 1 133 ? -0.754  6.558   -5.872  1.00 0.00 ? 153 LEU A CA   1 
ATOM 1865 C C    . LEU A 1 133 ? -0.134  7.160   -4.616  1.00 0.00 ? 153 LEU A C    1 
ATOM 1866 O O    . LEU A 1 133 ? -0.412  6.728   -3.499  1.00 0.00 ? 153 LEU A O    1 
ATOM 1867 C CB   . LEU A 1 133 ? -2.235  6.220   -5.612  1.00 0.00 ? 153 LEU A CB   1 
ATOM 1868 C CG   . LEU A 1 133 ? -2.526  5.148   -4.550  1.00 0.00 ? 153 LEU A CG   1 
ATOM 1869 C CD1  . LEU A 1 133 ? -3.990  5.193   -4.158  1.00 0.00 ? 153 LEU A CD1  1 
ATOM 1870 C CD2  . LEU A 1 133 ? -2.173  3.760   -5.055  1.00 0.00 ? 153 LEU A CD2  1 
ATOM 1871 H H    . LEU A 1 133 ? 0.439   4.820   -5.656  1.00 0.00 ? 153 LEU A H    1 
ATOM 1872 H HA   . LEU A 1 133 ? -0.705  7.297   -6.659  1.00 0.00 ? 153 LEU A HA   1 
ATOM 1873 H HB2  . LEU A 1 133 ? -2.725  7.131   -5.301  1.00 0.00 ? 153 LEU A HB2  1 
ATOM 1874 H HB3  . LEU A 1 133 ? -2.675  5.898   -6.545  1.00 0.00 ? 153 LEU A HB3  1 
ATOM 1875 H HG   . LEU A 1 133 ? -1.936  5.350   -3.668  1.00 0.00 ? 153 LEU A HG   1 
ATOM 1876 H HD11 . LEU A 1 133 ? -4.234  6.178   -3.787  1.00 0.00 ? 153 LEU A HD11 1 
ATOM 1877 H HD12 . LEU A 1 133 ? -4.601  4.972   -5.022  1.00 0.00 ? 153 LEU A HD12 1 
ATOM 1878 H HD13 . LEU A 1 133 ? -4.179  4.461   -3.386  1.00 0.00 ? 153 LEU A HD13 1 
ATOM 1879 H HD21 . LEU A 1 133 ? -1.138  3.743   -5.363  1.00 0.00 ? 153 LEU A HD21 1 
ATOM 1880 H HD22 . LEU A 1 133 ? -2.326  3.038   -4.266  1.00 0.00 ? 153 LEU A HD22 1 
ATOM 1881 H HD23 . LEU A 1 133 ? -2.803  3.514   -5.898  1.00 0.00 ? 153 LEU A HD23 1 
ATOM 1882 N N    . MET A 1 134 ? 0.716   8.153   -4.816  1.00 0.00 ? 154 MET A N    1 
ATOM 1883 C CA   . MET A 1 134 ? 1.439   8.805   -3.729  1.00 0.00 ? 154 MET A CA   1 
ATOM 1884 C C    . MET A 1 134 ? 1.875   10.200  -4.202  1.00 0.00 ? 154 MET A C    1 
ATOM 1885 O O    . MET A 1 134 ? 1.699   10.504  -5.385  1.00 0.00 ? 154 MET A O    1 
ATOM 1886 C CB   . MET A 1 134 ? 2.620   7.916   -3.297  1.00 0.00 ? 154 MET A CB   1 
ATOM 1887 C CG   . MET A 1 134 ? 2.219   6.827   -2.298  1.00 0.00 ? 154 MET A CG   1 
ATOM 1888 S SD   . MET A 1 134 ? 3.190   5.311   -2.459  1.00 0.00 ? 154 MET A SD   1 
ATOM 1889 C CE   . MET A 1 134 ? 4.844   5.918   -2.146  1.00 0.00 ? 154 MET A CE   1 
ATOM 1890 H H    . MET A 1 134 ? 0.860   8.475   -5.731  1.00 0.00 ? 154 MET A H    1 
ATOM 1891 H HA   . MET A 1 134 ? 0.757   8.919   -2.899  1.00 0.00 ? 154 MET A HA   1 
ATOM 1892 H HB2  . MET A 1 134 ? 3.036   7.438   -4.171  1.00 0.00 ? 154 MET A HB2  1 
ATOM 1893 H HB3  . MET A 1 134 ? 3.377   8.535   -2.838  1.00 0.00 ? 154 MET A HB3  1 
ATOM 1894 H HG2  . MET A 1 134 ? 2.352   7.213   -1.299  1.00 0.00 ? 154 MET A HG2  1 
ATOM 1895 H HG3  . MET A 1 134 ? 1.170   6.585   -2.445  1.00 0.00 ? 154 MET A HG3  1 
ATOM 1896 H HE1  . MET A 1 134 ? 5.093   6.678   -2.874  1.00 0.00 ? 154 MET A HE1  1 
ATOM 1897 H HE2  . MET A 1 134 ? 4.893   6.340   -1.152  1.00 0.00 ? 154 MET A HE2  1 
ATOM 1898 H HE3  . MET A 1 134 ? 5.548   5.102   -2.224  1.00 0.00 ? 154 MET A HE3  1 
ATOM 1899 N N    . PRO A 1 135 ? 2.439   11.070  -3.318  1.00 0.00 ? 155 PRO A N    1 
ATOM 1900 C CA   . PRO A 1 135 ? 2.676   12.491  -3.646  1.00 0.00 ? 155 PRO A CA   1 
ATOM 1901 C C    . PRO A 1 135 ? 3.398   12.663  -4.976  1.00 0.00 ? 155 PRO A C    1 
ATOM 1902 O O    . PRO A 1 135 ? 2.847   13.205  -5.934  1.00 0.00 ? 155 PRO A O    1 
ATOM 1903 C CB   . PRO A 1 135 ? 3.553   12.990  -2.497  1.00 0.00 ? 155 PRO A CB   1 
ATOM 1904 C CG   . PRO A 1 135 ? 3.256   12.077  -1.361  1.00 0.00 ? 155 PRO A CG   1 
ATOM 1905 C CD   . PRO A 1 135 ? 2.941   10.737  -1.970  1.00 0.00 ? 155 PRO A CD   1 
ATOM 1906 H HA   . PRO A 1 135 ? 1.752   13.050  -3.666  1.00 0.00 ? 155 PRO A HA   1 
ATOM 1907 H HB2  . PRO A 1 135 ? 4.592   12.938  -2.787  1.00 0.00 ? 155 PRO A HB2  1 
ATOM 1908 H HB3  . PRO A 1 135 ? 3.290   14.010  -2.259  1.00 0.00 ? 155 PRO A HB3  1 
ATOM 1909 H HG2  . PRO A 1 135 ? 4.128   12.002  -0.717  1.00 0.00 ? 155 PRO A HG2  1 
ATOM 1910 H HG3  . PRO A 1 135 ? 2.410   12.447  -0.804  1.00 0.00 ? 155 PRO A HG3  1 
ATOM 1911 H HD2  . PRO A 1 135 ? 3.837   10.132  -2.037  1.00 0.00 ? 155 PRO A HD2  1 
ATOM 1912 H HD3  . PRO A 1 135 ? 2.183   10.228  -1.392  1.00 0.00 ? 155 PRO A HD3  1 
ATOM 1913 N N    . GLY A 1 136 ? 4.629   12.197  -5.016  1.00 0.00 ? 156 GLY A N    1 
ATOM 1914 C CA   . GLY A 1 136 ? 5.358   12.100  -6.258  1.00 0.00 ? 156 GLY A CA   1 
ATOM 1915 C C    . GLY A 1 136 ? 5.857   10.691  -6.423  1.00 0.00 ? 156 GLY A C    1 
ATOM 1916 O O    . GLY A 1 136 ? 5.674   10.057  -7.463  1.00 0.00 ? 156 GLY A O    1 
ATOM 1917 H H    . GLY A 1 136 ? 5.053   11.899  -4.183  1.00 0.00 ? 156 GLY A H    1 
ATOM 1918 H HA2  . GLY A 1 136 ? 4.703   12.355  -7.080  1.00 0.00 ? 156 GLY A HA2  1 
ATOM 1919 H HA3  . GLY A 1 136 ? 6.199   12.777  -6.238  1.00 0.00 ? 156 GLY A HA3  1 
ATOM 1920 N N    . ALA A 1 137 ? 6.476   10.210  -5.362  1.00 0.00 ? 157 ALA A N    1 
ATOM 1921 C CA   . ALA A 1 137 ? 6.829   8.816   -5.219  1.00 0.00 ? 157 ALA A CA   1 
ATOM 1922 C C    . ALA A 1 137 ? 6.808   8.470   -3.740  1.00 0.00 ? 157 ALA A C    1 
ATOM 1923 O O    . ALA A 1 137 ? 7.866   8.097   -3.197  1.00 0.00 ? 157 ALA A O    1 
ATOM 1924 C CB   . ALA A 1 137 ? 8.196   8.542   -5.817  1.00 0.00 ? 157 ALA A CB   1 
ATOM 1925 O OXT  . ALA A 1 137 ? 5.751   8.670   -3.114  1.00 0.00 ? 157 ALA A OXT  1 
ATOM 1926 H H    . ALA A 1 137 ? 6.707   10.824  -4.633  1.00 0.00 ? 157 ALA A H    1 
ATOM 1927 H HA   . ALA A 1 137 ? 6.092   8.220   -5.738  1.00 0.00 ? 157 ALA A HA   1 
ATOM 1928 H HB1  . ALA A 1 137 ? 8.942   9.096   -5.267  1.00 0.00 ? 157 ALA A HB1  1 
ATOM 1929 H HB2  . ALA A 1 137 ? 8.203   8.852   -6.851  1.00 0.00 ? 157 ALA A HB2  1 
ATOM 1930 H HB3  . ALA A 1 137 ? 8.411   7.486   -5.753  1.00 0.00 ? 157 ALA A HB3  1 
# 
